data_4Z59
# 
_entry.id   4Z59 
# 
_audit_conform.dict_name       mmcif_pdbx.dic 
_audit_conform.dict_version    5.379 
_audit_conform.dict_location   http://mmcif.pdb.org/dictionaries/ascii/mmcif_pdbx.dic 
# 
loop_
_database_2.database_id 
_database_2.database_code 
_database_2.pdbx_database_accession 
_database_2.pdbx_DOI 
PDB   4Z59         pdb_00004z59 10.2210/pdb4z59/pdb 
WWPDB D_1000208608 ?            ?                   
# 
loop_
_pdbx_database_related.content_type 
_pdbx_database_related.db_id 
_pdbx_database_related.db_name 
_pdbx_database_related.details 
unspecified 4Z5A PDB . 
unspecified 4Z5B PDB . 
unspecified 4Z5C PDB . 
unspecified 4Z5D PDB . 
unspecified 4Z5E PDB . 
unspecified 4Z5F PDB . 
unspecified 4Z5G PDB . 
unspecified 4Z5H PDB . 
unspecified 4Z5I PDB . 
unspecified 4Z5J PDB . 
unspecified 4Z5K PDB . 
unspecified 4Z5L PDB . 
unspecified 4Z5M PDB . 
unspecified 4Z5N PDB . 
unspecified 4Z5O PDB . 
unspecified 4Z52 PDB . 
unspecified 4Z56 PDB . 
unspecified 4Z57 PDB . 
unspecified 4Z58 PDB . 
# 
_pdbx_database_status.status_code                     REL 
_pdbx_database_status.status_code_sf                  REL 
_pdbx_database_status.status_code_mr                  ? 
_pdbx_database_status.entry_id                        4Z59 
_pdbx_database_status.recvd_initial_deposition_date   2015-04-02 
_pdbx_database_status.SG_entry                        N 
_pdbx_database_status.deposit_site                    RCSB 
_pdbx_database_status.process_site                    RCSB 
_pdbx_database_status.status_code_cs                  ? 
_pdbx_database_status.methods_development_category    ? 
_pdbx_database_status.pdb_format_compatible           Y 
_pdbx_database_status.status_code_nmr_data            ? 
# 
loop_
_audit_author.name 
_audit_author.pdbx_ordinal 
'Min, J.'          1 
'Brennan, R.G.'    2 
'Schumacher, M.A.' 3 
# 
_citation.abstract                  ? 
_citation.abstract_id_CAS           ? 
_citation.book_id_ISBN              ? 
_citation.book_publisher            ? 
_citation.book_publisher_city       ? 
_citation.book_title                ? 
_citation.coordinate_linkage        ? 
_citation.country                   ? 
_citation.database_id_Medline       ? 
_citation.details                   ? 
_citation.id                        primary 
_citation.journal_abbrev            'To be published' 
_citation.journal_id_ASTM           ? 
_citation.journal_id_CSD            0353 
_citation.journal_id_ISSN           ? 
_citation.journal_full              ? 
_citation.journal_issue             ? 
_citation.journal_volume            ? 
_citation.language                  ? 
_citation.page_first                ? 
_citation.page_last                 ? 
_citation.title                     'Molecular mechanism on hipBA gene regulation.' 
_citation.year                      ? 
_citation.database_id_CSD           ? 
_citation.pdbx_database_id_DOI      ? 
_citation.pdbx_database_id_PubMed   ? 
_citation.unpublished_flag          ? 
# 
loop_
_citation_author.citation_id 
_citation_author.name 
_citation_author.ordinal 
_citation_author.identifier_ORCID 
primary 'Min, J.'          1 ? 
primary 'Wang, A.'         2 ? 
primary 'Brennan, R.G.'    3 ? 
primary 'Schumacher, M.A.' 4 ? 
# 
_cell.angle_alpha                  90.000 
_cell.angle_alpha_esd              ? 
_cell.angle_beta                   90.000 
_cell.angle_beta_esd               ? 
_cell.angle_gamma                  90.000 
_cell.angle_gamma_esd              ? 
_cell.entry_id                     4Z59 
_cell.details                      ? 
_cell.formula_units_Z              ? 
_cell.length_a                     127.370 
_cell.length_a_esd                 ? 
_cell.length_b                     127.370 
_cell.length_b_esd                 ? 
_cell.length_c                     127.370 
_cell.length_c_esd                 ? 
_cell.volume                       ? 
_cell.volume_esd                   ? 
_cell.Z_PDB                        24 
_cell.reciprocal_angle_alpha       ? 
_cell.reciprocal_angle_beta        ? 
_cell.reciprocal_angle_gamma       ? 
_cell.reciprocal_angle_alpha_esd   ? 
_cell.reciprocal_angle_beta_esd    ? 
_cell.reciprocal_angle_gamma_esd   ? 
_cell.reciprocal_length_a          ? 
_cell.reciprocal_length_b          ? 
_cell.reciprocal_length_c          ? 
_cell.reciprocal_length_a_esd      ? 
_cell.reciprocal_length_b_esd      ? 
_cell.reciprocal_length_c_esd      ? 
_cell.pdbx_unique_axis             ? 
# 
_symmetry.entry_id                         4Z59 
_symmetry.cell_setting                     ? 
_symmetry.Int_Tables_number                213 
_symmetry.space_group_name_Hall            ? 
_symmetry.space_group_name_H-M             'P 41 3 2' 
_symmetry.pdbx_full_space_group_name_H-M   ? 
# 
loop_
_entity.id 
_entity.type 
_entity.src_method 
_entity.pdbx_description 
_entity.formula_weight 
_entity.pdbx_number_of_molecules 
_entity.pdbx_ec 
_entity.pdbx_mutation 
_entity.pdbx_fragment 
_entity.details 
1 polymer man 'Antitoxin HipB'                                                             8060.239 1   ? ? 'UNP residues 4-74' ? 
2 polymer syn 
;DNA (5'-D(*TP*TP*AP*TP*CP*CP*GP*CP*GP*AP*TP*CP*GP*CP*GP*GP*AP*TP*AP*A)-3')
;
6133.979 1   ? ? ?                   ? 
3 water   nat water                                                                        18.015   142 ? ? ?                   ? 
# 
_entity_name_com.entity_id   2 
_entity_name_com.name        'Operator 4 of hiBA operon' 
# 
loop_
_entity_poly.entity_id 
_entity_poly.type 
_entity_poly.nstd_linkage 
_entity_poly.nstd_monomer 
_entity_poly.pdbx_seq_one_letter_code 
_entity_poly.pdbx_seq_one_letter_code_can 
_entity_poly.pdbx_strand_id 
_entity_poly.pdbx_target_identifier 
1 'polypeptide(L)'        no no FQKIYSPTQLANAMKLVRQQNGWTQSELAKKIGIKQATISNFENNPDNTTLTTFFKILQSLELSMTLCDAK            
FQKIYSPTQLANAMKLVRQQNGWTQSELAKKIGIKQATISNFENNPDNTTLTTFFKILQSLELSMTLCDAK A ? 
2 polydeoxyribonucleotide no no '(DT)(DT)(DA)(DT)(DC)(DC)(DG)(DC)(DG)(DA)(DT)(DC)(DG)(DC)(DG)(DG)(DA)(DT)(DA)(DA)' 
TTATCCGCGATCGCGGATAA                                                    B ? 
# 
loop_
_entity_poly_seq.entity_id 
_entity_poly_seq.num 
_entity_poly_seq.mon_id 
_entity_poly_seq.hetero 
1 1  PHE n 
1 2  GLN n 
1 3  LYS n 
1 4  ILE n 
1 5  TYR n 
1 6  SER n 
1 7  PRO n 
1 8  THR n 
1 9  GLN n 
1 10 LEU n 
1 11 ALA n 
1 12 ASN n 
1 13 ALA n 
1 14 MET n 
1 15 LYS n 
1 16 LEU n 
1 17 VAL n 
1 18 ARG n 
1 19 GLN n 
1 20 GLN n 
1 21 ASN n 
1 22 GLY n 
1 23 TRP n 
1 24 THR n 
1 25 GLN n 
1 26 SER n 
1 27 GLU n 
1 28 LEU n 
1 29 ALA n 
1 30 LYS n 
1 31 LYS n 
1 32 ILE n 
1 33 GLY n 
1 34 ILE n 
1 35 LYS n 
1 36 GLN n 
1 37 ALA n 
1 38 THR n 
1 39 ILE n 
1 40 SER n 
1 41 ASN n 
1 42 PHE n 
1 43 GLU n 
1 44 ASN n 
1 45 ASN n 
1 46 PRO n 
1 47 ASP n 
1 48 ASN n 
1 49 THR n 
1 50 THR n 
1 51 LEU n 
1 52 THR n 
1 53 THR n 
1 54 PHE n 
1 55 PHE n 
1 56 LYS n 
1 57 ILE n 
1 58 LEU n 
1 59 GLN n 
1 60 SER n 
1 61 LEU n 
1 62 GLU n 
1 63 LEU n 
1 64 SER n 
1 65 MET n 
1 66 THR n 
1 67 LEU n 
1 68 CYS n 
1 69 ASP n 
1 70 ALA n 
1 71 LYS n 
2 1  DT  n 
2 2  DT  n 
2 3  DA  n 
2 4  DT  n 
2 5  DC  n 
2 6  DC  n 
2 7  DG  n 
2 8  DC  n 
2 9  DG  n 
2 10 DA  n 
2 11 DT  n 
2 12 DC  n 
2 13 DG  n 
2 14 DC  n 
2 15 DG  n 
2 16 DG  n 
2 17 DA  n 
2 18 DT  n 
2 19 DA  n 
2 20 DA  n 
# 
_entity_src_gen.entity_id                          1 
_entity_src_gen.pdbx_src_id                        1 
_entity_src_gen.pdbx_alt_source_flag               sample 
_entity_src_gen.pdbx_seq_type                      'Biological sequence' 
_entity_src_gen.pdbx_beg_seq_num                   1 
_entity_src_gen.pdbx_end_seq_num                   71 
_entity_src_gen.gene_src_common_name               ? 
_entity_src_gen.gene_src_genus                     ? 
_entity_src_gen.pdbx_gene_src_gene                 'hipB, b1508, JW1501' 
_entity_src_gen.gene_src_species                   ? 
_entity_src_gen.gene_src_strain                    K12 
_entity_src_gen.gene_src_tissue                    ? 
_entity_src_gen.gene_src_tissue_fraction           ? 
_entity_src_gen.gene_src_details                   ? 
_entity_src_gen.pdbx_gene_src_fragment             ? 
_entity_src_gen.pdbx_gene_src_scientific_name      'Escherichia coli' 
_entity_src_gen.pdbx_gene_src_ncbi_taxonomy_id     83333 
_entity_src_gen.pdbx_gene_src_variant              ? 
_entity_src_gen.pdbx_gene_src_cell_line            ? 
_entity_src_gen.pdbx_gene_src_atcc                 ? 
_entity_src_gen.pdbx_gene_src_organ                ? 
_entity_src_gen.pdbx_gene_src_organelle            ? 
_entity_src_gen.pdbx_gene_src_cell                 ? 
_entity_src_gen.pdbx_gene_src_cellular_location    ? 
_entity_src_gen.host_org_common_name               ? 
_entity_src_gen.pdbx_host_org_scientific_name      'Escherichia coli' 
_entity_src_gen.pdbx_host_org_ncbi_taxonomy_id     469008 
_entity_src_gen.host_org_genus                     ? 
_entity_src_gen.pdbx_host_org_gene                 ? 
_entity_src_gen.pdbx_host_org_organ                ? 
_entity_src_gen.host_org_species                   ? 
_entity_src_gen.pdbx_host_org_tissue               ? 
_entity_src_gen.pdbx_host_org_tissue_fraction      ? 
_entity_src_gen.pdbx_host_org_strain               'BL21(DE3)pLysS-T1' 
_entity_src_gen.pdbx_host_org_variant              ? 
_entity_src_gen.pdbx_host_org_cell_line            ? 
_entity_src_gen.pdbx_host_org_atcc                 ? 
_entity_src_gen.pdbx_host_org_culture_collection   ? 
_entity_src_gen.pdbx_host_org_cell                 ? 
_entity_src_gen.pdbx_host_org_organelle            ? 
_entity_src_gen.pdbx_host_org_cellular_location    ? 
_entity_src_gen.pdbx_host_org_vector_type          Plasmid 
_entity_src_gen.pdbx_host_org_vector               ? 
_entity_src_gen.host_org_details                   ? 
_entity_src_gen.expression_system_id               ? 
_entity_src_gen.plasmid_name                       pET15b 
_entity_src_gen.plasmid_details                    ? 
_entity_src_gen.pdbx_description                   ? 
# 
_pdbx_entity_src_syn.entity_id              2 
_pdbx_entity_src_syn.pdbx_src_id            1 
_pdbx_entity_src_syn.pdbx_alt_source_flag   sample 
_pdbx_entity_src_syn.pdbx_beg_seq_num       1 
_pdbx_entity_src_syn.pdbx_end_seq_num       20 
_pdbx_entity_src_syn.organism_scientific    'synthetic construct' 
_pdbx_entity_src_syn.organism_common_name   ? 
_pdbx_entity_src_syn.ncbi_taxonomy_id       32630 
_pdbx_entity_src_syn.details                ? 
# 
loop_
_struct_ref.id 
_struct_ref.db_name 
_struct_ref.db_code 
_struct_ref.pdbx_db_accession 
_struct_ref.pdbx_db_isoform 
_struct_ref.entity_id 
_struct_ref.pdbx_seq_one_letter_code 
_struct_ref.pdbx_align_begin 
1 UNP HIPB_ECOLI P23873 ? 1 FQKIYSPTQLANAMKLVRQQNGWTQSELAKKIGIKQATISNFENNPDNTTLTTFFKILQSLELSMTLCDAK 4 
2 PDB 4Z59       4Z59   ? 2 ?                                                                       1 
# 
loop_
_struct_ref_seq.align_id 
_struct_ref_seq.ref_id 
_struct_ref_seq.pdbx_PDB_id_code 
_struct_ref_seq.pdbx_strand_id 
_struct_ref_seq.seq_align_beg 
_struct_ref_seq.pdbx_seq_align_beg_ins_code 
_struct_ref_seq.seq_align_end 
_struct_ref_seq.pdbx_seq_align_end_ins_code 
_struct_ref_seq.pdbx_db_accession 
_struct_ref_seq.db_align_beg 
_struct_ref_seq.pdbx_db_align_beg_ins_code 
_struct_ref_seq.db_align_end 
_struct_ref_seq.pdbx_db_align_end_ins_code 
_struct_ref_seq.pdbx_auth_seq_align_beg 
_struct_ref_seq.pdbx_auth_seq_align_end 
1 1 4Z59 A 1 ? 71 ? P23873 4 ? 74 ? 4 74 
2 2 4Z59 B 1 ? 20 ? 4Z59   1 ? 20 ? 1 20 
# 
loop_
_chem_comp.id 
_chem_comp.type 
_chem_comp.mon_nstd_flag 
_chem_comp.name 
_chem_comp.pdbx_synonyms 
_chem_comp.formula 
_chem_comp.formula_weight 
ALA 'L-peptide linking' y ALANINE                              ? 'C3 H7 N O2'      89.093  
ARG 'L-peptide linking' y ARGININE                             ? 'C6 H15 N4 O2 1'  175.209 
ASN 'L-peptide linking' y ASPARAGINE                           ? 'C4 H8 N2 O3'     132.118 
ASP 'L-peptide linking' y 'ASPARTIC ACID'                      ? 'C4 H7 N O4'      133.103 
CYS 'L-peptide linking' y CYSTEINE                             ? 'C3 H7 N O2 S'    121.158 
DA  'DNA linking'       y "2'-DEOXYADENOSINE-5'-MONOPHOSPHATE" ? 'C10 H14 N5 O6 P' 331.222 
DC  'DNA linking'       y "2'-DEOXYCYTIDINE-5'-MONOPHOSPHATE"  ? 'C9 H14 N3 O7 P'  307.197 
DG  'DNA linking'       y "2'-DEOXYGUANOSINE-5'-MONOPHOSPHATE" ? 'C10 H14 N5 O7 P' 347.221 
DT  'DNA linking'       y "THYMIDINE-5'-MONOPHOSPHATE"         ? 'C10 H15 N2 O8 P' 322.208 
GLN 'L-peptide linking' y GLUTAMINE                            ? 'C5 H10 N2 O3'    146.144 
GLU 'L-peptide linking' y 'GLUTAMIC ACID'                      ? 'C5 H9 N O4'      147.129 
GLY 'peptide linking'   y GLYCINE                              ? 'C2 H5 N O2'      75.067  
HOH non-polymer         . WATER                                ? 'H2 O'            18.015  
ILE 'L-peptide linking' y ISOLEUCINE                           ? 'C6 H13 N O2'     131.173 
LEU 'L-peptide linking' y LEUCINE                              ? 'C6 H13 N O2'     131.173 
LYS 'L-peptide linking' y LYSINE                               ? 'C6 H15 N2 O2 1'  147.195 
MET 'L-peptide linking' y METHIONINE                           ? 'C5 H11 N O2 S'   149.211 
PHE 'L-peptide linking' y PHENYLALANINE                        ? 'C9 H11 N O2'     165.189 
PRO 'L-peptide linking' y PROLINE                              ? 'C5 H9 N O2'      115.130 
SER 'L-peptide linking' y SERINE                               ? 'C3 H7 N O3'      105.093 
THR 'L-peptide linking' y THREONINE                            ? 'C4 H9 N O3'      119.119 
TRP 'L-peptide linking' y TRYPTOPHAN                           ? 'C11 H12 N2 O2'   204.225 
TYR 'L-peptide linking' y TYROSINE                             ? 'C9 H11 N O3'     181.189 
VAL 'L-peptide linking' y VALINE                               ? 'C5 H11 N O2'     117.146 
# 
_exptl.absorpt_coefficient_mu     ? 
_exptl.absorpt_correction_T_max   ? 
_exptl.absorpt_correction_T_min   ? 
_exptl.absorpt_correction_type    ? 
_exptl.absorpt_process_details    ? 
_exptl.entry_id                   4Z59 
_exptl.crystals_number            1 
_exptl.details                    ? 
_exptl.method                     'X-RAY DIFFRACTION' 
_exptl.method_details             ? 
# 
_exptl_crystal.colour                      ? 
_exptl_crystal.density_diffrn              ? 
_exptl_crystal.density_Matthews            ? 
_exptl_crystal.density_method              ? 
_exptl_crystal.density_percent_sol         ? 
_exptl_crystal.description                 ? 
_exptl_crystal.F_000                       ? 
_exptl_crystal.id                          1 
_exptl_crystal.preparation                 ? 
_exptl_crystal.size_max                    ? 
_exptl_crystal.size_mid                    ? 
_exptl_crystal.size_min                    ? 
_exptl_crystal.size_rad                    ? 
_exptl_crystal.colour_lustre               ? 
_exptl_crystal.colour_modifier             ? 
_exptl_crystal.colour_primary              ? 
_exptl_crystal.density_meas                ? 
_exptl_crystal.density_meas_esd            ? 
_exptl_crystal.density_meas_gt             ? 
_exptl_crystal.density_meas_lt             ? 
_exptl_crystal.density_meas_temp           ? 
_exptl_crystal.density_meas_temp_esd       ? 
_exptl_crystal.density_meas_temp_gt        ? 
_exptl_crystal.density_meas_temp_lt        ? 
_exptl_crystal.pdbx_crystal_image_url      ? 
_exptl_crystal.pdbx_crystal_image_format   ? 
_exptl_crystal.pdbx_mosaicity              ? 
_exptl_crystal.pdbx_mosaicity_esd          ? 
# 
_exptl_crystal_grow.apparatus       ? 
_exptl_crystal_grow.atmosphere      ? 
_exptl_crystal_grow.crystal_id      1 
_exptl_crystal_grow.details         ? 
_exptl_crystal_grow.method          'VAPOR DIFFUSION, HANGING DROP' 
_exptl_crystal_grow.method_ref      ? 
_exptl_crystal_grow.pH              5.0 
_exptl_crystal_grow.pressure        ? 
_exptl_crystal_grow.pressure_esd    ? 
_exptl_crystal_grow.seeding         ? 
_exptl_crystal_grow.seeding_ref     ? 
_exptl_crystal_grow.temp            298 
_exptl_crystal_grow.temp_details    ? 
_exptl_crystal_grow.temp_esd        ? 
_exptl_crystal_grow.time            ? 
_exptl_crystal_grow.pdbx_details    '1 M sodium citrate' 
_exptl_crystal_grow.pdbx_pH_range   ? 
# 
_diffrn.ambient_environment    ? 
_diffrn.ambient_temp           100 
_diffrn.ambient_temp_details   ? 
_diffrn.ambient_temp_esd       ? 
_diffrn.crystal_id             1 
_diffrn.crystal_support        ? 
_diffrn.crystal_treatment      ? 
_diffrn.details                ? 
_diffrn.id                     1 
_diffrn.ambient_pressure       ? 
_diffrn.ambient_pressure_esd   ? 
_diffrn.ambient_pressure_gt    ? 
_diffrn.ambient_pressure_lt    ? 
_diffrn.ambient_temp_gt        ? 
_diffrn.ambient_temp_lt        ? 
# 
_diffrn_detector.details                      ? 
_diffrn_detector.detector                     'IMAGE PLATE' 
_diffrn_detector.diffrn_id                    1 
_diffrn_detector.type                         'RIGAKU RAXIS IV' 
_diffrn_detector.area_resol_mean              ? 
_diffrn_detector.dtime                        ? 
_diffrn_detector.pdbx_frames_total            ? 
_diffrn_detector.pdbx_collection_time_total   ? 
_diffrn_detector.pdbx_collection_date         2013-01-07 
# 
_diffrn_radiation.collimation                      ? 
_diffrn_radiation.diffrn_id                        1 
_diffrn_radiation.filter_edge                      ? 
_diffrn_radiation.inhomogeneity                    ? 
_diffrn_radiation.monochromator                    'Rigaku Varimax' 
_diffrn_radiation.polarisn_norm                    ? 
_diffrn_radiation.polarisn_ratio                   ? 
_diffrn_radiation.probe                            ? 
_diffrn_radiation.type                             ? 
_diffrn_radiation.xray_symbol                      ? 
_diffrn_radiation.wavelength_id                    1 
_diffrn_radiation.pdbx_monochromatic_or_laue_m_l   M 
_diffrn_radiation.pdbx_wavelength_list             ? 
_diffrn_radiation.pdbx_wavelength                  ? 
_diffrn_radiation.pdbx_diffrn_protocol             'SINGLE WAVELENGTH' 
_diffrn_radiation.pdbx_analyzer                    ? 
_diffrn_radiation.pdbx_scattering_type             x-ray 
# 
_diffrn_radiation_wavelength.id           1 
_diffrn_radiation_wavelength.wavelength   1.5418 
_diffrn_radiation_wavelength.wt           1.0 
# 
_diffrn_source.current                     ? 
_diffrn_source.details                     ? 
_diffrn_source.diffrn_id                   1 
_diffrn_source.power                       ? 
_diffrn_source.size                        ? 
_diffrn_source.source                      'ROTATING ANODE' 
_diffrn_source.target                      ? 
_diffrn_source.type                        'RIGAKU FR-E+ SUPERBRIGHT' 
_diffrn_source.voltage                     ? 
_diffrn_source.take-off_angle              ? 
_diffrn_source.pdbx_wavelength_list        1.5418 
_diffrn_source.pdbx_wavelength             ? 
_diffrn_source.pdbx_synchrotron_beamline   ? 
_diffrn_source.pdbx_synchrotron_site       ? 
# 
_reflns.B_iso_Wilson_estimate            19.380 
_reflns.entry_id                         4Z59 
_reflns.data_reduction_details           ? 
_reflns.data_reduction_method            ? 
_reflns.d_resolution_high                2.300 
_reflns.d_resolution_low                 50.000 
_reflns.details                          ? 
_reflns.limit_h_max                      ? 
_reflns.limit_h_min                      ? 
_reflns.limit_k_max                      ? 
_reflns.limit_k_min                      ? 
_reflns.limit_l_max                      ? 
_reflns.limit_l_min                      ? 
_reflns.number_all                       ? 
_reflns.number_obs                       16312 
_reflns.observed_criterion               ? 
_reflns.observed_criterion_F_max         ? 
_reflns.observed_criterion_F_min         ? 
_reflns.observed_criterion_I_max         ? 
_reflns.observed_criterion_I_min         ? 
_reflns.observed_criterion_sigma_F       ? 
_reflns.observed_criterion_sigma_I       ? 
_reflns.percent_possible_obs             100.000 
_reflns.R_free_details                   ? 
_reflns.Rmerge_F_all                     ? 
_reflns.Rmerge_F_obs                     ? 
_reflns.Friedel_coverage                 ? 
_reflns.number_gt                        ? 
_reflns.threshold_expression             ? 
_reflns.pdbx_redundancy                  19.100 
_reflns.pdbx_Rmerge_I_obs                0.075 
_reflns.pdbx_Rmerge_I_all                ? 
_reflns.pdbx_Rsym_value                  ? 
_reflns.pdbx_netI_over_av_sigmaI         43.152 
_reflns.pdbx_netI_over_sigmaI            11.500 
_reflns.pdbx_res_netI_over_av_sigmaI_2   ? 
_reflns.pdbx_res_netI_over_sigmaI_2      ? 
_reflns.pdbx_chi_squared                 1.009 
_reflns.pdbx_scaling_rejects             ? 
_reflns.pdbx_d_res_high_opt              ? 
_reflns.pdbx_d_res_low_opt               ? 
_reflns.pdbx_d_res_opt_method            ? 
_reflns.phase_calculation_details        ? 
_reflns.pdbx_Rrim_I_all                  ? 
_reflns.pdbx_Rpim_I_all                  ? 
_reflns.pdbx_d_opt                       ? 
_reflns.pdbx_number_measured_all         312178 
_reflns.pdbx_diffrn_id                   1 
_reflns.pdbx_ordinal                     1 
_reflns.pdbx_CC_half                     ? 
_reflns.pdbx_R_split                     ? 
# 
loop_
_reflns_shell.d_res_high 
_reflns_shell.d_res_low 
_reflns_shell.meanI_over_sigI_all 
_reflns_shell.meanI_over_sigI_obs 
_reflns_shell.number_measured_all 
_reflns_shell.number_measured_obs 
_reflns_shell.number_possible 
_reflns_shell.number_unique_all 
_reflns_shell.number_unique_obs 
_reflns_shell.percent_possible_all 
_reflns_shell.percent_possible_obs 
_reflns_shell.Rmerge_F_all 
_reflns_shell.Rmerge_F_obs 
_reflns_shell.Rmerge_I_all 
_reflns_shell.Rmerge_I_obs 
_reflns_shell.meanI_over_sigI_gt 
_reflns_shell.meanI_over_uI_all 
_reflns_shell.meanI_over_uI_gt 
_reflns_shell.number_measured_gt 
_reflns_shell.number_unique_gt 
_reflns_shell.percent_possible_gt 
_reflns_shell.Rmerge_F_gt 
_reflns_shell.Rmerge_I_gt 
_reflns_shell.pdbx_redundancy 
_reflns_shell.pdbx_Rsym_value 
_reflns_shell.pdbx_chi_squared 
_reflns_shell.pdbx_netI_over_sigmaI_all 
_reflns_shell.pdbx_netI_over_sigmaI_obs 
_reflns_shell.pdbx_Rrim_I_all 
_reflns_shell.pdbx_Rpim_I_all 
_reflns_shell.pdbx_rejects 
_reflns_shell.pdbx_ordinal 
_reflns_shell.pdbx_diffrn_id 
_reflns_shell.pdbx_CC_half 
_reflns_shell.pdbx_R_split 
2.300 2.340  ? ? ? ? ? 796 ? 100.000 ? ? ? ? 0.755 ? ? ? ? ? ? ? ? 16.400 ? 0.722 ? ? ? ? ? 1  1 ? ? 
2.340 2.380  ? ? ? ? ? 794 ? 100.000 ? ? ? ? 0.796 ? ? ? ? ? ? ? ? 16.500 ? 0.745 ? ? ? ? ? 2  1 ? ? 
2.380 2.430  ? ? ? ? ? 789 ? 99.900  ? ? ? ? 0.602 ? ? ? ? ? ? ? ? 16.600 ? 0.757 ? ? ? ? ? 3  1 ? ? 
2.430 2.480  ? ? ? ? ? 800 ? 100.000 ? ? ? ? 0.599 ? ? ? ? ? ? ? ? 16.400 ? 0.798 ? ? ? ? ? 4  1 ? ? 
2.480 2.530  ? ? ? ? ? 785 ? 100.000 ? ? ? ? 0.452 ? ? ? ? ? ? ? ? 16.400 ? 0.807 ? ? ? ? ? 5  1 ? ? 
2.530 2.590  ? ? ? ? ? 801 ? 100.000 ? ? ? ? 0.398 ? ? ? ? ? ? ? ? 16.500 ? 0.848 ? ? ? ? ? 6  1 ? ? 
2.590 2.660  ? ? ? ? ? 797 ? 100.000 ? ? ? ? 0.393 ? ? ? ? ? ? ? ? 16.700 ? 0.870 ? ? ? ? ? 7  1 ? ? 
2.660 2.730  ? ? ? ? ? 794 ? 99.700  ? ? ? ? 0.328 ? ? ? ? ? ? ? ? 17.500 ? 0.865 ? ? ? ? ? 8  1 ? ? 
2.730 2.810  ? ? ? ? ? 794 ? 100.000 ? ? ? ? 0.268 ? ? ? ? ? ? ? ? 18.100 ? 0.913 ? ? ? ? ? 9  1 ? ? 
2.810 2.900  ? ? ? ? ? 812 ? 99.900  ? ? ? ? 0.232 ? ? ? ? ? ? ? ? 18.800 ? 0.945 ? ? ? ? ? 10 1 ? ? 
2.900 3.000  ? ? ? ? ? 812 ? 100.000 ? ? ? ? 0.191 ? ? ? ? ? ? ? ? 19.900 ? 1.006 ? ? ? ? ? 11 1 ? ? 
3.000 3.120  ? ? ? ? ? 809 ? 100.000 ? ? ? ? 0.143 ? ? ? ? ? ? ? ? 20.800 ? 1.013 ? ? ? ? ? 12 1 ? ? 
3.120 3.260  ? ? ? ? ? 800 ? 100.000 ? ? ? ? 0.095 ? ? ? ? ? ? ? ? 21.600 ? 1.124 ? ? ? ? ? 13 1 ? ? 
3.260 3.440  ? ? ? ? ? 809 ? 100.000 ? ? ? ? 0.072 ? ? ? ? ? ? ? ? 21.800 ? 1.204 ? ? ? ? ? 14 1 ? ? 
3.440 3.650  ? ? ? ? ? 818 ? 100.000 ? ? ? ? 0.059 ? ? ? ? ? ? ? ? 22.000 ? 1.224 ? ? ? ? ? 15 1 ? ? 
3.650 3.930  ? ? ? ? ? 828 ? 100.000 ? ? ? ? 0.047 ? ? ? ? ? ? ? ? 22.000 ? 1.189 ? ? ? ? ? 16 1 ? ? 
3.930 4.330  ? ? ? ? ? 832 ? 100.000 ? ? ? ? 0.039 ? ? ? ? ? ? ? ? 21.700 ? 1.244 ? ? ? ? ? 17 1 ? ? 
4.330 4.950  ? ? ? ? ? 829 ? 100.000 ? ? ? ? 0.036 ? ? ? ? ? ? ? ? 21.700 ? 1.234 ? ? ? ? ? 18 1 ? ? 
4.950 6.240  ? ? ? ? ? 866 ? 100.000 ? ? ? ? 0.036 ? ? ? ? ? ? ? ? 21.300 ? 1.083 ? ? ? ? ? 19 1 ? ? 
6.240 50.000 ? ? ? ? ? 947 ? 100.000 ? ? ? ? 0.025 ? ? ? ? ? ? ? ? 19.300 ? 1.094 ? ? ? ? ? 20 1 ? ? 
# 
_refine.aniso_B[1][1]                            ? 
_refine.aniso_B[1][2]                            ? 
_refine.aniso_B[1][3]                            ? 
_refine.aniso_B[2][2]                            ? 
_refine.aniso_B[2][3]                            ? 
_refine.aniso_B[3][3]                            ? 
_refine.B_iso_max                                80.740 
_refine.B_iso_mean                               23.5411 
_refine.B_iso_min                                4.180 
_refine.correlation_coeff_Fo_to_Fc               ? 
_refine.correlation_coeff_Fo_to_Fc_free          ? 
_refine.details                                  ? 
_refine.diff_density_max                         ? 
_refine.diff_density_max_esd                     ? 
_refine.diff_density_min                         ? 
_refine.diff_density_min_esd                     ? 
_refine.diff_density_rms                         ? 
_refine.diff_density_rms_esd                     ? 
_refine.entry_id                                 4Z59 
_refine.pdbx_refine_id                           'X-RAY DIFFRACTION' 
_refine.ls_abs_structure_details                 ? 
_refine.ls_abs_structure_Flack                   ? 
_refine.ls_abs_structure_Flack_esd               ? 
_refine.ls_abs_structure_Rogers                  ? 
_refine.ls_abs_structure_Rogers_esd              ? 
_refine.ls_d_res_high                            2.3000 
_refine.ls_d_res_low                             45.0320 
_refine.ls_extinction_coef                       ? 
_refine.ls_extinction_coef_esd                   ? 
_refine.ls_extinction_expression                 ? 
_refine.ls_extinction_method                     ? 
_refine.ls_goodness_of_fit_all                   ? 
_refine.ls_goodness_of_fit_all_esd               ? 
_refine.ls_goodness_of_fit_obs                   ? 
_refine.ls_goodness_of_fit_obs_esd               ? 
_refine.ls_hydrogen_treatment                    ? 
_refine.ls_matrix_type                           ? 
_refine.ls_number_constraints                    ? 
_refine.ls_number_parameters                     ? 
_refine.ls_number_reflns_all                     ? 
_refine.ls_number_reflns_obs                     14511 
_refine.ls_number_reflns_R_free                  1451 
_refine.ls_number_reflns_R_work                  13060 
_refine.ls_number_restraints                     ? 
_refine.ls_percent_reflns_obs                    89.1600 
_refine.ls_percent_reflns_R_free                 10.0000 
_refine.ls_R_factor_all                          ? 
_refine.ls_R_factor_obs                          0.1555 
_refine.ls_R_factor_R_free                       0.1819 
_refine.ls_R_factor_R_free_error                 ? 
_refine.ls_R_factor_R_free_error_details         ? 
_refine.ls_R_factor_R_work                       0.1525 
_refine.ls_R_Fsqd_factor_obs                     ? 
_refine.ls_R_I_factor_obs                        ? 
_refine.ls_redundancy_reflns_all                 ? 
_refine.ls_redundancy_reflns_obs                 ? 
_refine.ls_restrained_S_all                      ? 
_refine.ls_restrained_S_obs                      ? 
_refine.ls_shift_over_esd_max                    ? 
_refine.ls_shift_over_esd_mean                   ? 
_refine.ls_structure_factor_coef                 ? 
_refine.ls_weighting_details                     ? 
_refine.ls_weighting_scheme                      ? 
_refine.ls_wR_factor_all                         ? 
_refine.ls_wR_factor_obs                         ? 
_refine.ls_wR_factor_R_free                      ? 
_refine.ls_wR_factor_R_work                      ? 
_refine.occupancy_max                            1.000 
_refine.occupancy_min                            0.500 
_refine.solvent_model_details                    'FLAT BULK SOLVENT MODEL' 
_refine.solvent_model_param_bsol                 ? 
_refine.solvent_model_param_ksol                 ? 
_refine.ls_R_factor_gt                           ? 
_refine.ls_goodness_of_fit_gt                    ? 
_refine.ls_goodness_of_fit_ref                   ? 
_refine.ls_shift_over_su_max                     ? 
_refine.ls_shift_over_su_max_lt                  ? 
_refine.ls_shift_over_su_mean                    ? 
_refine.ls_shift_over_su_mean_lt                 ? 
_refine.pdbx_ls_sigma_I                          ? 
_refine.pdbx_ls_sigma_F                          0.150 
_refine.pdbx_ls_sigma_Fsqd                       ? 
_refine.pdbx_data_cutoff_high_absF               ? 
_refine.pdbx_data_cutoff_high_rms_absF           ? 
_refine.pdbx_data_cutoff_low_absF                ? 
_refine.pdbx_isotropic_thermal_model             ? 
_refine.pdbx_ls_cross_valid_method               'FREE R-VALUE' 
_refine.pdbx_method_to_determine_struct          'MOLECULAR REPLACEMENT' 
_refine.pdbx_starting_model                      'PDB entry 4Z52' 
_refine.pdbx_stereochemistry_target_values       ML 
_refine.pdbx_R_Free_selection_details            ? 
_refine.pdbx_stereochem_target_val_spec_case     ? 
_refine.pdbx_overall_ESU_R                       ? 
_refine.pdbx_overall_ESU_R_Free                  ? 
_refine.pdbx_solvent_vdw_probe_radii             1.1000 
_refine.pdbx_solvent_ion_probe_radii             ? 
_refine.pdbx_solvent_shrinkage_radii             0.8000 
_refine.pdbx_real_space_R                        ? 
_refine.pdbx_density_correlation                 ? 
_refine.pdbx_pd_number_of_powder_patterns        ? 
_refine.pdbx_pd_number_of_points                 ? 
_refine.pdbx_pd_meas_number_of_points            ? 
_refine.pdbx_pd_proc_ls_prof_R_factor            ? 
_refine.pdbx_pd_proc_ls_prof_wR_factor           ? 
_refine.pdbx_pd_Marquardt_correlation_coeff      ? 
_refine.pdbx_pd_Fsqrd_R_factor                   ? 
_refine.pdbx_pd_ls_matrix_band_width             ? 
_refine.pdbx_overall_phase_error                 15.9600 
_refine.pdbx_overall_SU_R_free_Cruickshank_DPI   ? 
_refine.pdbx_overall_SU_R_free_Blow_DPI          ? 
_refine.pdbx_overall_SU_R_Blow_DPI               ? 
_refine.pdbx_TLS_residual_ADP_flag               ? 
_refine.pdbx_diffrn_id                           1 
_refine.overall_SU_B                             ? 
_refine.overall_SU_ML                            0.1900 
_refine.overall_SU_R_Cruickshank_DPI             ? 
_refine.overall_SU_R_free                        ? 
_refine.overall_FOM_free_R_set                   ? 
_refine.overall_FOM_work_R_set                   0.8997 
_refine.pdbx_average_fsc_overall                 ? 
_refine.pdbx_average_fsc_work                    ? 
_refine.pdbx_average_fsc_free                    ? 
# 
_refine_hist.cycle_id                         final 
_refine_hist.pdbx_refine_id                   'X-RAY DIFFRACTION' 
_refine_hist.d_res_high                       2.3000 
_refine_hist.d_res_low                        45.0320 
_refine_hist.pdbx_number_atoms_ligand         0 
_refine_hist.number_atoms_solvent             142 
_refine_hist.number_atoms_total               1114 
_refine_hist.pdbx_number_residues_total       91 
_refine_hist.pdbx_B_iso_mean_ligand           0.00 
_refine_hist.pdbx_B_iso_mean_solvent          35.80 
_refine_hist.pdbx_number_atoms_protein        565 
_refine_hist.pdbx_number_atoms_nucleic_acid   407 
# 
loop_
_refine_ls_restr.pdbx_refine_id 
_refine_ls_restr.criterion 
_refine_ls_restr.dev_ideal 
_refine_ls_restr.dev_ideal_target 
_refine_ls_restr.number 
_refine_ls_restr.rejects 
_refine_ls_restr.type 
_refine_ls_restr.weight 
_refine_ls_restr.pdbx_restraint_function 
'X-RAY DIFFRACTION' ? 0.010  ? 1038 ? f_bond_d           ? ? 
'X-RAY DIFFRACTION' ? 1.562  ? 1489 ? f_angle_d          ? ? 
'X-RAY DIFFRACTION' ? 0.077  ? 171  ? f_chiral_restr     ? ? 
'X-RAY DIFFRACTION' ? 0.006  ? 121  ? f_plane_restr      ? ? 
'X-RAY DIFFRACTION' ? 23.095 ? 416  ? f_dihedral_angle_d ? ? 
# 
loop_
_refine_ls_shell.pdbx_refine_id 
_refine_ls_shell.d_res_high 
_refine_ls_shell.d_res_low 
_refine_ls_shell.number_reflns_all 
_refine_ls_shell.number_reflns_obs 
_refine_ls_shell.number_reflns_R_free 
_refine_ls_shell.number_reflns_R_work 
_refine_ls_shell.percent_reflns_obs 
_refine_ls_shell.percent_reflns_R_free 
_refine_ls_shell.R_factor_all 
_refine_ls_shell.R_factor_obs 
_refine_ls_shell.R_factor_R_free 
_refine_ls_shell.R_factor_R_free_error 
_refine_ls_shell.R_factor_R_work 
_refine_ls_shell.redundancy_reflns_all 
_refine_ls_shell.redundancy_reflns_obs 
_refine_ls_shell.wR_factor_all 
_refine_ls_shell.wR_factor_obs 
_refine_ls_shell.wR_factor_R_free 
_refine_ls_shell.wR_factor_R_work 
_refine_ls_shell.pdbx_total_number_of_bins_used 
_refine_ls_shell.pdbx_phase_error 
_refine_ls_shell.pdbx_fsc_work 
_refine_ls_shell.pdbx_fsc_free 
'X-RAY DIFFRACTION' 2.30   2.3825  1158 . 116 1042 73.0000 . . . 0.2463 . 0.1948 . . . . . . 10 . . . 
'X-RAY DIFFRACTION' 2.3825 2.4779  1281 . 128 1153 81.0000 . . . 0.2733 . 0.1952 . . . . . . 10 . . . 
'X-RAY DIFFRACTION' 2.4779 2.5906  1340 . 134 1206 85.0000 . . . 0.2399 . 0.1823 . . . . . . 10 . . . 
'X-RAY DIFFRACTION' 2.5906 2.7272  1380 . 138 1242 87.0000 . . . 0.2155 . 0.1805 . . . . . . 10 . . . 
'X-RAY DIFFRACTION' 2.7272 2.8980  1445 . 145 1300 90.0000 . . . 0.1802 . 0.1791 . . . . . . 10 . . . 
'X-RAY DIFFRACTION' 2.8980 3.1218  1501 . 150 1351 93.0000 . . . 0.2170 . 0.1708 . . . . . . 10 . . . 
'X-RAY DIFFRACTION' 3.1218 3.4358  1499 . 150 1349 93.0000 . . . 0.1527 . 0.1359 . . . . . . 10 . . . 
'X-RAY DIFFRACTION' 3.4358 3.9327  1560 . 155 1405 95.0000 . . . 0.1608 . 0.1234 . . . . . . 10 . . . 
'X-RAY DIFFRACTION' 3.9327 4.9538  1591 . 160 1431 96.0000 . . . 0.1342 . 0.1147 . . . . . . 10 . . . 
'X-RAY DIFFRACTION' 4.9538 45.0407 1756 . 175 1581 98.0000 . . . 0.1715 . 0.1620 . . . . . . 10 . . . 
# 
_struct.entry_id                     4Z59 
_struct.title                        'HipB-O4 20mer complex' 
_struct.pdbx_model_details           ? 
_struct.pdbx_formula_weight          ? 
_struct.pdbx_formula_weight_method   ? 
_struct.pdbx_model_type_details      ? 
_struct.pdbx_CASP_flag               ? 
# 
_struct_keywords.entry_id        4Z59 
_struct_keywords.text            'HTH motif, Transcription repressor, HipA sequestering, Transcription-DNA complex' 
_struct_keywords.pdbx_keywords   Transcription/DNA 
# 
loop_
_struct_asym.id 
_struct_asym.pdbx_blank_PDB_chainid_flag 
_struct_asym.pdbx_modified 
_struct_asym.entity_id 
_struct_asym.details 
A N N 1 ? 
B N N 2 ? 
C N N 3 ? 
D N N 3 ? 
# 
loop_
_struct_conf.conf_type_id 
_struct_conf.id 
_struct_conf.pdbx_PDB_helix_id 
_struct_conf.beg_label_comp_id 
_struct_conf.beg_label_asym_id 
_struct_conf.beg_label_seq_id 
_struct_conf.pdbx_beg_PDB_ins_code 
_struct_conf.end_label_comp_id 
_struct_conf.end_label_asym_id 
_struct_conf.end_label_seq_id 
_struct_conf.pdbx_end_PDB_ins_code 
_struct_conf.beg_auth_comp_id 
_struct_conf.beg_auth_asym_id 
_struct_conf.beg_auth_seq_id 
_struct_conf.end_auth_comp_id 
_struct_conf.end_auth_asym_id 
_struct_conf.end_auth_seq_id 
_struct_conf.pdbx_PDB_helix_class 
_struct_conf.details 
_struct_conf.pdbx_PDB_helix_length 
HELX_P HELX_P1 AA1 SER A 6  ? ASN A 21 ? SER A 9  ASN A 24 1 ? 16 
HELX_P HELX_P2 AA2 THR A 24 ? GLY A 33 ? THR A 27 GLY A 36 1 ? 10 
HELX_P HELX_P3 AA3 LYS A 35 ? ASN A 45 ? LYS A 38 ASN A 48 1 ? 11 
HELX_P HELX_P4 AA4 PRO A 46 ? THR A 49 ? PRO A 49 THR A 52 5 ? 4  
HELX_P HELX_P5 AA5 THR A 50 ? LEU A 61 ? THR A 53 LEU A 64 1 ? 12 
# 
_struct_conf_type.id          HELX_P 
_struct_conf_type.criteria    ? 
_struct_conf_type.reference   ? 
# 
loop_
_struct_conn.id 
_struct_conn.conn_type_id 
_struct_conn.pdbx_leaving_atom_flag 
_struct_conn.pdbx_PDB_id 
_struct_conn.ptnr1_label_asym_id 
_struct_conn.ptnr1_label_comp_id 
_struct_conn.ptnr1_label_seq_id 
_struct_conn.ptnr1_label_atom_id 
_struct_conn.pdbx_ptnr1_label_alt_id 
_struct_conn.pdbx_ptnr1_PDB_ins_code 
_struct_conn.pdbx_ptnr1_standard_comp_id 
_struct_conn.ptnr1_symmetry 
_struct_conn.ptnr2_label_asym_id 
_struct_conn.ptnr2_label_comp_id 
_struct_conn.ptnr2_label_seq_id 
_struct_conn.ptnr2_label_atom_id 
_struct_conn.pdbx_ptnr2_label_alt_id 
_struct_conn.pdbx_ptnr2_PDB_ins_code 
_struct_conn.ptnr1_auth_asym_id 
_struct_conn.ptnr1_auth_comp_id 
_struct_conn.ptnr1_auth_seq_id 
_struct_conn.ptnr2_auth_asym_id 
_struct_conn.ptnr2_auth_comp_id 
_struct_conn.ptnr2_auth_seq_id 
_struct_conn.ptnr2_symmetry 
_struct_conn.pdbx_ptnr3_label_atom_id 
_struct_conn.pdbx_ptnr3_label_seq_id 
_struct_conn.pdbx_ptnr3_label_comp_id 
_struct_conn.pdbx_ptnr3_label_asym_id 
_struct_conn.pdbx_ptnr3_label_alt_id 
_struct_conn.pdbx_ptnr3_PDB_ins_code 
_struct_conn.details 
_struct_conn.pdbx_dist_value 
_struct_conn.pdbx_value_order 
_struct_conn.pdbx_role 
hydrog1  hydrog ? ? B DT 1  N3 ? ? ? 1_555 B DA 20 N1 ? ? B DT 1  B DA 20 13_455 ? ? ? ? ? ? WATSON-CRICK ? ? ? 
hydrog2  hydrog ? ? B DT 1  O4 ? ? ? 1_555 B DA 20 N6 ? ? B DT 1  B DA 20 13_455 ? ? ? ? ? ? WATSON-CRICK ? ? ? 
hydrog3  hydrog ? ? B DT 2  N3 ? ? ? 1_555 B DA 19 N1 ? ? B DT 2  B DA 19 13_455 ? ? ? ? ? ? WATSON-CRICK ? ? ? 
hydrog4  hydrog ? ? B DT 2  O4 ? ? ? 1_555 B DA 19 N6 ? ? B DT 2  B DA 19 13_455 ? ? ? ? ? ? WATSON-CRICK ? ? ? 
hydrog5  hydrog ? ? B DA 3  N1 ? ? ? 1_555 B DT 18 N3 ? ? B DA 3  B DT 18 13_455 ? ? ? ? ? ? WATSON-CRICK ? ? ? 
hydrog6  hydrog ? ? B DA 3  N6 ? ? ? 1_555 B DT 18 O4 ? ? B DA 3  B DT 18 13_455 ? ? ? ? ? ? WATSON-CRICK ? ? ? 
hydrog7  hydrog ? ? B DT 4  N3 ? ? ? 1_555 B DA 17 N1 ? ? B DT 4  B DA 17 13_455 ? ? ? ? ? ? WATSON-CRICK ? ? ? 
hydrog8  hydrog ? ? B DT 4  O4 ? ? ? 1_555 B DA 17 N6 ? ? B DT 4  B DA 17 13_455 ? ? ? ? ? ? WATSON-CRICK ? ? ? 
hydrog9  hydrog ? ? B DC 5  N3 ? ? ? 1_555 B DG 16 N1 ? ? B DC 5  B DG 16 13_455 ? ? ? ? ? ? WATSON-CRICK ? ? ? 
hydrog10 hydrog ? ? B DC 5  N4 ? ? ? 1_555 B DG 16 O6 ? ? B DC 5  B DG 16 13_455 ? ? ? ? ? ? WATSON-CRICK ? ? ? 
hydrog11 hydrog ? ? B DC 5  O2 ? ? ? 1_555 B DG 16 N2 ? ? B DC 5  B DG 16 13_455 ? ? ? ? ? ? WATSON-CRICK ? ? ? 
hydrog12 hydrog ? ? B DC 6  N3 ? ? ? 1_555 B DG 15 N1 ? ? B DC 6  B DG 15 13_455 ? ? ? ? ? ? WATSON-CRICK ? ? ? 
hydrog13 hydrog ? ? B DC 6  N4 ? ? ? 1_555 B DG 15 O6 ? ? B DC 6  B DG 15 13_455 ? ? ? ? ? ? WATSON-CRICK ? ? ? 
hydrog14 hydrog ? ? B DC 6  O2 ? ? ? 1_555 B DG 15 N2 ? ? B DC 6  B DG 15 13_455 ? ? ? ? ? ? WATSON-CRICK ? ? ? 
hydrog15 hydrog ? ? B DG 7  N1 ? ? ? 1_555 B DC 14 N3 ? ? B DG 7  B DC 14 13_455 ? ? ? ? ? ? WATSON-CRICK ? ? ? 
hydrog16 hydrog ? ? B DG 7  N2 ? ? ? 1_555 B DC 14 O2 ? ? B DG 7  B DC 14 13_455 ? ? ? ? ? ? WATSON-CRICK ? ? ? 
hydrog17 hydrog ? ? B DG 7  O6 ? ? ? 1_555 B DC 14 N4 ? ? B DG 7  B DC 14 13_455 ? ? ? ? ? ? WATSON-CRICK ? ? ? 
hydrog18 hydrog ? ? B DC 8  N3 ? ? ? 1_555 B DG 13 N1 ? ? B DC 8  B DG 13 13_455 ? ? ? ? ? ? WATSON-CRICK ? ? ? 
hydrog19 hydrog ? ? B DC 8  N4 ? ? ? 1_555 B DG 13 O6 ? ? B DC 8  B DG 13 13_455 ? ? ? ? ? ? WATSON-CRICK ? ? ? 
hydrog20 hydrog ? ? B DC 8  O2 ? ? ? 1_555 B DG 13 N2 ? ? B DC 8  B DG 13 13_455 ? ? ? ? ? ? WATSON-CRICK ? ? ? 
hydrog21 hydrog ? ? B DG 9  N1 ? ? ? 1_555 B DC 12 N3 ? ? B DG 9  B DC 12 13_455 ? ? ? ? ? ? WATSON-CRICK ? ? ? 
hydrog22 hydrog ? ? B DG 9  N2 ? ? ? 1_555 B DC 12 O2 ? ? B DG 9  B DC 12 13_455 ? ? ? ? ? ? WATSON-CRICK ? ? ? 
hydrog23 hydrog ? ? B DG 9  O6 ? ? ? 1_555 B DC 12 N4 ? ? B DG 9  B DC 12 13_455 ? ? ? ? ? ? WATSON-CRICK ? ? ? 
hydrog24 hydrog ? ? B DA 10 N1 ? ? ? 1_555 B DT 11 N3 ? ? B DA 10 B DT 11 13_455 ? ? ? ? ? ? WATSON-CRICK ? ? ? 
hydrog25 hydrog ? ? B DA 10 N6 ? ? ? 1_555 B DT 11 O4 ? ? B DA 10 B DT 11 13_455 ? ? ? ? ? ? WATSON-CRICK ? ? ? 
hydrog26 hydrog ? ? B DT 11 N3 ? ? ? 1_555 B DA 10 N1 ? ? B DT 11 B DA 10 13_455 ? ? ? ? ? ? WATSON-CRICK ? ? ? 
hydrog27 hydrog ? ? B DT 11 O4 ? ? ? 1_555 B DA 10 N6 ? ? B DT 11 B DA 10 13_455 ? ? ? ? ? ? WATSON-CRICK ? ? ? 
hydrog28 hydrog ? ? B DC 12 N3 ? ? ? 1_555 B DG 9  N1 ? ? B DC 12 B DG 9  13_455 ? ? ? ? ? ? WATSON-CRICK ? ? ? 
hydrog29 hydrog ? ? B DC 12 N4 ? ? ? 1_555 B DG 9  O6 ? ? B DC 12 B DG 9  13_455 ? ? ? ? ? ? WATSON-CRICK ? ? ? 
hydrog30 hydrog ? ? B DC 12 O2 ? ? ? 1_555 B DG 9  N2 ? ? B DC 12 B DG 9  13_455 ? ? ? ? ? ? WATSON-CRICK ? ? ? 
hydrog31 hydrog ? ? B DG 13 N1 ? ? ? 1_555 B DC 8  N3 ? ? B DG 13 B DC 8  13_455 ? ? ? ? ? ? WATSON-CRICK ? ? ? 
hydrog32 hydrog ? ? B DG 13 N2 ? ? ? 1_555 B DC 8  O2 ? ? B DG 13 B DC 8  13_455 ? ? ? ? ? ? WATSON-CRICK ? ? ? 
hydrog33 hydrog ? ? B DG 13 O6 ? ? ? 1_555 B DC 8  N4 ? ? B DG 13 B DC 8  13_455 ? ? ? ? ? ? WATSON-CRICK ? ? ? 
hydrog34 hydrog ? ? B DC 14 N3 ? ? ? 1_555 B DG 7  N1 ? ? B DC 14 B DG 7  13_455 ? ? ? ? ? ? WATSON-CRICK ? ? ? 
hydrog35 hydrog ? ? B DC 14 N4 ? ? ? 1_555 B DG 7  O6 ? ? B DC 14 B DG 7  13_455 ? ? ? ? ? ? WATSON-CRICK ? ? ? 
hydrog36 hydrog ? ? B DC 14 O2 ? ? ? 1_555 B DG 7  N2 ? ? B DC 14 B DG 7  13_455 ? ? ? ? ? ? WATSON-CRICK ? ? ? 
hydrog37 hydrog ? ? B DG 15 N1 ? ? ? 1_555 B DC 6  N3 ? ? B DG 15 B DC 6  13_455 ? ? ? ? ? ? WATSON-CRICK ? ? ? 
hydrog38 hydrog ? ? B DG 15 N2 ? ? ? 1_555 B DC 6  O2 ? ? B DG 15 B DC 6  13_455 ? ? ? ? ? ? WATSON-CRICK ? ? ? 
hydrog39 hydrog ? ? B DG 15 O6 ? ? ? 1_555 B DC 6  N4 ? ? B DG 15 B DC 6  13_455 ? ? ? ? ? ? WATSON-CRICK ? ? ? 
hydrog40 hydrog ? ? B DG 16 N1 ? ? ? 1_555 B DC 5  N3 ? ? B DG 16 B DC 5  13_455 ? ? ? ? ? ? WATSON-CRICK ? ? ? 
hydrog41 hydrog ? ? B DG 16 N2 ? ? ? 1_555 B DC 5  O2 ? ? B DG 16 B DC 5  13_455 ? ? ? ? ? ? WATSON-CRICK ? ? ? 
hydrog42 hydrog ? ? B DG 16 O6 ? ? ? 1_555 B DC 5  N4 ? ? B DG 16 B DC 5  13_455 ? ? ? ? ? ? WATSON-CRICK ? ? ? 
hydrog43 hydrog ? ? B DA 17 N1 ? ? ? 1_555 B DT 4  N3 ? ? B DA 17 B DT 4  13_455 ? ? ? ? ? ? WATSON-CRICK ? ? ? 
hydrog44 hydrog ? ? B DA 17 N6 ? ? ? 1_555 B DT 4  O4 ? ? B DA 17 B DT 4  13_455 ? ? ? ? ? ? WATSON-CRICK ? ? ? 
hydrog45 hydrog ? ? B DT 18 N3 ? ? ? 1_555 B DA 3  N1 ? ? B DT 18 B DA 3  13_455 ? ? ? ? ? ? WATSON-CRICK ? ? ? 
hydrog46 hydrog ? ? B DT 18 O4 ? ? ? 1_555 B DA 3  N6 ? ? B DT 18 B DA 3  13_455 ? ? ? ? ? ? WATSON-CRICK ? ? ? 
hydrog47 hydrog ? ? B DA 19 N1 ? ? ? 1_555 B DT 2  N3 ? ? B DA 19 B DT 2  13_455 ? ? ? ? ? ? WATSON-CRICK ? ? ? 
hydrog48 hydrog ? ? B DA 19 N6 ? ? ? 1_555 B DT 2  O4 ? ? B DA 19 B DT 2  13_455 ? ? ? ? ? ? WATSON-CRICK ? ? ? 
hydrog49 hydrog ? ? B DA 20 N1 ? ? ? 1_555 B DT 1  N3 ? ? B DA 20 B DT 1  13_455 ? ? ? ? ? ? WATSON-CRICK ? ? ? 
hydrog50 hydrog ? ? B DA 20 N6 ? ? ? 1_555 B DT 1  O4 ? ? B DA 20 B DT 1  13_455 ? ? ? ? ? ? WATSON-CRICK ? ? ? 
# 
_struct_conn_type.id          hydrog 
_struct_conn_type.criteria    ? 
_struct_conn_type.reference   ? 
# 
_atom_sites.entry_id                    4Z59 
_atom_sites.fract_transf_matrix[1][1]   0.00741655 
_atom_sites.fract_transf_matrix[1][2]   0.00163463 
_atom_sites.fract_transf_matrix[1][3]   -0.00199021 
_atom_sites.fract_transf_matrix[2][1]   -0.00213940 
_atom_sites.fract_transf_matrix[2][2]   0.00728796 
_atom_sites.fract_transf_matrix[2][3]   -0.00198664 
_atom_sites.fract_transf_matrix[3][1]   0.00143385 
_atom_sites.fract_transf_matrix[3][2]   0.00241904 
_atom_sites.fract_transf_matrix[3][3]   0.00733011 
_atom_sites.fract_transf_vector[1]      0.113563 
_atom_sites.fract_transf_vector[2]      0.271748 
_atom_sites.fract_transf_vector[3]      0.098565 
# 
loop_
_atom_type.symbol 
C 
N 
O 
P 
S 
# 
loop_
_atom_site.group_PDB 
_atom_site.id 
_atom_site.type_symbol 
_atom_site.label_atom_id 
_atom_site.label_alt_id 
_atom_site.label_comp_id 
_atom_site.label_asym_id 
_atom_site.label_entity_id 
_atom_site.label_seq_id 
_atom_site.pdbx_PDB_ins_code 
_atom_site.Cartn_x 
_atom_site.Cartn_y 
_atom_site.Cartn_z 
_atom_site.occupancy 
_atom_site.B_iso_or_equiv 
_atom_site.pdbx_formal_charge 
_atom_site.auth_seq_id 
_atom_site.auth_comp_id 
_atom_site.auth_asym_id 
_atom_site.auth_atom_id 
_atom_site.pdbx_PDB_model_num 
ATOM   1    N N     . PHE A 1 1  ? -5.621  -9.863  9.032   1.00 35.65 ? 4   PHE A N     1 
ATOM   2    C CA    . PHE A 1 1  ? -5.714  -8.406  8.848   1.00 35.69 ? 4   PHE A CA    1 
ATOM   3    C C     . PHE A 1 1  ? -6.159  -7.674  10.132  1.00 30.76 ? 4   PHE A C     1 
ATOM   4    O O     . PHE A 1 1  ? -7.288  -7.823  10.578  1.00 34.69 ? 4   PHE A O     1 
ATOM   5    C CB    . PHE A 1 1  ? -6.630  -8.075  7.659   1.00 31.24 ? 4   PHE A CB    1 
ATOM   6    C CG    . PHE A 1 1  ? -6.025  -8.412  6.310   1.00 29.84 ? 4   PHE A CG    1 
ATOM   7    C CD1   . PHE A 1 1  ? -4.703  -8.094  6.026   1.00 34.62 ? 4   PHE A CD1   1 
ATOM   8    C CD2   . PHE A 1 1  ? -6.772  -9.057  5.337   1.00 29.84 ? 4   PHE A CD2   1 
ATOM   9    C CE1   . PHE A 1 1  ? -4.141  -8.411  4.794   1.00 28.66 ? 4   PHE A CE1   1 
ATOM   10   C CE2   . PHE A 1 1  ? -6.215  -9.380  4.096   1.00 28.01 ? 4   PHE A CE2   1 
ATOM   11   C CZ    . PHE A 1 1  ? -4.901  -9.061  3.828   1.00 21.77 ? 4   PHE A CZ    1 
ATOM   12   N N     . GLN A 1 2  ? -5.258  -6.906  10.738  1.00 27.89 ? 5   GLN A N     1 
ATOM   13   C CA    . GLN A 1 2  ? -5.576  -6.180  11.967  1.00 21.53 ? 5   GLN A CA    1 
ATOM   14   C C     . GLN A 1 2  ? -6.162  -4.804  11.650  1.00 18.37 ? 5   GLN A C     1 
ATOM   15   O O     . GLN A 1 2  ? -6.038  -4.300  10.518  1.00 14.54 ? 5   GLN A O     1 
ATOM   16   C CB    . GLN A 1 2  ? -4.307  -5.951  12.794  1.00 29.62 ? 5   GLN A CB    1 
ATOM   17   C CG    . GLN A 1 2  ? -3.433  -7.163  13.019  1.00 46.90 ? 5   GLN A CG    1 
ATOM   18   C CD    . GLN A 1 2  ? -3.933  -8.086  14.129  1.00 57.93 ? 5   GLN A CD    1 
ATOM   19   O OE1   . GLN A 1 2  ? -5.073  -7.969  14.609  1.00 60.77 ? 5   GLN A OE1   1 
ATOM   20   N NE2   . GLN A 1 2  ? -3.072  -9.015  14.544  1.00 55.25 ? 5   GLN A NE2   1 
ATOM   21   N N     . LYS A 1 3  ? -6.758  -4.177  12.661  1.00 9.90  ? 6   LYS A N     1 
ATOM   22   C CA    . LYS A 1 3  ? -7.136  -2.771  12.563  1.00 15.38 ? 6   LYS A CA    1 
ATOM   23   C C     . LYS A 1 3  ? -5.890  -1.901  12.462  1.00 15.47 ? 6   LYS A C     1 
ATOM   24   O O     . LYS A 1 3  ? -4.872  -2.182  13.103  1.00 14.10 ? 6   LYS A O     1 
ATOM   25   C CB    . LYS A 1 3  ? -7.959  -2.345  13.771  1.00 12.53 ? 6   LYS A CB    1 
ATOM   26   C CG    . LYS A 1 3  ? -9.300  -3.038  13.839  1.00 14.05 ? 6   LYS A CG    1 
ATOM   27   C CD    . LYS A 1 3  ? -9.999  -2.710  15.109  1.00 12.52 ? 6   LYS A CD    1 
ATOM   28   C CE    . LYS A 1 3  ? -11.408 -3.260  15.088  1.00 21.87 ? 6   LYS A CE    1 
ATOM   29   N NZ    . LYS A 1 3  ? -12.185 -2.674  16.231  1.00 30.48 ? 6   LYS A NZ    1 
ATOM   30   N N     . ILE A 1 4  ? -5.988  -0.849  11.651  1.00 9.09  ? 7   ILE A N     1 
ATOM   31   C CA    . ILE A 1 4  ? -4.859  0.014   11.301  1.00 11.57 ? 7   ILE A CA    1 
ATOM   32   C C     . ILE A 1 4  ? -5.220  1.463   11.621  1.00 15.12 ? 7   ILE A C     1 
ATOM   33   O O     . ILE A 1 4  ? -6.334  1.913   11.318  1.00 9.12  ? 7   ILE A O     1 
ATOM   34   C CB    . ILE A 1 4  ? -4.521  -0.177  9.803   1.00 10.88 ? 7   ILE A CB    1 
ATOM   35   C CG1   . ILE A 1 4  ? -3.904  -1.564  9.617   1.00 9.88  ? 7   ILE A CG1   1 
ATOM   36   C CG2   . ILE A 1 4  ? -3.601  0.944   9.279   1.00 4.18  ? 7   ILE A CG2   1 
ATOM   37   C CD1   . ILE A 1 4  ? -3.873  -2.050  8.190   1.00 14.87 ? 7   ILE A CD1   1 
ATOM   38   N N     . TYR A 1 5  ? -4.298  2.190   12.238  1.00 7.33  ? 8   TYR A N     1 
ATOM   39   C CA    . TYR A 1 5  ? -4.627  3.511   12.780  1.00 8.73  ? 8   TYR A CA    1 
ATOM   40   C C     . TYR A 1 5  ? -3.749  4.651   12.267  1.00 10.15 ? 8   TYR A C     1 
ATOM   41   O O     . TYR A 1 5  ? -3.915  5.787   12.694  1.00 15.99 ? 8   TYR A O     1 
ATOM   42   C CB    . TYR A 1 5  ? -4.531  3.496   14.317  1.00 9.75  ? 8   TYR A CB    1 
ATOM   43   C CG    . TYR A 1 5  ? -5.502  2.552   14.974  1.00 14.71 ? 8   TYR A CG    1 
ATOM   44   C CD1   . TYR A 1 5  ? -5.212  1.185   15.083  1.00 10.28 ? 8   TYR A CD1   1 
ATOM   45   C CD2   . TYR A 1 5  ? -6.698  3.017   15.494  1.00 9.95  ? 8   TYR A CD2   1 
ATOM   46   C CE1   . TYR A 1 5  ? -6.096  0.319   15.674  1.00 11.38 ? 8   TYR A CE1   1 
ATOM   47   C CE2   . TYR A 1 5  ? -7.591  2.157   16.098  1.00 11.96 ? 8   TYR A CE2   1 
ATOM   48   C CZ    . TYR A 1 5  ? -7.284  0.806   16.176  1.00 13.48 ? 8   TYR A CZ    1 
ATOM   49   O OH    . TYR A 1 5  ? -8.167  -0.056  16.759  1.00 17.02 ? 8   TYR A OH    1 
ATOM   50   N N     . SER A 1 6  ? -2.811  4.375   11.368  1.00 8.77  ? 9   SER A N     1 
ATOM   51   C CA    . SER A 1 6  ? -1.874  5.428   10.966  1.00 10.39 ? 9   SER A CA    1 
ATOM   52   C C     . SER A 1 6  ? -1.273  5.098   9.605   1.00 6.57  ? 9   SER A C     1 
ATOM   53   O O     . SER A 1 6  ? -1.268  3.945   9.195   1.00 10.42 ? 9   SER A O     1 
ATOM   54   C CB    . SER A 1 6  ? -0.749  5.529   12.002  1.00 12.43 ? 9   SER A CB    1 
ATOM   55   O OG    . SER A 1 6  ? 0.265   4.576   11.707  1.00 16.30 ? 9   SER A OG    1 
ATOM   56   N N     . PRO A 1 7  ? -0.751  6.103   8.897   1.00 8.07  ? 10  PRO A N     1 
ATOM   57   C CA    . PRO A 1 7  ? -0.175  5.772   7.581   1.00 8.74  ? 10  PRO A CA    1 
ATOM   58   C C     . PRO A 1 7  ? 1.002   4.780   7.691   1.00 12.20 ? 10  PRO A C     1 
ATOM   59   O O     . PRO A 1 7  ? 1.131   3.872   6.859   1.00 14.05 ? 10  PRO A O     1 
ATOM   60   C CB    . PRO A 1 7  ? 0.287   7.139   7.043   1.00 11.01 ? 10  PRO A CB    1 
ATOM   61   C CG    . PRO A 1 7  ? -0.609  8.148   7.738   1.00 8.68  ? 10  PRO A CG    1 
ATOM   62   C CD    . PRO A 1 7  ? -0.820  7.556   9.137   1.00 10.97 ? 10  PRO A CD    1 
ATOM   63   N N     . THR A 1 8  ? 1.818   4.928   8.730   1.00 10.44 ? 11  THR A N     1 
ATOM   64   C CA    . THR A 1 8  ? 2.926   4.017   8.965   1.00 13.12 ? 11  THR A CA    1 
ATOM   65   C C     . THR A 1 8  ? 2.461   2.567   9.169   1.00 14.06 ? 11  THR A C     1 
ATOM   66   O O     . THR A 1 8  ? 3.026   1.633   8.590   1.00 15.17 ? 11  THR A O     1 
ATOM   67   C CB    . THR A 1 8  ? 3.773   4.486   10.151  1.00 21.70 ? 11  THR A CB    1 
ATOM   68   O OG1   . THR A 1 8  ? 4.309   5.772   9.831   1.00 21.78 ? 11  THR A OG1   1 
ATOM   69   C CG2   . THR A 1 8  ? 4.931   3.508   10.413  1.00 13.03 ? 11  THR A CG2   1 
ATOM   70   N N     . GLN A 1 9  ? 1.412   2.361   9.956   1.00 8.02  ? 12  GLN A N     1 
ATOM   71   C CA    . GLN A 1 9  ? 0.925   1.001   10.121  1.00 11.11 ? 12  GLN A CA    1 
ATOM   72   C C     . GLN A 1 9  ? 0.370   0.473   8.806   1.00 10.31 ? 12  GLN A C     1 
ATOM   73   O O     . GLN A 1 9  ? 0.484   -0.709  8.495   1.00 13.56 ? 12  GLN A O     1 
ATOM   74   C CB    . GLN A 1 9  ? -0.152  0.944   11.206  1.00 13.21 ? 12  GLN A CB    1 
ATOM   75   C CG    . GLN A 1 9  ? 0.341   1.374   12.566  1.00 16.51 ? 12  GLN A CG    1 
ATOM   76   C CD    . GLN A 1 9  ? -0.782  1.346   13.610  1.00 24.08 ? 12  GLN A CD    1 
ATOM   77   O OE1   . GLN A 1 9  ? -1.911  0.942   13.311  1.00 13.46 ? 12  GLN A OE1   1 
ATOM   78   N NE2   . GLN A 1 9  ? -0.471  1.773   14.834  1.00 19.76 ? 12  GLN A NE2   1 
ATOM   79   N N     . LEU A 1 10 ? -0.237  1.356   8.025   1.00 9.55  ? 13  LEU A N     1 
ATOM   80   C CA    . LEU A 1 10 ? -0.842  0.923   6.779   1.00 11.18 ? 13  LEU A CA    1 
ATOM   81   C C     . LEU A 1 10 ? 0.254   0.481   5.806   1.00 16.95 ? 13  LEU A C     1 
ATOM   82   O O     . LEU A 1 10 ? 0.159   -0.591  5.193   1.00 14.21 ? 13  LEU A O     1 
ATOM   83   C CB    . LEU A 1 10 ? -1.685  2.047   6.178   1.00 7.55  ? 13  LEU A CB    1 
ATOM   84   C CG    . LEU A 1 10 ? -2.329  1.742   4.818   1.00 10.09 ? 13  LEU A CG    1 
ATOM   85   C CD1   . LEU A 1 10 ? -3.349  0.604   4.934   1.00 5.90  ? 13  LEU A CD1   1 
ATOM   86   C CD2   . LEU A 1 10 ? -3.005  3.006   4.287   1.00 8.94  ? 13  LEU A CD2   1 
ATOM   87   N N     . ALA A 1 11 ? 1.296   1.304   5.684   1.00 9.04  ? 14  ALA A N     1 
ATOM   88   C CA    . ALA A 1 11 ? 2.396   1.013   4.771   1.00 12.95 ? 14  ALA A CA    1 
ATOM   89   C C     . ALA A 1 11 ? 3.112   -0.270  5.202   1.00 11.85 ? 14  ALA A C     1 
ATOM   90   O O     . ALA A 1 11 ? 3.367   -1.135  4.383   1.00 11.21 ? 14  ALA A O     1 
ATOM   91   C CB    . ALA A 1 11 ? 3.384   2.208   4.692   1.00 6.18  ? 14  ALA A CB    1 
ATOM   92   N N     . ASN A 1 12 ? 3.394   -0.415  6.493   1.00 11.56 ? 15  ASN A N     1 
ATOM   93   C CA    . ASN A 1 12 ? 3.969   -1.671  6.962   1.00 10.17 ? 15  ASN A CA    1 
ATOM   94   C C     . ASN A 1 12 ? 3.090   -2.877  6.604   1.00 16.77 ? 15  ASN A C     1 
ATOM   95   O O     . ASN A 1 12 ? 3.600   -3.873  6.078   1.00 14.45 ? 15  ASN A O     1 
ATOM   96   C CB    . ASN A 1 12 ? 4.304   -1.629  8.454   1.00 11.41 ? 15  ASN A CB    1 
ATOM   97   C CG    . ASN A 1 12 ? 5.284   -0.502  8.801   1.00 19.92 ? 15  ASN A CG    1 
ATOM   98   O OD1   . ASN A 1 12 ? 5.974   0.051   7.927   1.00 19.51 ? 15  ASN A OD1   1 
ATOM   99   N ND2   . ASN A 1 12 ? 5.331   -0.143  10.074  1.00 19.12 ? 15  ASN A ND2   1 
ATOM   100  N N     . ALA A 1 13 ? 1.776   -2.770  6.813   1.00 10.36 ? 16  ALA A N     1 
ATOM   101  C CA    . ALA A 1 13 ? 0.882   -3.874  6.441   1.00 14.28 ? 16  ALA A CA    1 
ATOM   102  C C     . ALA A 1 13 ? 0.923   -4.201  4.957   1.00 13.93 ? 16  ALA A C     1 
ATOM   103  O O     . ALA A 1 13 ? 0.985   -5.366  4.578   1.00 14.28 ? 16  ALA A O     1 
ATOM   104  C CB    . ALA A 1 13 ? -0.548  -3.607  6.866   1.00 12.39 ? 16  ALA A CB    1 
ATOM   105  N N     . MET A 1 14 ? 0.900   -3.175  4.117   1.00 10.81 ? 17  MET A N     1 
ATOM   106  C CA    . MET A 1 14 ? 0.857   -3.423  2.685   1.00 8.84  ? 17  MET A CA    1 
ATOM   107  C C     . MET A 1 14 ? 2.209   -3.886  2.133   1.00 11.84 ? 17  MET A C     1 
ATOM   108  O O     . MET A 1 14 ? 2.262   -4.676  1.204   1.00 12.02 ? 17  MET A O     1 
ATOM   109  C CB    . MET A 1 14 ? 0.307   -2.204  1.936   1.00 4.77  ? 17  MET A CB    1 
ATOM   110  C CG    . MET A 1 14 ? -1.201  -2.032  2.211   1.00 17.84 ? 17  MET A CG    1 
ATOM   111  S SD    . MET A 1 14 ? -1.840  -0.455  1.636   1.00 18.30 ? 17  MET A SD    1 
ATOM   112  C CE    . MET A 1 14 ? -1.709  -0.678  -0.148  1.00 7.19  ? 17  MET A CE    1 
ATOM   113  N N     . LYS A 1 15 ? 3.304   -3.421  2.717   1.00 12.95 ? 18  LYS A N     1 
ATOM   114  C CA    . LYS A 1 15 ? 4.601   -3.910  2.279   1.00 16.09 ? 18  LYS A CA    1 
ATOM   115  C C     . LYS A 1 15 ? 4.736   -5.413  2.579   1.00 18.18 ? 18  LYS A C     1 
ATOM   116  O O     . LYS A 1 15 ? 5.200   -6.204  1.746   1.00 15.59 ? 18  LYS A O     1 
ATOM   117  C CB    . LYS A 1 15 ? 5.718   -3.130  2.944   1.00 15.56 ? 18  LYS A CB    1 
ATOM   118  C CG    . LYS A 1 15 ? 7.095   -3.705  2.630   1.00 17.98 ? 18  LYS A CG    1 
ATOM   119  C CD    . LYS A 1 15 ? 8.179   -2.813  3.188   1.00 18.97 ? 18  LYS A CD    1 
ATOM   120  C CE    . LYS A 1 15 ? 9.567   -3.383  2.884   1.00 25.65 ? 18  LYS A CE    1 
ATOM   121  N NZ    . LYS A 1 15 ? 10.619  -2.467  3.404   1.00 26.54 ? 18  LYS A NZ    1 
ATOM   122  N N     . LEU A 1 16 ? 4.287   -5.794  3.764   1.00 12.06 ? 19  LEU A N     1 
ATOM   123  C CA    . LEU A 1 16 ? 4.272   -7.191  4.167   1.00 16.33 ? 19  LEU A CA    1 
ATOM   124  C C     . LEU A 1 16 ? 3.472   -8.052  3.186   1.00 17.82 ? 19  LEU A C     1 
ATOM   125  O O     . LEU A 1 16 ? 3.924   -9.114  2.790   1.00 19.06 ? 19  LEU A O     1 
ATOM   126  C CB    . LEU A 1 16 ? 3.694   -7.310  5.583   1.00 17.31 ? 19  LEU A CB    1 
ATOM   127  C CG    . LEU A 1 16 ? 3.943   -8.628  6.299   1.00 29.91 ? 19  LEU A CG    1 
ATOM   128  C CD1   . LEU A 1 16 ? 5.442   -8.823  6.430   1.00 31.14 ? 19  LEU A CD1   1 
ATOM   129  C CD2   . LEU A 1 16 ? 3.278   -8.603  7.671   1.00 35.21 ? 19  LEU A CD2   1 
ATOM   130  N N     . VAL A 1 17 ? 2.284   -7.603  2.783   1.00 14.46 ? 20  VAL A N     1 
ATOM   131  C CA    . VAL A 1 17 ? 1.533   -8.356  1.780   1.00 14.01 ? 20  VAL A CA    1 
ATOM   132  C C     . VAL A 1 17 ? 2.305   -8.453  0.463   1.00 17.17 ? 20  VAL A C     1 
ATOM   133  O O     . VAL A 1 17 ? 2.357   -9.515  -0.162  1.00 16.91 ? 20  VAL A O     1 
ATOM   134  C CB    . VAL A 1 17 ? 0.166   -7.740  1.511   1.00 17.70 ? 20  VAL A CB    1 
ATOM   135  C CG1   . VAL A 1 17 ? -0.525  -8.445  0.315   1.00 7.37  ? 20  VAL A CG1   1 
ATOM   136  C CG2   . VAL A 1 17 ? -0.698  -7.796  2.770   1.00 9.19  ? 20  VAL A CG2   1 
ATOM   137  N N     . ARG A 1 18 ? 2.918   -7.351  0.044   1.00 13.62 ? 21  ARG A N     1 
ATOM   138  C CA    . ARG A 1 18 ? 3.703   -7.379  -1.178  1.00 14.98 ? 21  ARG A CA    1 
ATOM   139  C C     . ARG A 1 18 ? 4.804   -8.430  -1.080  1.00 16.11 ? 21  ARG A C     1 
ATOM   140  O O     . ARG A 1 18 ? 4.962   -9.235  -1.986  1.00 13.21 ? 21  ARG A O     1 
ATOM   141  C CB    . ARG A 1 18 ? 4.338   -6.034  -1.476  1.00 13.38 ? 21  ARG A CB    1 
ATOM   142  C CG    . ARG A 1 18 ? 5.283   -6.131  -2.641  1.00 14.58 ? 21  ARG A CG    1 
ATOM   143  C CD    . ARG A 1 18 ? 5.798   -4.774  -3.102  1.00 11.74 ? 21  ARG A CD    1 
ATOM   144  N NE    . ARG A 1 18 ? 6.733   -4.171  -2.156  1.00 13.11 ? 21  ARG A NE    1 
ATOM   145  C CZ    . ARG A 1 18 ? 8.012   -4.517  -2.028  1.00 17.60 ? 21  ARG A CZ    1 
ATOM   146  N NH1   . ARG A 1 18 ? 8.762   -3.879  -1.148  1.00 12.83 ? 21  ARG A NH1   1 
ATOM   147  N NH2   . ARG A 1 18 ? 8.541   -5.499  -2.762  1.00 13.60 ? 21  ARG A NH2   1 
ATOM   148  N N     . GLN A 1 19 ? 5.537   -8.429  0.036   1.00 14.52 ? 22  GLN A N     1 
ATOM   149  C CA    . GLN A 1 19 ? 6.677   -9.327  0.208   1.00 18.97 ? 22  GLN A CA    1 
ATOM   150  C C     . GLN A 1 19 ? 6.275   -10.786 0.362   1.00 25.55 ? 22  GLN A C     1 
ATOM   151  O O     . GLN A 1 19 ? 6.858   -11.662 -0.269  1.00 25.26 ? 22  GLN A O     1 
ATOM   152  C CB    . GLN A 1 19 ? 7.543   -8.887  1.376   1.00 12.48 ? 22  GLN A CB    1 
ATOM   153  C CG    . GLN A 1 19 ? 8.361   -7.663  1.027   1.00 14.37 ? 22  GLN A CG    1 
ATOM   154  C CD    . GLN A 1 19 ? 9.163   -7.169  2.205   1.00 27.68 ? 22  GLN A CD    1 
ATOM   155  O OE1   . GLN A 1 19 ? 8.742   -7.310  3.365   1.00 26.72 ? 22  GLN A OE1   1 
ATOM   156  N NE2   . GLN A 1 19 ? 10.323  -6.575  1.923   1.00 26.79 ? 22  GLN A NE2   1 
ATOM   157  N N     . GLN A 1 20 ? 5.262   -11.034 1.180   1.00 24.41 ? 23  GLN A N     1 
ATOM   158  C CA    . GLN A 1 20 ? 4.719   -12.379 1.346   1.00 26.71 ? 23  GLN A CA    1 
ATOM   159  C C     . GLN A 1 20 ? 4.301   -13.019 0.037   1.00 24.96 ? 23  GLN A C     1 
ATOM   160  O O     . GLN A 1 20 ? 4.369   -14.221 -0.102  1.00 29.59 ? 23  GLN A O     1 
ATOM   161  C CB    . GLN A 1 20 ? 3.526   -12.360 2.300   1.00 23.01 ? 23  GLN A CB    1 
ATOM   162  C CG    . GLN A 1 20 ? 3.940   -12.200 3.745   1.00 35.17 ? 23  GLN A CG    1 
ATOM   163  C CD    . GLN A 1 20 ? 2.752   -12.024 4.684   1.00 49.89 ? 23  GLN A CD    1 
ATOM   164  O OE1   . GLN A 1 20 ? 1.634   -11.693 4.249   1.00 50.25 ? 23  GLN A OE1   1 
ATOM   165  N NE2   . GLN A 1 20 ? 2.990   -12.244 5.982   1.00 49.02 ? 23  GLN A NE2   1 
ATOM   166  N N     . ASN A 1 21 ? 3.856   -12.216 -0.916  1.00 18.67 ? 24  ASN A N     1 
ATOM   167  C CA    . ASN A 1 21 ? 3.452   -12.741 -2.211  1.00 17.04 ? 24  ASN A CA    1 
ATOM   168  C C     . ASN A 1 21 ? 4.590   -12.716 -3.216  1.00 21.09 ? 24  ASN A C     1 
ATOM   169  O O     . ASN A 1 21 ? 4.394   -13.043 -4.378  1.00 20.11 ? 24  ASN A O     1 
ATOM   170  C CB    . ASN A 1 21 ? 2.298   -11.927 -2.782  1.00 18.24 ? 24  ASN A CB    1 
ATOM   171  C CG    . ASN A 1 21 ? 0.983   -12.283 -2.150  1.00 24.98 ? 24  ASN A CG    1 
ATOM   172  O OD1   . ASN A 1 21 ? 0.279   -13.172 -2.620  1.00 38.00 ? 24  ASN A OD1   1 
ATOM   173  N ND2   . ASN A 1 21 ? 0.640   -11.595 -1.076  1.00 22.20 ? 24  ASN A ND2   1 
ATOM   174  N N     . GLY A 1 22 ? 5.764   -12.283 -2.779  1.00 19.90 ? 25  GLY A N     1 
ATOM   175  C CA    . GLY A 1 22 ? 6.906   -12.227 -3.666  1.00 19.45 ? 25  GLY A CA    1 
ATOM   176  C C     . GLY A 1 22 ? 6.797   -11.244 -4.814  1.00 24.28 ? 25  GLY A C     1 
ATOM   177  O O     . GLY A 1 22 ? 7.404   -11.467 -5.861  1.00 24.09 ? 25  GLY A O     1 
ATOM   178  N N     . TRP A 1 23 ? 6.061   -10.149 -4.629  1.00 20.29 ? 26  TRP A N     1 
ATOM   179  C CA    . TRP A 1 23 ? 5.956   -9.145  -5.691  1.00 14.93 ? 26  TRP A CA    1 
ATOM   180  C C     . TRP A 1 23 ? 6.995   -8.043  -5.554  1.00 17.35 ? 26  TRP A C     1 
ATOM   181  O O     . TRP A 1 23 ? 7.330   -7.616  -4.440  1.00 21.50 ? 26  TRP A O     1 
ATOM   182  C CB    . TRP A 1 23 ? 4.562   -8.529  -5.725  1.00 16.67 ? 26  TRP A CB    1 
ATOM   183  C CG    . TRP A 1 23 ? 3.494   -9.495  -6.098  1.00 26.33 ? 26  TRP A CG    1 
ATOM   184  C CD1   . TRP A 1 23 ? 3.558   -10.470 -7.062  1.00 28.32 ? 26  TRP A CD1   1 
ATOM   185  C CD2   . TRP A 1 23 ? 2.192   -9.603  -5.500  1.00 24.19 ? 26  TRP A CD2   1 
ATOM   186  N NE1   . TRP A 1 23 ? 2.368   -11.169 -7.103  1.00 30.90 ? 26  TRP A NE1   1 
ATOM   187  C CE2   . TRP A 1 23 ? 1.517   -10.660 -6.158  1.00 28.94 ? 26  TRP A CE2   1 
ATOM   188  C CE3   . TRP A 1 23 ? 1.534   -8.910  -4.475  1.00 19.60 ? 26  TRP A CE3   1 
ATOM   189  C CZ2   . TRP A 1 23 ? 0.210   -11.035 -5.825  1.00 29.24 ? 26  TRP A CZ2   1 
ATOM   190  C CZ3   . TRP A 1 23 ? 0.234   -9.283  -4.148  1.00 27.34 ? 26  TRP A CZ3   1 
ATOM   191  C CH2   . TRP A 1 23 ? -0.413  -10.340 -4.822  1.00 28.81 ? 26  TRP A CH2   1 
ATOM   192  N N     . THR A 1 24 ? 7.511   -7.577  -6.684  1.00 11.67 ? 27  THR A N     1 
ATOM   193  C CA    . THR A 1 24 ? 8.400   -6.428  -6.654  1.00 14.91 ? 27  THR A CA    1 
ATOM   194  C C     . THR A 1 24 ? 7.597   -5.122  -6.774  1.00 17.22 ? 27  THR A C     1 
ATOM   195  O O     . THR A 1 24 ? 6.457   -5.110  -7.250  1.00 19.12 ? 27  THR A O     1 
ATOM   196  C CB    . THR A 1 24 ? 9.425   -6.488  -7.781  1.00 18.36 ? 27  THR A CB    1 
ATOM   197  O OG1   . THR A 1 24 ? 8.745   -6.346  -9.029  1.00 15.89 ? 27  THR A OG1   1 
ATOM   198  C CG2   . THR A 1 24 ? 10.198  -7.841  -7.752  1.00 7.39  ? 27  THR A CG2   1 
ATOM   199  N N     . GLN A 1 25 ? 8.191   -4.019  -6.343  1.00 7.73  ? 28  GLN A N     1 
ATOM   200  C CA    . GLN A 1 25 ? 7.535   -2.735  -6.471  1.00 10.89 ? 28  GLN A CA    1 
ATOM   201  C C     . GLN A 1 25 ? 7.269   -2.449  -7.936  1.00 15.50 ? 28  GLN A C     1 
ATOM   202  O O     . GLN A 1 25 ? 6.188   -1.963  -8.285  1.00 19.31 ? 28  GLN A O     1 
ATOM   203  C CB    . GLN A 1 25 ? 8.377   -1.619  -5.842  1.00 7.43  ? 28  GLN A CB    1 
ATOM   204  C CG    . GLN A 1 25 ? 8.602   -1.782  -4.337  1.00 9.89  ? 28  GLN A CG    1 
ATOM   205  C CD    . GLN A 1 25 ? 9.456   -0.655  -3.794  1.00 14.76 ? 28  GLN A CD    1 
ATOM   206  O OE1   . GLN A 1 25 ? 10.042  0.101   -4.576  1.00 12.07 ? 28  GLN A OE1   1 
ATOM   207  N NE2   . GLN A 1 25 ? 9.524   -0.520  -2.463  1.00 7.76  ? 28  GLN A NE2   1 
ATOM   208  N N     . SER A 1 26 ? 8.237   -2.786  -8.792  1.00 14.96 ? 29  SER A N     1 
ATOM   209  C CA    . SER A 1 26 ? 8.114   -2.559  -10.236 1.00 15.57 ? 29  SER A CA    1 
ATOM   210  C C     . SER A 1 26 ? 6.970   -3.329  -10.880 1.00 16.28 ? 29  SER A C     1 
ATOM   211  O O     . SER A 1 26 ? 6.276   -2.803  -11.730 1.00 20.55 ? 29  SER A O     1 
ATOM   212  C CB    . SER A 1 26 ? 9.410   -2.941  -10.945 1.00 21.45 ? 29  SER A CB    1 
ATOM   213  O OG    . SER A 1 26 ? 10.314  -1.870  -10.898 1.00 29.06 ? 29  SER A OG    1 
ATOM   214  N N     . GLU A 1 27 ? 6.801   -4.583  -10.483 1.00 14.73 ? 30  GLU A N     1 
ATOM   215  C CA    . GLU A 1 27 ? 5.691   -5.404  -10.968 1.00 22.52 ? 30  GLU A CA    1 
ATOM   216  C C     . GLU A 1 27 ? 4.355   -4.740  -10.663 1.00 23.77 ? 30  GLU A C     1 
ATOM   217  O O     . GLU A 1 27 ? 3.464   -4.695  -11.506 1.00 24.61 ? 30  GLU A O     1 
ATOM   218  C CB    . GLU A 1 27 ? 5.665   -6.693  -10.191 1.00 20.73 ? 30  GLU A CB    1 
ATOM   219  C CG    . GLU A 1 27 ? 6.089   -7.900  -10.891 1.00 36.00 ? 30  GLU A CG    1 
ATOM   220  C CD    . GLU A 1 27 ? 5.971   -9.080  -9.959  1.00 44.63 ? 30  GLU A CD    1 
ATOM   221  O OE1   . GLU A 1 27 ? 6.741   -9.123  -8.968  1.00 38.67 ? 30  GLU A OE1   1 
ATOM   222  O OE2   . GLU A 1 27 ? 5.081   -9.930  -10.198 1.00 52.14 ? 30  GLU A OE2   1 
ATOM   223  N N     . LEU A 1 28 ? 4.205   -4.281  -9.421  1.00 19.70 ? 31  LEU A N     1 
ATOM   224  C CA    . LEU A 1 28 ? 2.951   -3.693  -8.992  1.00 18.15 ? 31  LEU A CA    1 
ATOM   225  C C     . LEU A 1 28 ? 2.761   -2.393  -9.739  1.00 16.58 ? 31  LEU A C     1 
ATOM   226  O O     . LEU A 1 28 ? 1.709   -2.172  -10.312 1.00 17.81 ? 31  LEU A O     1 
ATOM   227  C CB    . LEU A 1 28 ? 2.941   -3.432  -7.493  1.00 11.96 ? 31  LEU A CB    1 
ATOM   228  C CG    . LEU A 1 28 ? 3.095   -4.622  -6.556  1.00 13.60 ? 31  LEU A CG    1 
ATOM   229  C CD1   . LEU A 1 28 ? 2.946   -4.124  -5.110  1.00 12.33 ? 31  LEU A CD1   1 
ATOM   230  C CD2   . LEU A 1 28 ? 2.082   -5.724  -6.877  1.00 14.38 ? 31  LEU A CD2   1 
ATOM   231  N N     . ALA A 1 29 ? 3.796   -1.551  -9.751  1.00 13.94 ? 32  ALA A N     1 
ATOM   232  C CA    . ALA A 1 29 ? 3.733   -0.261  -10.435 1.00 16.00 ? 32  ALA A CA    1 
ATOM   233  C C     . ALA A 1 29 ? 3.270   -0.406  -11.878 1.00 19.23 ? 32  ALA A C     1 
ATOM   234  O O     . ALA A 1 29 ? 2.512   0.415   -12.385 1.00 22.09 ? 32  ALA A O     1 
ATOM   235  C CB    . ALA A 1 29 ? 5.094   0.426   -10.409 1.00 11.07 ? 32  ALA A CB    1 
ATOM   236  N N     . LYS A 1 30 ? 3.736   -1.454  -12.542 1.00 20.26 ? 33  LYS A N     1 
ATOM   237  C CA    . LYS A 1 30 ? 3.440   -1.624  -13.952 1.00 25.52 ? 33  LYS A CA    1 
ATOM   238  C C     . LYS A 1 30 ? 1.950   -1.976  -14.153 1.00 23.99 ? 33  LYS A C     1 
ATOM   239  O O     . LYS A 1 30 ? 1.293   -1.457  -15.042 1.00 29.12 ? 33  LYS A O     1 
ATOM   240  C CB    . LYS A 1 30 ? 4.349   -2.702  -14.551 1.00 29.69 ? 33  LYS A CB    1 
ATOM   241  C CG    . LYS A 1 30 ? 4.292   -2.800  -16.070 1.00 45.76 ? 33  LYS A CG    1 
ATOM   242  C CD    . LYS A 1 30 ? 4.520   -4.244  -16.545 1.00 59.88 ? 33  LYS A CD    1 
ATOM   243  C CE    . LYS A 1 30 ? 4.453   -4.371  -18.068 1.00 62.49 ? 33  LYS A CE    1 
ATOM   244  N NZ    . LYS A 1 30 ? 5.410   -3.436  -18.739 1.00 61.21 ? 33  LYS A NZ    1 
ATOM   245  N N     . LYS A 1 31 ? 1.438   -2.850  -13.300 1.00 17.34 ? 34  LYS A N     1 
ATOM   246  C CA    . LYS A 1 31 ? 0.066   -3.309  -13.352 1.00 16.50 ? 34  LYS A CA    1 
ATOM   247  C C     . LYS A 1 31 ? -0.927  -2.141  -13.199 1.00 25.41 ? 34  LYS A C     1 
ATOM   248  O O     . LYS A 1 31 ? -2.032  -2.173  -13.742 1.00 28.13 ? 34  LYS A O     1 
ATOM   249  C CB    . LYS A 1 31 ? -0.123  -4.358  -12.254 1.00 21.92 ? 34  LYS A CB    1 
ATOM   250  C CG    . LYS A 1 31 ? -1.443  -5.080  -12.243 1.00 40.35 ? 34  LYS A CG    1 
ATOM   251  C CD    . LYS A 1 31 ? -1.310  -6.469  -11.587 1.00 48.40 ? 34  LYS A CD    1 
ATOM   252  C CE    . LYS A 1 31 ? -0.559  -6.441  -10.247 1.00 51.61 ? 34  LYS A CE    1 
ATOM   253  N NZ    . LYS A 1 31 ? -0.442  -7.798  -9.573  1.00 53.77 ? 34  LYS A NZ    1 
ATOM   254  N N     . ILE A 1 32 ? -0.534  -1.087  -12.497 1.00 16.27 ? 35  ILE A N     1 
ATOM   255  C CA    . ILE A 1 32 ? -1.485  -0.019  -12.210 1.00 15.61 ? 35  ILE A CA    1 
ATOM   256  C C     . ILE A 1 32 ? -1.104  1.319   -12.807 1.00 18.87 ? 35  ILE A C     1 
ATOM   257  O O     . ILE A 1 32 ? -1.810  2.298   -12.602 1.00 20.92 ? 35  ILE A O     1 
ATOM   258  C CB    . ILE A 1 32 ? -1.679  0.171   -10.695 1.00 17.74 ? 35  ILE A CB    1 
ATOM   259  C CG1   . ILE A 1 32 ? -0.317  0.398   -10.017 1.00 14.82 ? 35  ILE A CG1   1 
ATOM   260  C CG2   . ILE A 1 32 ? -2.429  -1.013  -10.118 1.00 13.64 ? 35  ILE A CG2   1 
ATOM   261  C CD1   . ILE A 1 32 ? -0.364  0.534   -8.509  1.00 12.46 ? 35  ILE A CD1   1 
ATOM   262  N N     . GLY A 1 33 ? 0.020   1.368   -13.520 1.00 15.61 ? 36  GLY A N     1 
ATOM   263  C CA    . GLY A 1 33 ? 0.419   2.581   -14.218 1.00 7.17  ? 36  GLY A CA    1 
ATOM   264  C C     . GLY A 1 33 ? 0.975   3.728   -13.392 1.00 17.67 ? 36  GLY A C     1 
ATOM   265  O O     . GLY A 1 33 ? 0.872   4.883   -13.794 1.00 26.62 ? 36  GLY A O     1 
ATOM   266  N N     . ILE A 1 34 ? 1.578   3.443   -12.243 1.00 18.54 ? 37  ILE A N     1 
ATOM   267  C CA    . ILE A 1 34 ? 2.270   4.508   -11.510 1.00 14.27 ? 37  ILE A CA    1 
ATOM   268  C C     . ILE A 1 34 ? 3.774   4.216   -11.491 1.00 15.35 ? 37  ILE A C     1 
ATOM   269  O O     . ILE A 1 34 ? 4.219   3.169   -11.963 1.00 15.35 ? 37  ILE A O     1 
ATOM   270  C CB    . ILE A 1 34 ? 1.724   4.686   -10.055 1.00 18.12 ? 37  ILE A CB    1 
ATOM   271  C CG1   . ILE A 1 34 ? 2.137   3.513   -9.171  1.00 16.27 ? 37  ILE A CG1   1 
ATOM   272  C CG2   . ILE A 1 34 ? 0.184   4.827   -10.050 1.00 11.38 ? 37  ILE A CG2   1 
ATOM   273  C CD1   . ILE A 1 34 ? 1.607   3.613   -7.736  1.00 11.44 ? 37  ILE A CD1   1 
ATOM   274  N N     . LYS A 1 35 ? 4.557   5.138   -10.958 1.00 10.49 ? 38  LYS A N     1 
ATOM   275  C CA    . LYS A 1 35 ? 5.987   4.895   -10.820 1.00 16.16 ? 38  LYS A CA    1 
ATOM   276  C C     . LYS A 1 35 ? 6.332   3.931   -9.685  1.00 17.61 ? 38  LYS A C     1 
ATOM   277  O O     . LYS A 1 35 ? 5.699   3.935   -8.623  1.00 17.52 ? 38  LYS A O     1 
ATOM   278  C CB    . LYS A 1 35 ? 6.727   6.207   -10.577 1.00 14.42 ? 38  LYS A CB    1 
ATOM   279  C CG    . LYS A 1 35 ? 6.606   7.200   -11.707 1.00 13.94 ? 38  LYS A CG    1 
ATOM   280  C CD    . LYS A 1 35 ? 7.426   8.431   -11.377 1.00 17.56 ? 38  LYS A CD    1 
ATOM   281  C CE    . LYS A 1 35 ? 8.934   8.148   -11.447 1.00 15.35 ? 38  LYS A CE    1 
ATOM   282  N NZ    . LYS A 1 35 ? 9.711   9.309   -10.944 1.00 14.71 ? 38  LYS A NZ    1 
ATOM   283  N N     . GLN A 1 36 ? 7.361   3.123   -9.909  1.00 16.62 ? 39  GLN A N     1 
ATOM   284  C CA    . GLN A 1 36 ? 7.959   2.335   -8.841  1.00 12.28 ? 39  GLN A CA    1 
ATOM   285  C C     . GLN A 1 36 ? 8.399   3.250   -7.694  1.00 14.20 ? 39  GLN A C     1 
ATOM   286  O O     . GLN A 1 36 ? 8.214   2.918   -6.517  1.00 12.17 ? 39  GLN A O     1 
ATOM   287  C CB    . GLN A 1 36 ? 9.143   1.514   -9.377  1.00 11.15 ? 39  GLN A CB    1 
ATOM   288  C CG    . GLN A 1 36 ? 9.949   0.802   -8.295  1.00 11.78 ? 39  GLN A CG    1 
ATOM   289  C CD    . GLN A 1 36 ? 11.117  1.630   -7.811  1.00 15.84 ? 39  GLN A CD    1 
ATOM   290  O OE1   . GLN A 1 36 ? 11.792  2.308   -8.598  1.00 13.44 ? 39  GLN A OE1   1 
ATOM   291  N NE2   . GLN A 1 36 ? 11.354  1.601   -6.506  1.00 14.91 ? 39  GLN A NE2   1 
ATOM   292  N N     . ALA A 1 37 ? 8.962   4.408   -8.043  1.00 7.87  ? 40  ALA A N     1 
ATOM   293  C CA    . ALA A 1 37 ? 9.361   5.400   -7.061  1.00 12.19 ? 40  ALA A CA    1 
ATOM   294  C C     . ALA A 1 37 ? 8.218   5.740   -6.102  1.00 18.25 ? 40  ALA A C     1 
ATOM   295  O O     . ALA A 1 37 ? 8.419   5.904   -4.885  1.00 16.09 ? 40  ALA A O     1 
ATOM   296  C CB    . ALA A 1 37 ? 9.853   6.687   -7.766  1.00 14.98 ? 40  ALA A CB    1 
ATOM   297  N N     . THR A 1 38 ? 7.016   5.841   -6.655  1.00 16.44 ? 41  THR A N     1 
ATOM   298  C CA    . THR A 1 38 ? 5.854   6.223   -5.866  1.00 17.76 ? 41  THR A CA    1 
ATOM   299  C C     . THR A 1 38 ? 5.506   5.139   -4.841  1.00 15.42 ? 41  THR A C     1 
ATOM   300  O O     . THR A 1 38 ? 5.148   5.441   -3.707  1.00 13.22 ? 41  THR A O     1 
ATOM   301  C CB    . THR A 1 38 ? 4.661   6.507   -6.787  1.00 15.16 ? 41  THR A CB    1 
ATOM   302  O OG1   . THR A 1 38 ? 5.022   7.569   -7.674  1.00 11.12 ? 41  THR A OG1   1 
ATOM   303  C CG2   . THR A 1 38 ? 3.434   6.908   -5.981  1.00 11.14 ? 41  THR A CG2   1 
ATOM   304  N N     . ILE A 1 39 ? 5.638   3.878   -5.240  1.00 9.62  ? 42  ILE A N     1 
ATOM   305  C CA    . ILE A 1 39 ? 5.416   2.779   -4.317  1.00 12.67 ? 42  ILE A CA    1 
ATOM   306  C C     . ILE A 1 39 ? 6.483   2.795   -3.210  1.00 20.82 ? 42  ILE A C     1 
ATOM   307  O O     . ILE A 1 39 ? 6.184   2.590   -2.013  1.00 15.20 ? 42  ILE A O     1 
ATOM   308  C CB    . ILE A 1 39 ? 5.409   1.453   -5.060  1.00 14.84 ? 42  ILE A CB    1 
ATOM   309  C CG1   . ILE A 1 39 ? 4.276   1.469   -6.092  1.00 11.82 ? 42  ILE A CG1   1 
ATOM   310  C CG2   . ILE A 1 39 ? 5.276   0.301   -4.090  1.00 9.38  ? 42  ILE A CG2   1 
ATOM   311  C CD1   . ILE A 1 39 ? 3.918   0.099   -6.595  1.00 7.64  ? 42  ILE A CD1   1 
ATOM   312  N N     . SER A 1 40 ? 7.724   3.082   -3.604  1.00 13.37 ? 43  SER A N     1 
ATOM   313  C CA    . SER A 1 40 ? 8.795   3.203   -2.632  1.00 13.23 ? 43  SER A CA    1 
ATOM   314  C C     . SER A 1 40 ? 8.561   4.340   -1.601  1.00 14.71 ? 43  SER A C     1 
ATOM   315  O O     . SER A 1 40 ? 8.748   4.126   -0.398  1.00 11.22 ? 43  SER A O     1 
ATOM   316  C CB    . SER A 1 40 ? 10.155  3.334   -3.332  1.00 13.74 ? 43  SER A CB    1 
ATOM   317  O OG    . SER A 1 40 ? 11.195  3.523   -2.395  1.00 12.31 ? 43  SER A OG    1 
ATOM   318  N N     A ASN A 1 41 ? 8.147   5.502   -2.074  0.50 10.94 ? 44  ASN A N     1 
ATOM   319  N N     B ASN A 1 41 ? 8.169   5.546   -2.048  0.50 11.11 ? 44  ASN A N     1 
ATOM   320  C CA    A ASN A 1 41 ? 7.917   6.603   -1.164  0.50 11.62 ? 44  ASN A CA    1 
ATOM   321  C CA    B ASN A 1 41 ? 7.865   6.648   -1.098  0.50 11.48 ? 44  ASN A CA    1 
ATOM   322  C C     A ASN A 1 41 ? 6.728   6.316   -0.223  0.50 11.19 ? 44  ASN A C     1 
ATOM   323  C C     B ASN A 1 41 ? 6.761   6.204   -0.156  0.50 10.89 ? 44  ASN A C     1 
ATOM   324  O O     A ASN A 1 41 ? 6.740   6.709   0.939   0.50 10.64 ? 44  ASN A O     1 
ATOM   325  O O     B ASN A 1 41 ? 6.849   6.397   1.056   0.50 10.41 ? 44  ASN A O     1 
ATOM   326  C CB    A ASN A 1 41 ? 7.787   7.913   -1.954  0.50 10.64 ? 44  ASN A CB    1 
ATOM   327  C CB    B ASN A 1 41 ? 7.452   7.977   -1.799  0.50 9.50  ? 44  ASN A CB    1 
ATOM   328  C CG    A ASN A 1 41 ? 9.065   8.249   -2.734  0.50 9.04  ? 44  ASN A CG    1 
ATOM   329  C CG    B ASN A 1 41 ? 7.045   9.128   -0.784  0.50 23.96 ? 44  ASN A CG    1 
ATOM   330  O OD1   A ASN A 1 41 ? 10.160  7.821   -2.362  0.50 4.97  ? 44  ASN A OD1   1 
ATOM   331  O OD1   B ASN A 1 41 ? 5.865   9.291   -0.428  0.50 11.57 ? 44  ASN A OD1   1 
ATOM   332  N ND2   A ASN A 1 41 ? 8.927   9.011   -3.812  0.50 4.76  ? 44  ASN A ND2   1 
ATOM   333  N ND2   B ASN A 1 41 ? 8.025   9.933   -0.366  0.50 25.15 ? 44  ASN A ND2   1 
ATOM   334  N N     . PHE A 1 42 ? 5.727   5.594   -0.723  1.00 10.97 ? 45  PHE A N     1 
ATOM   335  C CA    . PHE A 1 42 ? 4.619   5.129   0.093   1.00 11.73 ? 45  PHE A CA    1 
ATOM   336  C C     . PHE A 1 42 ? 5.073   4.140   1.177   1.00 12.52 ? 45  PHE A C     1 
ATOM   337  O O     . PHE A 1 42 ? 4.748   4.311   2.347   1.00 17.81 ? 45  PHE A O     1 
ATOM   338  C CB    . PHE A 1 42 ? 3.521   4.477   -0.761  1.00 10.59 ? 45  PHE A CB    1 
ATOM   339  C CG    . PHE A 1 42 ? 2.549   3.644   0.048   1.00 10.24 ? 45  PHE A CG    1 
ATOM   340  C CD1   . PHE A 1 42 ? 1.694   4.249   0.968   1.00 11.98 ? 45  PHE A CD1   1 
ATOM   341  C CD2   . PHE A 1 42 ? 2.501   2.259   -0.097  1.00 7.88  ? 45  PHE A CD2   1 
ATOM   342  C CE1   . PHE A 1 42 ? 0.797   3.507   1.710   1.00 15.75 ? 45  PHE A CE1   1 
ATOM   343  C CE2   . PHE A 1 42 ? 1.588   1.492   0.648   1.00 8.60  ? 45  PHE A CE2   1 
ATOM   344  C CZ    . PHE A 1 42 ? 0.741   2.117   1.556   1.00 16.44 ? 45  PHE A CZ    1 
ATOM   345  N N     . GLU A 1 43 ? 5.817   3.107   0.801   1.00 14.94 ? 46  GLU A N     1 
ATOM   346  C CA    . GLU A 1 43 ? 6.257   2.127   1.802   1.00 16.12 ? 46  GLU A CA    1 
ATOM   347  C C     . GLU A 1 43 ? 7.150   2.760   2.880   1.00 18.78 ? 46  GLU A C     1 
ATOM   348  O O     . GLU A 1 43 ? 7.080   2.392   4.056   1.00 16.56 ? 46  GLU A O     1 
ATOM   349  C CB    . GLU A 1 43 ? 6.940   0.917   1.138   1.00 13.09 ? 46  GLU A CB    1 
ATOM   350  C CG    . GLU A 1 43 ? 5.954   0.047   0.350   1.00 17.69 ? 46  GLU A CG    1 
ATOM   351  C CD    . GLU A 1 43 ? 6.558   -1.225  -0.243  1.00 22.21 ? 46  GLU A CD    1 
ATOM   352  O OE1   . GLU A 1 43 ? 7.811   -1.374  -0.284  1.00 18.25 ? 46  GLU A OE1   1 
ATOM   353  O OE2   . GLU A 1 43 ? 5.756   -2.092  -0.654  1.00 17.81 ? 46  GLU A OE2   1 
ATOM   354  N N     . ASN A 1 44 ? 7.959   3.744   2.509   1.00 13.00 ? 47  ASN A N     1 
ATOM   355  C CA    . ASN A 1 44 ? 8.893   4.305   3.491   1.00 15.80 ? 47  ASN A CA    1 
ATOM   356  C C     . ASN A 1 44 ? 8.495   5.623   4.086   1.00 17.23 ? 47  ASN A C     1 
ATOM   357  O O     . ASN A 1 44 ? 8.973   5.976   5.149   1.00 17.81 ? 47  ASN A O     1 
ATOM   358  C CB    . ASN A 1 44 ? 10.286  4.422   2.895   1.00 13.12 ? 47  ASN A CB    1 
ATOM   359  C CG    . ASN A 1 44 ? 10.827  3.089   2.541   1.00 21.58 ? 47  ASN A CG    1 
ATOM   360  O OD1   . ASN A 1 44 ? 11.200  2.320   3.427   1.00 30.32 ? 47  ASN A OD1   1 
ATOM   361  N ND2   . ASN A 1 44 ? 10.793  2.754   1.259   1.00 20.21 ? 47  ASN A ND2   1 
ATOM   362  N N     . ASN A 1 45 ? 7.619   6.350   3.408   1.00 14.46 ? 48  ASN A N     1 
ATOM   363  C CA    . ASN A 1 45 ? 7.285   7.684   3.876   1.00 13.10 ? 48  ASN A CA    1 
ATOM   364  C C     . ASN A 1 45 ? 5.809   7.997   3.578   1.00 14.12 ? 48  ASN A C     1 
ATOM   365  O O     . ASN A 1 45 ? 5.507   8.896   2.801   1.00 16.60 ? 48  ASN A O     1 
ATOM   366  C CB    . ASN A 1 45 ? 8.252   8.647   3.187   1.00 13.18 ? 48  ASN A CB    1 
ATOM   367  C CG    . ASN A 1 45 ? 8.117   10.076  3.667   1.00 29.62 ? 48  ASN A CG    1 
ATOM   368  O OD1   . ASN A 1 45 ? 7.959   10.346  4.862   1.00 34.83 ? 48  ASN A OD1   1 
ATOM   369  N ND2   . ASN A 1 45 ? 8.177   11.014  2.720   1.00 32.61 ? 48  ASN A ND2   1 
ATOM   370  N N     . PRO A 1 46 ? 4.878   7.219   4.174   1.00 15.65 ? 49  PRO A N     1 
ATOM   371  C CA    . PRO A 1 46 ? 3.472   7.283   3.739   1.00 14.61 ? 49  PRO A CA    1 
ATOM   372  C C     . PRO A 1 46 ? 2.643   8.494   4.194   1.00 16.07 ? 49  PRO A C     1 
ATOM   373  O O     . PRO A 1 46 ? 1.534   8.642   3.685   1.00 16.53 ? 49  PRO A O     1 
ATOM   374  C CB    . PRO A 1 46 ? 2.860   6.030   4.353   1.00 9.25  ? 49  PRO A CB    1 
ATOM   375  C CG    . PRO A 1 46 ? 3.695   5.799   5.603   1.00 16.03 ? 49  PRO A CG    1 
ATOM   376  C CD    . PRO A 1 46 ? 5.096   6.146   5.167   1.00 10.91 ? 49  PRO A CD    1 
ATOM   377  N N     . ASP A 1 47 ? 3.143   9.332   5.093   1.00 12.02 ? 50  ASP A N     1 
ATOM   378  C CA    . ASP A 1 47 ? 2.289   10.358  5.720   1.00 13.15 ? 50  ASP A CA    1 
ATOM   379  C C     . ASP A 1 47 ? 1.549   11.261  4.731   1.00 15.80 ? 50  ASP A C     1 
ATOM   380  O O     . ASP A 1 47 ? 0.380   11.587  4.940   1.00 17.56 ? 50  ASP A O     1 
ATOM   381  C CB    . ASP A 1 47 ? 3.075   11.224  6.715   1.00 16.81 ? 50  ASP A CB    1 
ATOM   382  C CG    . ASP A 1 47 ? 3.322   10.522  8.045   1.00 26.34 ? 50  ASP A CG    1 
ATOM   383  O OD1   . ASP A 1 47 ? 2.668   9.500   8.319   1.00 25.28 ? 50  ASP A OD1   1 
ATOM   384  O OD2   . ASP A 1 47 ? 4.164   11.008  8.831   1.00 36.67 ? 50  ASP A OD2   1 
ATOM   385  N N     . ASN A 1 48 ? 2.214   11.632  3.646   1.00 13.51 ? 51  ASN A N     1 
ATOM   386  C CA    . ASN A 1 48 ? 1.627   12.552  2.684   1.00 15.55 ? 51  ASN A CA    1 
ATOM   387  C C     . ASN A 1 48 ? 1.284   11.901  1.365   1.00 17.39 ? 51  ASN A C     1 
ATOM   388  O O     . ASN A 1 48 ? 0.953   12.591  0.418   1.00 21.41 ? 51  ASN A O     1 
ATOM   389  C CB    . ASN A 1 48 ? 2.569   13.723  2.424   1.00 14.27 ? 51  ASN A CB    1 
ATOM   390  C CG    . ASN A 1 48 ? 2.950   14.438  3.693   1.00 24.72 ? 51  ASN A CG    1 
ATOM   391  O OD1   . ASN A 1 48 ? 2.087   14.896  4.435   1.00 34.48 ? 51  ASN A OD1   1 
ATOM   392  N ND2   . ASN A 1 48 ? 4.243   14.509  3.971   1.00 24.54 ? 51  ASN A ND2   1 
ATOM   393  N N     . THR A 1 49 ? 1.412   10.584  1.288   1.00 13.22 ? 52  THR A N     1 
ATOM   394  C CA    . THR A 1 49 ? 0.942   9.848   0.127   1.00 18.28 ? 52  THR A CA    1 
ATOM   395  C C     . THR A 1 49 ? -0.548  10.144  -0.122  1.00 12.86 ? 52  THR A C     1 
ATOM   396  O O     . THR A 1 49 ? -1.330  10.256  0.825   1.00 13.41 ? 52  THR A O     1 
ATOM   397  C CB    . THR A 1 49 ? 1.113   8.344   0.371   1.00 17.87 ? 52  THR A CB    1 
ATOM   398  O OG1   . THR A 1 49 ? 2.503   8.048   0.462   1.00 21.02 ? 52  THR A OG1   1 
ATOM   399  C CG2   . THR A 1 49 ? 0.503   7.529   -0.756  1.00 13.80 ? 52  THR A CG2   1 
ATOM   400  N N     . THR A 1 50 ? -0.950  10.273  -1.380  1.00 8.59  ? 53  THR A N     1 
ATOM   401  C CA    . THR A 1 50 ? -2.359  10.573  -1.664  1.00 14.44 ? 53  THR A CA    1 
ATOM   402  C C     . THR A 1 50 ? -3.243  9.342   -1.568  1.00 15.98 ? 53  THR A C     1 
ATOM   403  O O     . THR A 1 50 ? -2.777  8.212   -1.772  1.00 14.62 ? 53  THR A O     1 
ATOM   404  C CB    . THR A 1 50 ? -2.535  11.134  -3.072  1.00 15.07 ? 53  THR A CB    1 
ATOM   405  O OG1   . THR A 1 50 ? -2.189  10.116  -4.026  1.00 11.45 ? 53  THR A OG1   1 
ATOM   406  C CG2   . THR A 1 50 ? -1.632  12.348  -3.257  1.00 10.19 ? 53  THR A CG2   1 
ATOM   407  N N     . LEU A 1 51 ? -4.524  9.562   -1.287  1.00 13.20 ? 54  LEU A N     1 
ATOM   408  C CA    . LEU A 1 51 ? -5.486  8.463   -1.285  1.00 14.00 ? 54  LEU A CA    1 
ATOM   409  C C     . LEU A 1 51 ? -5.524  7.706   -2.617  1.00 12.55 ? 54  LEU A C     1 
ATOM   410  O O     . LEU A 1 51 ? -5.688  6.481   -2.644  1.00 17.43 ? 54  LEU A O     1 
ATOM   411  C CB    . LEU A 1 51 ? -6.875  8.977   -0.956  1.00 9.67  ? 54  LEU A CB    1 
ATOM   412  C CG    . LEU A 1 51 ? -6.998  9.451   0.473   1.00 12.27 ? 54  LEU A CG    1 
ATOM   413  C CD1   . LEU A 1 51 ? -8.381  10.016  0.695   1.00 10.23 ? 54  LEU A CD1   1 
ATOM   414  C CD2   . LEU A 1 51 ? -6.720  8.278   1.403   1.00 15.63 ? 54  LEU A CD2   1 
ATOM   415  N N     . THR A 1 52 ? -5.362  8.435   -3.714  1.00 9.87  ? 55  THR A N     1 
ATOM   416  C CA    . THR A 1 52 ? -5.322  7.799   -5.030  1.00 12.96 ? 55  THR A CA    1 
ATOM   417  C C     . THR A 1 52 ? -4.224  6.736   -5.084  1.00 14.24 ? 55  THR A C     1 
ATOM   418  O O     . THR A 1 52 ? -4.484  5.574   -5.428  1.00 14.17 ? 55  THR A O     1 
ATOM   419  C CB    . THR A 1 52 ? -5.153  8.833   -6.160  1.00 16.48 ? 55  THR A CB    1 
ATOM   420  O OG1   . THR A 1 52 ? -6.371  9.583   -6.279  1.00 15.33 ? 55  THR A OG1   1 
ATOM   421  C CG2   . THR A 1 52 ? -4.894  8.142   -7.488  1.00 15.12 ? 55  THR A CG2   1 
ATOM   422  N N     . THR A 1 53 ? -3.011  7.118   -4.694  1.00 10.68 ? 56  THR A N     1 
ATOM   423  C CA    . THR A 1 53 ? -1.893  6.184   -4.730  1.00 13.03 ? 56  THR A CA    1 
ATOM   424  C C     . THR A 1 53 ? -2.221  4.944   -3.889  1.00 16.39 ? 56  THR A C     1 
ATOM   425  O O     . THR A 1 53 ? -1.977  3.796   -4.296  1.00 12.39 ? 56  THR A O     1 
ATOM   426  C CB    . THR A 1 53 ? -0.622  6.845   -4.199  1.00 11.28 ? 56  THR A CB    1 
ATOM   427  O OG1   . THR A 1 53 ? -0.182  7.838   -5.128  1.00 13.34 ? 56  THR A OG1   1 
ATOM   428  C CG2   . THR A 1 53 ? 0.477   5.820   -3.981  1.00 9.27  ? 56  THR A CG2   1 
ATOM   429  N N     . PHE A 1 54 ? -2.802  5.197   -2.724  1.00 8.13  ? 57  PHE A N     1 
ATOM   430  C CA    . PHE A 1 54 ? -3.161  4.146   -1.796  1.00 9.95  ? 57  PHE A CA    1 
ATOM   431  C C     . PHE A 1 54 ? -4.132  3.150   -2.457  1.00 12.67 ? 57  PHE A C     1 
ATOM   432  O O     . PHE A 1 54 ? -3.905  1.932   -2.432  1.00 14.21 ? 57  PHE A O     1 
ATOM   433  C CB    . PHE A 1 54 ? -3.773  4.763   -0.528  1.00 5.25  ? 57  PHE A CB    1 
ATOM   434  C CG    . PHE A 1 54 ? -4.521  3.785   0.322   1.00 6.77  ? 57  PHE A CG    1 
ATOM   435  C CD1   . PHE A 1 54 ? -3.964  2.555   0.657   1.00 6.78  ? 57  PHE A CD1   1 
ATOM   436  C CD2   . PHE A 1 54 ? -5.776  4.105   0.824   1.00 12.38 ? 57  PHE A CD2   1 
ATOM   437  C CE1   . PHE A 1 54 ? -4.661  1.647   1.450   1.00 11.36 ? 57  PHE A CE1   1 
ATOM   438  C CE2   . PHE A 1 54 ? -6.470  3.209   1.640   1.00 12.71 ? 57  PHE A CE2   1 
ATOM   439  C CZ    . PHE A 1 54 ? -5.914  1.974   1.944   1.00 12.21 ? 57  PHE A CZ    1 
ATOM   440  N N     . PHE A 1 55 ? -5.197  3.659   -3.071  1.00 11.26 ? 58  PHE A N     1 
ATOM   441  C CA    . PHE A 1 55 ? -6.173  2.761   -3.685  1.00 8.34  ? 58  PHE A CA    1 
ATOM   442  C C     . PHE A 1 55 ? -5.659  2.023   -4.904  1.00 8.62  ? 58  PHE A C     1 
ATOM   443  O O     . PHE A 1 55 ? -6.097  0.915   -5.170  1.00 10.17 ? 58  PHE A O     1 
ATOM   444  C CB    . PHE A 1 55 ? -7.521  3.455   -3.957  1.00 4.73  ? 58  PHE A CB    1 
ATOM   445  C CG    . PHE A 1 55 ? -8.354  3.578   -2.721  1.00 9.68  ? 58  PHE A CG    1 
ATOM   446  C CD1   . PHE A 1 55 ? -9.034  2.465   -2.218  1.00 6.74  ? 58  PHE A CD1   1 
ATOM   447  C CD2   . PHE A 1 55 ? -8.397  4.764   -2.018  1.00 7.07  ? 58  PHE A CD2   1 
ATOM   448  C CE1   . PHE A 1 55 ? -9.776  2.543   -1.043  1.00 5.19  ? 58  PHE A CE1   1 
ATOM   449  C CE2   . PHE A 1 55 ? -9.131  4.856   -0.830  1.00 12.12 ? 58  PHE A CE2   1 
ATOM   450  C CZ    . PHE A 1 55 ? -9.816  3.745   -0.338  1.00 9.81  ? 58  PHE A CZ    1 
ATOM   451  N N     . LYS A 1 56 ? -4.726  2.623   -5.630  1.00 7.77  ? 59  LYS A N     1 
ATOM   452  C CA    . LYS A 1 56 ? -4.164  1.942   -6.786  1.00 11.03 ? 59  LYS A CA    1 
ATOM   453  C C     . LYS A 1 56 ? -3.270  0.796   -6.330  1.00 11.41 ? 59  LYS A C     1 
ATOM   454  O O     . LYS A 1 56 ? -3.322  -0.296  -6.871  1.00 14.59 ? 59  LYS A O     1 
ATOM   455  C CB    . LYS A 1 56 ? -3.394  2.923   -7.668  1.00 9.77  ? 59  LYS A CB    1 
ATOM   456  C CG    . LYS A 1 56 ? -4.317  3.896   -8.401  1.00 11.31 ? 59  LYS A CG    1 
ATOM   457  C CD    . LYS A 1 56 ? -3.527  4.772   -9.339  1.00 10.16 ? 59  LYS A CD    1 
ATOM   458  C CE    . LYS A 1 56 ? -4.414  5.572   -10.261 1.00 13.68 ? 59  LYS A CE    1 
ATOM   459  N NZ    . LYS A 1 56 ? -3.592  6.489   -11.106 1.00 10.93 ? 59  LYS A NZ    1 
ATOM   460  N N     . ILE A 1 57 ? -2.472  1.041   -5.305  1.00 9.11  ? 60  ILE A N     1 
ATOM   461  C CA    . ILE A 1 57 ? -1.600  -0.002  -4.798  1.00 10.40 ? 60  ILE A CA    1 
ATOM   462  C C     . ILE A 1 57 ? -2.431  -1.124  -4.200  1.00 10.84 ? 60  ILE A C     1 
ATOM   463  O O     . ILE A 1 57 ? -2.071  -2.299  -4.331  1.00 13.25 ? 60  ILE A O     1 
ATOM   464  C CB    . ILE A 1 57 ? -0.598  0.561   -3.776  1.00 10.12 ? 60  ILE A CB    1 
ATOM   465  C CG1   . ILE A 1 57 ? 0.253   1.648   -4.439  1.00 8.86  ? 60  ILE A CG1   1 
ATOM   466  C CG2   . ILE A 1 57 ? 0.345   -0.534  -3.254  1.00 6.47  ? 60  ILE A CG2   1 
ATOM   467  C CD1   . ILE A 1 57 ? 1.304   2.248   -3.522  1.00 9.46  ? 60  ILE A CD1   1 
ATOM   468  N N     . LEU A 1 58 ? -3.553  -0.775  -3.566  1.00 13.37 ? 61  LEU A N     1 
ATOM   469  C CA    . LEU A 1 58 ? -4.454  -1.803  -3.036  1.00 11.85 ? 61  LEU A CA    1 
ATOM   470  C C     . LEU A 1 58 ? -4.890  -2.731  -4.148  1.00 14.74 ? 61  LEU A C     1 
ATOM   471  O O     . LEU A 1 58 ? -4.908  -3.961  -3.974  1.00 12.80 ? 61  LEU A O     1 
ATOM   472  C CB    . LEU A 1 58 ? -5.724  -1.214  -2.442  1.00 10.51 ? 61  LEU A CB    1 
ATOM   473  C CG    . LEU A 1 58 ? -5.801  -0.803  -0.988  1.00 17.16 ? 61  LEU A CG    1 
ATOM   474  C CD1   . LEU A 1 58 ? -7.201  -0.278  -0.726  1.00 17.14 ? 61  LEU A CD1   1 
ATOM   475  C CD2   . LEU A 1 58 ? -5.478  -1.941  -0.030  1.00 9.34  ? 61  LEU A CD2   1 
ATOM   476  N N     . GLN A 1 59 ? -5.279  -2.136  -5.275  1.00 6.94  ? 62  GLN A N     1 
ATOM   477  C CA    . GLN A 1 59 ? -5.716  -2.927  -6.397  1.00 16.12 ? 62  GLN A CA    1 
ATOM   478  C C     . GLN A 1 59 ? -4.590  -3.854  -6.836  1.00 17.49 ? 62  GLN A C     1 
ATOM   479  O O     . GLN A 1 59 ? -4.797  -5.057  -6.982  1.00 19.55 ? 62  GLN A O     1 
ATOM   480  C CB    . GLN A 1 59 ? -6.143  -2.063  -7.579  1.00 15.68 ? 62  GLN A CB    1 
ATOM   481  C CG    . GLN A 1 59 ? -6.769  -2.920  -8.684  1.00 21.45 ? 62  GLN A CG    1 
ATOM   482  C CD    . GLN A 1 59 ? -6.714  -2.292  -10.081 1.00 27.05 ? 62  GLN A CD    1 
ATOM   483  O OE1   . GLN A 1 59 ? -6.144  -1.220  -10.285 1.00 25.60 ? 62  GLN A OE1   1 
ATOM   484  N NE2   . GLN A 1 59 ? -7.321  -2.967  -11.045 1.00 28.06 ? 62  GLN A NE2   1 
ATOM   485  N N     . SER A 1 60 ? -3.398  -3.300  -7.039  1.00 12.27 ? 63  SER A N     1 
ATOM   486  C CA    . SER A 1 60 ? -2.265  -4.128  -7.458  1.00 14.87 ? 63  SER A CA    1 
ATOM   487  C C     . SER A 1 60 ? -1.980  -5.257  -6.461  1.00 13.81 ? 63  SER A C     1 
ATOM   488  O O     . SER A 1 60 ? -1.477  -6.283  -6.846  1.00 15.58 ? 63  SER A O     1 
ATOM   489  C CB    . SER A 1 60 ? -1.016  -3.293  -7.664  1.00 13.31 ? 63  SER A CB    1 
ATOM   490  O OG    . SER A 1 60 ? -0.393  -3.028  -6.423  1.00 17.47 ? 63  SER A OG    1 
ATOM   491  N N     . LEU A 1 61 ? -2.322  -5.073  -5.190  1.00 12.02 ? 64  LEU A N     1 
ATOM   492  C CA    . LEU A 1 61 ? -2.101  -6.122  -4.204  1.00 11.66 ? 64  LEU A CA    1 
ATOM   493  C C     . LEU A 1 61 ? -3.285  -7.082  -4.104  1.00 16.62 ? 64  LEU A C     1 
ATOM   494  O O     . LEU A 1 61 ? -3.260  -8.007  -3.293  1.00 18.14 ? 64  LEU A O     1 
ATOM   495  C CB    . LEU A 1 61 ? -1.808  -5.518  -2.821  1.00 9.55  ? 64  LEU A CB    1 
ATOM   496  C CG    . LEU A 1 61 ? -0.501  -4.740  -2.669  1.00 12.25 ? 64  LEU A CG    1 
ATOM   497  C CD1   . LEU A 1 61 ? -0.483  -4.058  -1.322  1.00 10.94 ? 64  LEU A CD1   1 
ATOM   498  C CD2   . LEU A 1 61 ? 0.709   -5.680  -2.808  1.00 11.35 ? 64  LEU A CD2   1 
ATOM   499  N N     . GLU A 1 62 ? -4.320  -6.850  -4.910  1.00 12.76 ? 65  GLU A N     1 
ATOM   500  C CA    . GLU A 1 62 ? -5.527  -7.680  -4.881  1.00 17.92 ? 65  GLU A CA    1 
ATOM   501  C C     . GLU A 1 62 ? -6.255  -7.505  -3.561  1.00 18.41 ? 65  GLU A C     1 
ATOM   502  O O     . GLU A 1 62 ? -6.893  -8.436  -3.051  1.00 16.08 ? 65  GLU A O     1 
ATOM   503  C CB    . GLU A 1 62 ? -5.193  -9.161  -5.174  1.00 15.47 ? 65  GLU A CB    1 
ATOM   504  C CG    . GLU A 1 62 ? -4.815  -9.372  -6.636  1.00 32.14 ? 65  GLU A CG    1 
ATOM   505  C CD    . GLU A 1 62 ? -4.145  -10.714 -6.915  1.00 55.31 ? 65  GLU A CD    1 
ATOM   506  O OE1   . GLU A 1 62 ? -4.197  -11.613 -6.044  1.00 64.05 ? 65  GLU A OE1   1 
ATOM   507  O OE2   . GLU A 1 62 ? -3.550  -10.863 -8.012  1.00 61.56 ? 65  GLU A OE2   1 
ATOM   508  N N     . LEU A 1 63 ? -6.149  -6.293  -3.015  1.00 14.79 ? 66  LEU A N     1 
ATOM   509  C CA    . LEU A 1 63 ? -6.792  -5.958  -1.752  1.00 14.98 ? 66  LEU A CA    1 
ATOM   510  C C     . LEU A 1 63 ? -7.899  -4.923  -1.905  1.00 12.45 ? 66  LEU A C     1 
ATOM   511  O O     . LEU A 1 63 ? -7.986  -4.210  -2.897  1.00 14.10 ? 66  LEU A O     1 
ATOM   512  C CB    . LEU A 1 63 ? -5.765  -5.420  -0.761  1.00 11.17 ? 66  LEU A CB    1 
ATOM   513  C CG    . LEU A 1 63 ? -4.652  -6.377  -0.364  1.00 17.35 ? 66  LEU A CG    1 
ATOM   514  C CD1   . LEU A 1 63 ? -3.626  -5.612  0.508   1.00 6.67  ? 66  LEU A CD1   1 
ATOM   515  C CD2   . LEU A 1 63 ? -5.232  -7.610  0.370   1.00 10.13 ? 66  LEU A CD2   1 
ATOM   516  N N     . SER A 1 64 ? -8.728  -4.843  -0.881  1.00 12.12 ? 67  SER A N     1 
ATOM   517  C CA    . SER A 1 64 ? -9.682  -3.764  -0.729  1.00 16.13 ? 67  SER A CA    1 
ATOM   518  C C     . SER A 1 64 ? -9.518  -3.333  0.726   1.00 16.11 ? 67  SER A C     1 
ATOM   519  O O     . SER A 1 64 ? -8.627  -3.826  1.406   1.00 12.52 ? 67  SER A O     1 
ATOM   520  C CB    . SER A 1 64 ? -11.082 -4.326  -0.938  1.00 16.18 ? 67  SER A CB    1 
ATOM   521  O OG    . SER A 1 64 ? -12.023 -3.305  -0.763  1.00 26.71 ? 67  SER A OG    1 
ATOM   522  N N     . MET A 1 65 ? -10.390 -2.470  1.236   1.00 12.22 ? 68  MET A N     1 
ATOM   523  C CA    . MET A 1 65 ? -10.347 -2.136  2.658   1.00 12.12 ? 68  MET A CA    1 
ATOM   524  C C     . MET A 1 65 ? -11.757 -1.889  3.135   1.00 11.80 ? 68  MET A C     1 
ATOM   525  O O     . MET A 1 65 ? -12.651 -1.697  2.317   1.00 12.74 ? 68  MET A O     1 
ATOM   526  C CB    . MET A 1 65 ? -9.537  -0.858  2.875   1.00 7.63  ? 68  MET A CB    1 
ATOM   527  C CG    . MET A 1 65 ? -10.100 0.308   2.079   1.00 18.17 ? 68  MET A CG    1 
ATOM   528  S SD    . MET A 1 65 ? -10.183 1.851   2.988   1.00 25.15 ? 68  MET A SD    1 
ATOM   529  C CE    . MET A 1 65 ? -11.571 1.595   4.022   1.00 19.31 ? 68  MET A CE    1 
ATOM   530  N N     . THR A 1 66 ? -11.961 -1.892  4.449   1.00 9.50  ? 69  THR A N     1 
ATOM   531  C CA    . THR A 1 66 ? -13.261 -1.533  5.020   1.00 15.53 ? 69  THR A CA    1 
ATOM   532  C C     . THR A 1 66 ? -13.016 -0.687  6.252   1.00 14.98 ? 69  THR A C     1 
ATOM   533  O O     . THR A 1 66 ? -11.947 -0.746  6.857   1.00 16.46 ? 69  THR A O     1 
ATOM   534  C CB    . THR A 1 66 ? -14.118 -2.770  5.452   1.00 21.39 ? 69  THR A CB    1 
ATOM   535  O OG1   . THR A 1 66 ? -13.474 -3.453  6.531   1.00 28.43 ? 69  THR A OG1   1 
ATOM   536  C CG2   . THR A 1 66 ? -14.254 -3.753  4.328   1.00 27.53 ? 69  THR A CG2   1 
ATOM   537  N N     . LEU A 1 67 ? -14.008 0.112   6.608   1.00 9.84  ? 70  LEU A N     1 
ATOM   538  C CA    . LEU A 1 67 ? -13.987 0.833   7.850   1.00 13.12 ? 70  LEU A CA    1 
ATOM   539  C C     . LEU A 1 67 ? -14.398 -0.119  8.965   1.00 14.30 ? 70  LEU A C     1 
ATOM   540  O O     . LEU A 1 67 ? -15.009 -1.137  8.714   1.00 12.86 ? 70  LEU A O     1 
ATOM   541  C CB    . LEU A 1 67 ? -14.999 1.959   7.785   1.00 6.77  ? 70  LEU A CB    1 
ATOM   542  C CG    . LEU A 1 67 ? -14.685 2.966   6.688   1.00 15.74 ? 70  LEU A CG    1 
ATOM   543  C CD1   . LEU A 1 67 ? -15.884 3.893   6.454   1.00 12.25 ? 70  LEU A CD1   1 
ATOM   544  C CD2   . LEU A 1 67 ? -13.440 3.750   7.084   1.00 10.15 ? 70  LEU A CD2   1 
ATOM   545  N N     . CYS A 1 68 ? -14.065 0.223   10.196  1.00 9.87  ? 71  CYS A N     1 
ATOM   546  C CA    . CYS A 1 68 ? -14.580 -0.507  11.330  1.00 18.45 ? 71  CYS A CA    1 
ATOM   547  C C     . CYS A 1 68 ? -14.442 0.378   12.556  1.00 17.52 ? 71  CYS A C     1 
ATOM   548  O O     . CYS A 1 68 ? -13.862 1.469   12.486  1.00 15.80 ? 71  CYS A O     1 
ATOM   549  C CB    . CYS A 1 68 ? -13.789 -1.798  11.520  1.00 24.02 ? 71  CYS A CB    1 
ATOM   550  S SG    . CYS A 1 68 ? -12.053 -1.492  11.734  1.00 31.54 ? 71  CYS A SG    1 
ATOM   551  N N     . ASP A 1 69 ? -14.973 -0.084  13.683  1.00 18.17 ? 72  ASP A N     1 
ATOM   552  C CA    . ASP A 1 69 ? -14.949 0.728   14.897  1.00 25.46 ? 72  ASP A CA    1 
ATOM   553  C C     . ASP A 1 69 ? -13.539 0.838   15.425  1.00 21.19 ? 72  ASP A C     1 
ATOM   554  O O     . ASP A 1 69 ? -12.753 -0.097  15.302  1.00 18.41 ? 72  ASP A O     1 
ATOM   555  C CB    . ASP A 1 69 ? -15.905 0.160   15.941  1.00 36.37 ? 72  ASP A CB    1 
ATOM   556  C CG    . ASP A 1 69 ? -17.325 0.027   15.393  1.00 56.37 ? 72  ASP A CG    1 
ATOM   557  O OD1   . ASP A 1 69 ? -17.823 0.990   14.755  1.00 57.28 ? 72  ASP A OD1   1 
ATOM   558  O OD2   . ASP A 1 69 ? -17.935 -1.052  15.564  1.00 65.93 ? 72  ASP A OD2   1 
ATOM   559  N N     . ALA A 1 70 ? -13.202 1.991   15.992  1.00 23.03 ? 73  ALA A N     1 
ATOM   560  C CA    . ALA A 1 70 ? -11.867 2.175   16.568  1.00 26.11 ? 73  ALA A CA    1 
ATOM   561  C C     . ALA A 1 70 ? -11.667 1.217   17.756  1.00 33.59 ? 73  ALA A C     1 
ATOM   562  O O     . ALA A 1 70 ? -10.533 0.966   18.182  1.00 29.72 ? 73  ALA A O     1 
ATOM   563  C CB    . ALA A 1 70 ? -11.656 3.648   16.989  1.00 11.82 ? 73  ALA A CB    1 
ATOM   564  N N     . LYS A 1 71 ? -12.796 0.662   18.216  1.00 44.72 ? 74  LYS A N     1 
ATOM   565  C CA    . LYS A 1 71 ? -12.956 -0.172  19.411  1.00 51.93 ? 74  LYS A CA    1 
ATOM   566  C C     . LYS A 1 71 ? -12.370 0.508   20.619  1.00 66.25 ? 74  LYS A C     1 
ATOM   567  O O     . LYS A 1 71 ? -12.913 1.517   21.082  1.00 64.24 ? 74  LYS A O     1 
ATOM   568  C CB    . LYS A 1 71 ? -12.393 -1.589  19.259  1.00 50.35 ? 74  LYS A CB    1 
ATOM   569  C CG    . LYS A 1 71 ? -12.927 -2.561  20.343  1.00 63.94 ? 74  LYS A CG    1 
ATOM   570  C CD    . LYS A 1 71 ? -12.200 -3.910  20.372  1.00 60.99 ? 74  LYS A CD    1 
ATOM   571  C CE    . LYS A 1 71 ? -10.721 -3.753  20.738  1.00 56.04 ? 74  LYS A CE    1 
ATOM   572  N NZ    . LYS A 1 71 ? -9.823  -3.700  19.544  1.00 51.42 ? 74  LYS A NZ    1 
ATOM   573  O OXT   . LYS A 1 71 ? -11.349 0.053   21.138  1.00 80.74 ? 74  LYS A OXT   1 
ATOM   574  O "O5'" . DT  B 2 1  ? 13.509  -7.255  -8.830  1.00 24.32 ? 1   DT  B "O5'" 1 
ATOM   575  C "C5'" . DT  B 2 1  ? 14.067  -7.696  -7.601  1.00 15.67 ? 1   DT  B "C5'" 1 
ATOM   576  C "C4'" . DT  B 2 1  ? 14.494  -6.520  -6.756  1.00 16.07 ? 1   DT  B "C4'" 1 
ATOM   577  O "O4'" . DT  B 2 1  ? 15.625  -5.874  -7.355  1.00 16.90 ? 1   DT  B "O4'" 1 
ATOM   578  C "C3'" . DT  B 2 1  ? 13.442  -5.436  -6.513  1.00 12.58 ? 1   DT  B "C3'" 1 
ATOM   579  O "O3'" . DT  B 2 1  ? 13.052  -5.571  -5.145  1.00 14.34 ? 1   DT  B "O3'" 1 
ATOM   580  C "C2'" . DT  B 2 1  ? 14.142  -4.128  -6.865  1.00 14.45 ? 1   DT  B "C2'" 1 
ATOM   581  C "C1'" . DT  B 2 1  ? 15.602  -4.493  -7.086  1.00 16.00 ? 1   DT  B "C1'" 1 
ATOM   582  N N1    . DT  B 2 1  ? 16.279  -3.818  -8.208  1.00 14.22 ? 1   DT  B N1    1 
ATOM   583  C C2    . DT  B 2 1  ? 17.450  -3.140  -7.964  1.00 15.74 ? 1   DT  B C2    1 
ATOM   584  O O2    . DT  B 2 1  ? 17.917  -2.999  -6.852  1.00 14.92 ? 1   DT  B O2    1 
ATOM   585  N N3    . DT  B 2 1  ? 18.042  -2.606  -9.080  1.00 14.24 ? 1   DT  B N3    1 
ATOM   586  C C4    . DT  B 2 1  ? 17.610  -2.709  -10.384 1.00 15.06 ? 1   DT  B C4    1 
ATOM   587  O O4    . DT  B 2 1  ? 18.243  -2.172  -11.279 1.00 16.52 ? 1   DT  B O4    1 
ATOM   588  C C5    . DT  B 2 1  ? 16.388  -3.454  -10.568 1.00 17.16 ? 1   DT  B C5    1 
ATOM   589  C C7    . DT  B 2 1  ? 15.830  -3.606  -11.947 1.00 11.21 ? 1   DT  B C7    1 
ATOM   590  C C6    . DT  B 2 1  ? 15.807  -3.984  -9.487  1.00 12.40 ? 1   DT  B C6    1 
ATOM   591  P P     . DT  B 2 2  ? 11.854  -4.763  -4.519  1.00 15.54 ? 2   DT  B P     1 
ATOM   592  O OP1   . DT  B 2 2  ? 11.444  -5.455  -3.312  1.00 17.34 ? 2   DT  B OP1   1 
ATOM   593  O OP2   . DT  B 2 2  ? 10.888  -4.480  -5.559  1.00 15.17 ? 2   DT  B OP2   1 
ATOM   594  O "O5'" . DT  B 2 2  ? 12.542  -3.414  -4.071  1.00 18.57 ? 2   DT  B "O5'" 1 
ATOM   595  C "C5'" . DT  B 2 2  ? 13.678  -3.451  -3.215  1.00 11.31 ? 2   DT  B "C5'" 1 
ATOM   596  C "C4'" . DT  B 2 2  ? 14.313  -2.088  -3.120  1.00 17.12 ? 2   DT  B "C4'" 1 
ATOM   597  O "O4'" . DT  B 2 2  ? 15.079  -1.804  -4.307  1.00 17.76 ? 2   DT  B "O4'" 1 
ATOM   598  C "C3'" . DT  B 2 2  ? 13.350  -0.913  -2.922  1.00 20.86 ? 2   DT  B "C3'" 1 
ATOM   599  O "O3'" . DT  B 2 2  ? 13.874  -0.170  -1.831  1.00 18.35 ? 2   DT  B "O3'" 1 
ATOM   600  C "C2'" . DT  B 2 2  ? 13.505  -0.104  -4.195  1.00 22.81 ? 2   DT  B "C2'" 1 
ATOM   601  C "C1'" . DT  B 2 2  ? 14.912  -0.448  -4.630  1.00 23.73 ? 2   DT  B "C1'" 1 
ATOM   602  N N1    . DT  B 2 2  ? 15.194  -0.287  -6.058  1.00 18.25 ? 2   DT  B N1    1 
ATOM   603  C C2    . DT  B 2 2  ? 16.406  0.248   -6.418  1.00 15.51 ? 2   DT  B C2    1 
ATOM   604  O O2    . DT  B 2 2  ? 17.234  0.616   -5.609  1.00 17.95 ? 2   DT  B O2    1 
ATOM   605  N N3    . DT  B 2 2  ? 16.600  0.365   -7.768  1.00 13.07 ? 2   DT  B N3    1 
ATOM   606  C C4    . DT  B 2 2  ? 15.732  -0.015  -8.769  1.00 12.12 ? 2   DT  B C4    1 
ATOM   607  O O4    . DT  B 2 2  ? 16.046  0.139   -9.937  1.00 16.61 ? 2   DT  B O4    1 
ATOM   608  C C5    . DT  B 2 2  ? 14.486  -0.585  -8.320  1.00 14.60 ? 2   DT  B C5    1 
ATOM   609  C C7    . DT  B 2 2  ? 13.480  -1.020  -9.335  1.00 11.93 ? 2   DT  B C7    1 
ATOM   610  C C6    . DT  B 2 2  ? 14.285  -0.696  -7.004  1.00 11.84 ? 2   DT  B C6    1 
ATOM   611  P P     . DA  B 2 3  ? 12.971  0.603   -0.838  1.00 14.77 ? 3   DA  B P     1 
ATOM   612  O OP1   . DA  B 2 3  ? 12.841  -0.188  0.359   1.00 21.61 ? 3   DA  B OP1   1 
ATOM   613  O OP2   . DA  B 2 3  ? 11.786  1.031   -1.525  1.00 18.61 ? 3   DA  B OP2   1 
ATOM   614  O "O5'" . DA  B 2 3  ? 13.892  1.826   -0.450  1.00 14.93 ? 3   DA  B "O5'" 1 
ATOM   615  C "C5'" . DA  B 2 3  ? 15.249  1.595   -0.059  1.00 8.86  ? 3   DA  B "C5'" 1 
ATOM   616  C "C4'" . DA  B 2 3  ? 16.145  2.696   -0.569  1.00 12.49 ? 3   DA  B "C4'" 1 
ATOM   617  O "O4'" . DA  B 2 3  ? 16.287  2.600   -2.000  1.00 15.01 ? 3   DA  B "O4'" 1 
ATOM   618  C "C3'" . DA  B 2 3  ? 15.665  4.114   -0.269  1.00 15.93 ? 3   DA  B "C3'" 1 
ATOM   619  O "O3'" . DA  B 2 3  ? 16.776  4.789   0.310   1.00 19.28 ? 3   DA  B "O3'" 1 
ATOM   620  C "C2'" . DA  B 2 3  ? 15.240  4.654   -1.623  1.00 14.74 ? 3   DA  B "C2'" 1 
ATOM   621  C "C1'" . DA  B 2 3  ? 16.070  3.853   -2.602  1.00 14.74 ? 3   DA  B "C1'" 1 
ATOM   622  N N9    . DA  B 2 3  ? 15.428  3.613   -3.887  1.00 19.69 ? 3   DA  B N9    1 
ATOM   623  C C8    . DA  B 2 3  ? 14.140  3.213   -4.129  1.00 18.96 ? 3   DA  B C8    1 
ATOM   624  N N7    . DA  B 2 3  ? 13.865  3.054   -5.398  1.00 18.24 ? 3   DA  B N7    1 
ATOM   625  C C5    . DA  B 2 3  ? 15.053  3.374   -6.038  1.00 20.11 ? 3   DA  B C5    1 
ATOM   626  C C6    . DA  B 2 3  ? 15.414  3.428   -7.394  1.00 18.99 ? 3   DA  B C6    1 
ATOM   627  N N6    . DA  B 2 3  ? 14.593  3.117   -8.395  1.00 10.64 ? 3   DA  B N6    1 
ATOM   628  N N1    . DA  B 2 3  ? 16.679  3.790   -7.690  1.00 21.97 ? 3   DA  B N1    1 
ATOM   629  C C2    . DA  B 2 3  ? 17.510  4.087   -6.688  1.00 20.21 ? 3   DA  B C2    1 
ATOM   630  N N3    . DA  B 2 3  ? 17.289  4.078   -5.381  1.00 20.88 ? 3   DA  B N3    1 
ATOM   631  C C4    . DA  B 2 3  ? 16.023  3.722   -5.118  1.00 19.91 ? 3   DA  B C4    1 
ATOM   632  P P     . DT  B 2 4  ? 16.680  6.271   0.787   1.00 21.94 ? 4   DT  B P     1 
ATOM   633  O OP1   . DT  B 2 4  ? 17.751  6.504   1.724   1.00 29.88 ? 4   DT  B OP1   1 
ATOM   634  O OP2   . DT  B 2 4  ? 15.315  6.554   1.173   1.00 28.26 ? 4   DT  B OP2   1 
ATOM   635  O "O5'" . DT  B 2 4  ? 17.033  7.104   -0.509  1.00 25.30 ? 4   DT  B "O5'" 1 
ATOM   636  C "C5'" . DT  B 2 4  ? 18.227  6.844   -1.232  1.00 18.28 ? 4   DT  B "C5'" 1 
ATOM   637  C "C4'" . DT  B 2 4  ? 18.272  7.654   -2.503  1.00 26.00 ? 4   DT  B "C4'" 1 
ATOM   638  O "O4'" . DT  B 2 4  ? 17.511  6.981   -3.518  1.00 25.20 ? 4   DT  B "O4'" 1 
ATOM   639  C "C3'" . DT  B 2 4  ? 17.707  9.074   -2.422  1.00 28.90 ? 4   DT  B "C3'" 1 
ATOM   640  O "O3'" . DT  B 2 4  ? 18.788  10.008  -2.460  1.00 39.51 ? 4   DT  B "O3'" 1 
ATOM   641  C "C2'" . DT  B 2 4  ? 16.839  9.197   -3.664  1.00 24.57 ? 4   DT  B "C2'" 1 
ATOM   642  C "C1'" . DT  B 2 4  ? 17.145  7.946   -4.461  1.00 22.18 ? 4   DT  B "C1'" 1 
ATOM   643  N N1    . DT  B 2 4  ? 16.031  7.410   -5.243  1.00 24.03 ? 4   DT  B N1    1 
ATOM   644  C C2    . DT  B 2 4  ? 16.219  7.272   -6.596  1.00 22.61 ? 4   DT  B C2    1 
ATOM   645  O O2    . DT  B 2 4  ? 17.256  7.565   -7.152  1.00 26.97 ? 4   DT  B O2    1 
ATOM   646  N N3    . DT  B 2 4  ? 15.139  6.769   -7.273  1.00 19.21 ? 4   DT  B N3    1 
ATOM   647  C C4    . DT  B 2 4  ? 13.916  6.413   -6.746  1.00 14.44 ? 4   DT  B C4    1 
ATOM   648  O O4    . DT  B 2 4  ? 13.045  5.971   -7.478  1.00 14.77 ? 4   DT  B O4    1 
ATOM   649  C C5    . DT  B 2 4  ? 13.788  6.588   -5.318  1.00 17.07 ? 4   DT  B C5    1 
ATOM   650  C C7    . DT  B 2 4  ? 12.503  6.215   -4.653  1.00 16.39 ? 4   DT  B C7    1 
ATOM   651  C C6    . DT  B 2 4  ? 14.842  7.065   -4.647  1.00 15.12 ? 4   DT  B C6    1 
ATOM   652  P P     . DC  B 2 5  ? 18.556  11.560  -2.246  1.00 33.84 ? 5   DC  B P     1 
ATOM   653  O OP1   . DC  B 2 5  ? 19.695  12.080  -1.516  1.00 38.44 ? 5   DC  B OP1   1 
ATOM   654  O OP2   . DC  B 2 5  ? 17.211  11.784  -1.744  1.00 29.51 ? 5   DC  B OP2   1 
ATOM   655  O "O5'" . DC  B 2 5  ? 18.625  12.137  -3.720  1.00 37.05 ? 5   DC  B "O5'" 1 
ATOM   656  C "C5'" . DC  B 2 5  ? 19.826  12.033  -4.476  1.00 27.15 ? 5   DC  B "C5'" 1 
ATOM   657  C "C4'" . DC  B 2 5  ? 19.572  12.368  -5.924  1.00 31.80 ? 5   DC  B "C4'" 1 
ATOM   658  O "O4'" . DC  B 2 5  ? 18.750  11.347  -6.507  1.00 29.43 ? 5   DC  B "O4'" 1 
ATOM   659  C "C3'" . DC  B 2 5  ? 18.824  13.670  -6.182  1.00 31.84 ? 5   DC  B "C3'" 1 
ATOM   660  O "O3'" . DC  B 2 5  ? 19.760  14.731  -6.383  1.00 40.36 ? 5   DC  B "O3'" 1 
ATOM   661  C "C2'" . DC  B 2 5  ? 18.102  13.398  -7.487  1.00 33.57 ? 5   DC  B "C2'" 1 
ATOM   662  C "C1'" . DC  B 2 5  ? 18.132  11.884  -7.652  1.00 30.60 ? 5   DC  B "C1'" 1 
ATOM   663  N N1    . DC  B 2 5  ? 16.817  11.253  -7.799  1.00 23.39 ? 5   DC  B N1    1 
ATOM   664  C C2    . DC  B 2 5  ? 16.391  10.888  -9.075  1.00 27.34 ? 5   DC  B C2    1 
ATOM   665  O O2    . DC  B 2 5  ? 17.118  11.139  -10.040 1.00 31.89 ? 5   DC  B O2    1 
ATOM   666  N N3    . DC  B 2 5  ? 15.189  10.292  -9.226  1.00 27.10 ? 5   DC  B N3    1 
ATOM   667  C C4    . DC  B 2 5  ? 14.432  10.042  -8.157  1.00 20.86 ? 5   DC  B C4    1 
ATOM   668  N N4    . DC  B 2 5  ? 13.259  9.445   -8.352  1.00 20.00 ? 5   DC  B N4    1 
ATOM   669  C C5    . DC  B 2 5  ? 14.848  10.391  -6.843  1.00 15.67 ? 5   DC  B C5    1 
ATOM   670  C C6    . DC  B 2 5  ? 16.039  10.982  -6.710  1.00 17.75 ? 5   DC  B C6    1 
ATOM   671  P P     . DC  B 2 6  ? 19.308  16.249  -6.322  1.00 43.75 ? 6   DC  B P     1 
ATOM   672  O OP1   . DC  B 2 6  ? 20.516  17.052  -6.126  1.00 47.40 ? 6   DC  B OP1   1 
ATOM   673  O OP2   . DC  B 2 6  ? 18.207  16.360  -5.362  1.00 37.71 ? 6   DC  B OP2   1 
ATOM   674  O "O5'" . DC  B 2 6  ? 18.752  16.538  -7.780  1.00 31.39 ? 6   DC  B "O5'" 1 
ATOM   675  C "C5'" . DC  B 2 6  ? 19.599  16.447  -8.927  1.00 31.49 ? 6   DC  B "C5'" 1 
ATOM   676  C "C4'" . DC  B 2 6  ? 18.814  16.731  -10.185 1.00 33.90 ? 6   DC  B "C4'" 1 
ATOM   677  O "O4'" . DC  B 2 6  ? 17.921  15.635  -10.436 1.00 35.25 ? 6   DC  B "O4'" 1 
ATOM   678  C "C3'" . DC  B 2 6  ? 17.957  17.996  -10.147 1.00 42.38 ? 6   DC  B "C3'" 1 
ATOM   679  O "O3'" . DC  B 2 6  ? 18.417  18.912  -11.138 1.00 59.35 ? 6   DC  B "O3'" 1 
ATOM   680  C "C2'" . DC  B 2 6  ? 16.568  17.544  -10.559 1.00 38.75 ? 6   DC  B "C2'" 1 
ATOM   681  C "C1'" . DC  B 2 6  ? 16.723  16.103  -11.000 1.00 36.40 ? 6   DC  B "C1'" 1 
ATOM   682  N N1    . DC  B 2 6  ? 15.644  15.229  -10.535 1.00 30.65 ? 6   DC  B N1    1 
ATOM   683  C C2    . DC  B 2 6  ? 14.731  14.739  -11.465 1.00 33.28 ? 6   DC  B C2    1 
ATOM   684  O O2    . DC  B 2 6  ? 14.845  15.078  -12.648 1.00 35.25 ? 6   DC  B O2    1 
ATOM   685  N N3    . DC  B 2 6  ? 13.741  13.922  -11.051 1.00 31.33 ? 6   DC  B N3    1 
ATOM   686  C C4    . DC  B 2 6  ? 13.650  13.585  -9.765  1.00 26.18 ? 6   DC  B C4    1 
ATOM   687  N N4    . DC  B 2 6  ? 12.658  12.775  -9.403  1.00 21.90 ? 6   DC  B N4    1 
ATOM   688  C C5    . DC  B 2 6  ? 14.575  14.061  -8.795  1.00 26.64 ? 6   DC  B C5    1 
ATOM   689  C C6    . DC  B 2 6  ? 15.557  14.860  -9.223  1.00 22.14 ? 6   DC  B C6    1 
ATOM   690  P P     . DG  B 2 7  ? 18.067  20.455  -11.030 1.00 67.94 ? 7   DG  B P     1 
ATOM   691  O OP1   . DG  B 2 7  ? 19.167  21.189  -11.664 1.00 64.17 ? 7   DG  B OP1   1 
ATOM   692  O OP2   . DG  B 2 7  ? 17.704  20.746  -9.630  1.00 55.14 ? 7   DG  B OP2   1 
ATOM   693  O "O5'" . DG  B 2 7  ? 16.746  20.589  -11.905 1.00 49.31 ? 7   DG  B "O5'" 1 
ATOM   694  C "C5'" . DG  B 2 7  ? 16.571  19.779  -13.073 1.00 48.84 ? 7   DG  B "C5'" 1 
ATOM   695  C "C4'" . DG  B 2 7  ? 15.224  20.024  -13.709 1.00 48.75 ? 7   DG  B "C4'" 1 
ATOM   696  O "O4'" . DG  B 2 7  ? 14.335  18.932  -13.387 1.00 49.19 ? 7   DG  B "O4'" 1 
ATOM   697  C "C3'" . DG  B 2 7  ? 14.502  21.301  -13.279 1.00 51.66 ? 7   DG  B "C3'" 1 
ATOM   698  O "O3'" . DG  B 2 7  ? 13.769  21.840  -14.389 1.00 57.70 ? 7   DG  B "O3'" 1 
ATOM   699  C "C2'" . DG  B 2 7  ? 13.551  20.804  -12.210 1.00 49.30 ? 7   DG  B "C2'" 1 
ATOM   700  C "C1'" . DG  B 2 7  ? 13.184  19.429  -12.729 1.00 47.66 ? 7   DG  B "C1'" 1 
ATOM   701  N N9    . DG  B 2 7  ? 12.818  18.482  -11.683 1.00 40.01 ? 7   DG  B N9    1 
ATOM   702  C C8    . DG  B 2 7  ? 13.295  18.437  -10.398 1.00 35.37 ? 7   DG  B C8    1 
ATOM   703  N N7    . DG  B 2 7  ? 12.749  17.496  -9.681  1.00 34.43 ? 7   DG  B N7    1 
ATOM   704  C C5    . DG  B 2 7  ? 11.842  16.895  -10.541 1.00 33.49 ? 7   DG  B C5    1 
ATOM   705  C C6    . DG  B 2 7  ? 10.949  15.819  -10.325 1.00 28.11 ? 7   DG  B C6    1 
ATOM   706  O O6    . DG  B 2 7  ? 10.781  15.157  -9.303  1.00 31.08 ? 7   DG  B O6    1 
ATOM   707  N N1    . DG  B 2 7  ? 10.208  15.536  -11.464 1.00 24.80 ? 7   DG  B N1    1 
ATOM   708  C C2    . DG  B 2 7  ? 10.310  16.203  -12.658 1.00 28.96 ? 7   DG  B C2    1 
ATOM   709  N N2    . DG  B 2 7  ? 9.514   15.780  -13.642 1.00 24.52 ? 7   DG  B N2    1 
ATOM   710  N N3    . DG  B 2 7  ? 11.134  17.210  -12.870 1.00 24.92 ? 7   DG  B N3    1 
ATOM   711  C C4    . DG  B 2 7  ? 11.863  17.502  -11.776 1.00 31.61 ? 7   DG  B C4    1 
ATOM   712  P P     . DC  B 2 8  ? 12.893  23.158  -14.232 1.00 51.80 ? 8   DC  B P     1 
ATOM   713  O OP1   . DC  B 2 8  ? 13.042  23.932  -15.457 1.00 57.24 ? 8   DC  B OP1   1 
ATOM   714  O OP2   . DC  B 2 8  ? 13.190  23.765  -12.939 1.00 35.83 ? 8   DC  B OP2   1 
ATOM   715  O "O5'" . DC  B 2 8  ? 11.403  22.617  -14.235 1.00 53.13 ? 8   DC  B "O5'" 1 
ATOM   716  C "C5'" . DC  B 2 8  ? 10.949  21.749  -15.276 1.00 47.04 ? 8   DC  B "C5'" 1 
ATOM   717  C "C4'" . DC  B 2 8  ? 9.586   21.199  -14.933 1.00 51.53 ? 8   DC  B "C4'" 1 
ATOM   718  O "O4'" . DC  B 2 8  ? 9.731   20.192  -13.919 1.00 51.15 ? 8   DC  B "O4'" 1 
ATOM   719  C "C3'" . DC  B 2 8  ? 8.606   22.207  -14.342 1.00 50.83 ? 8   DC  B "C3'" 1 
ATOM   720  O "O3'" . DC  B 2 8  ? 7.804   22.777  -15.380 1.00 53.65 ? 8   DC  B "O3'" 1 
ATOM   721  C "C2'" . DC  B 2 8  ? 7.736   21.358  -13.429 1.00 49.93 ? 8   DC  B "C2'" 1 
ATOM   722  C "C1'" . DC  B 2 8  ? 8.492   20.043  -13.265 1.00 45.49 ? 8   DC  B "C1'" 1 
ATOM   723  N N1    . DC  B 2 8  ? 8.755   19.639  -11.880 1.00 34.77 ? 8   DC  B N1    1 
ATOM   724  C C2    . DC  B 2 8  ? 7.998   18.611  -11.326 1.00 28.50 ? 8   DC  B C2    1 
ATOM   725  O O2    . DC  B 2 8  ? 7.101   18.100  -12.005 1.00 28.92 ? 8   DC  B O2    1 
ATOM   726  N N3    . DC  B 2 8  ? 8.254   18.206  -10.065 1.00 21.92 ? 8   DC  B N3    1 
ATOM   727  C C4    . DC  B 2 8  ? 9.229   18.784  -9.366  1.00 24.95 ? 8   DC  B C4    1 
ATOM   728  N N4    . DC  B 2 8  ? 9.438   18.361  -8.124  1.00 23.51 ? 8   DC  B N4    1 
ATOM   729  C C5    . DC  B 2 8  ? 10.024  19.830  -9.909  1.00 23.74 ? 8   DC  B C5    1 
ATOM   730  C C6    . DC  B 2 8  ? 9.769   20.210  -11.164 1.00 28.68 ? 8   DC  B C6    1 
ATOM   731  P P     . DG  B 2 9  ? 6.909   24.062  -15.103 1.00 51.44 ? 9   DG  B P     1 
ATOM   732  O OP1   . DG  B 2 9  ? 6.809   24.807  -16.361 1.00 54.80 ? 9   DG  B OP1   1 
ATOM   733  O OP2   . DG  B 2 9  ? 7.416   24.731  -13.901 1.00 37.25 ? 9   DG  B OP2   1 
ATOM   734  O "O5'" . DG  B 2 9  ? 5.484   23.438  -14.785 1.00 44.53 ? 9   DG  B "O5'" 1 
ATOM   735  C "C5'" . DG  B 2 9  ? 4.904   22.442  -15.637 1.00 41.93 ? 9   DG  B "C5'" 1 
ATOM   736  C "C4'" . DG  B 2 9  ? 3.716   21.786  -14.968 1.00 42.66 ? 9   DG  B "C4'" 1 
ATOM   737  O "O4'" . DG  B 2 9  ? 4.160   21.058  -13.803 1.00 40.88 ? 9   DG  B "O4'" 1 
ATOM   738  C "C3'" . DG  B 2 9  ? 2.611   22.725  -14.485 1.00 36.33 ? 9   DG  B "C3'" 1 
ATOM   739  O "O3'" . DG  B 2 9  ? 1.335   22.125  -14.731 1.00 39.12 ? 9   DG  B "O3'" 1 
ATOM   740  C "C2'" . DG  B 2 9  ? 2.887   22.846  -13.000 1.00 34.05 ? 9   DG  B "C2'" 1 
ATOM   741  C "C1'" . DG  B 2 9  ? 3.460   21.487  -12.659 1.00 32.99 ? 9   DG  B "C1'" 1 
ATOM   742  N N9    . DG  B 2 9  ? 4.396   21.484  -11.544 1.00 30.02 ? 9   DG  B N9    1 
ATOM   743  C C8    . DG  B 2 9  ? 5.388   22.396  -11.291 1.00 30.32 ? 9   DG  B C8    1 
ATOM   744  N N7    . DG  B 2 9  ? 6.065   22.130  -10.209 1.00 30.65 ? 9   DG  B N7    1 
ATOM   745  C C5    . DG  B 2 9  ? 5.484   20.972  -9.719  1.00 24.98 ? 9   DG  B C5    1 
ATOM   746  C C6    . DG  B 2 9  ? 5.792   20.206  -8.567  1.00 24.37 ? 9   DG  B C6    1 
ATOM   747  O O6    . DG  B 2 9  ? 6.664   20.409  -7.721  1.00 25.96 ? 9   DG  B O6    1 
ATOM   748  N N1    . DG  B 2 9  ? 4.949   19.110  -8.445  1.00 21.95 ? 9   DG  B N1    1 
ATOM   749  C C2    . DG  B 2 9  ? 3.936   18.793  -9.311  1.00 27.47 ? 9   DG  B C2    1 
ATOM   750  N N2    . DG  B 2 9  ? 3.231   17.695  -9.022  1.00 29.37 ? 9   DG  B N2    1 
ATOM   751  N N3    . DG  B 2 9  ? 3.645   19.492  -10.391 1.00 26.20 ? 9   DG  B N3    1 
ATOM   752  C C4    . DG  B 2 9  ? 4.448   20.564  -10.529 1.00 27.38 ? 9   DG  B C4    1 
ATOM   753  P P     . DA  B 2 10 ? -0.001  22.828  -14.240 1.00 46.53 ? 10  DA  B P     1 
ATOM   754  O OP1   . DA  B 2 10 ? -1.021  22.636  -15.267 1.00 38.81 ? 10  DA  B OP1   1 
ATOM   755  O OP2   . DA  B 2 10 ? 0.334   24.168  -13.755 1.00 41.62 ? 10  DA  B OP2   1 
ATOM   756  O "O5'" . DA  B 2 10 ? -0.418  21.996  -12.955 1.00 47.22 ? 10  DA  B "O5'" 1 
ATOM   757  C "C5'" . DA  B 2 10 ? -0.509  20.567  -12.985 1.00 36.39 ? 10  DA  B "C5'" 1 
ATOM   758  C "C4'" . DA  B 2 10 ? -0.808  20.041  -11.604 1.00 32.58 ? 10  DA  B "C4'" 1 
ATOM   759  O "O4'" . DA  B 2 10 ? 0.365   20.183  -10.779 1.00 30.12 ? 10  DA  B "O4'" 1 
ATOM   760  C "C3'" . DA  B 2 10 ? -1.947  20.750  -10.872 1.00 27.38 ? 10  DA  B "C3'" 1 
ATOM   761  O "O3'" . DA  B 2 10 ? -2.869  19.766  -10.406 1.00 34.37 ? 10  DA  B "O3'" 1 
ATOM   762  C "C2'" . DA  B 2 10 ? -1.264  21.438  -9.704  1.00 24.77 ? 10  DA  B "C2'" 1 
ATOM   763  C "C1'" . DA  B 2 10 ? -0.013  20.617  -9.499  1.00 28.50 ? 10  DA  B "C1'" 1 
ATOM   764  N N9    . DA  B 2 10 ? 1.106   21.367  -8.945  1.00 25.61 ? 10  DA  B N9    1 
ATOM   765  C C8    . DA  B 2 10 ? 1.653   22.527  -9.423  1.00 24.07 ? 10  DA  B C8    1 
ATOM   766  N N7    . DA  B 2 10 ? 2.659   22.969  -8.714  1.00 28.67 ? 10  DA  B N7    1 
ATOM   767  C C5    . DA  B 2 10 ? 2.786   22.032  -7.701  1.00 23.65 ? 10  DA  B C5    1 
ATOM   768  C C6    . DA  B 2 10 ? 3.665   21.931  -6.615  1.00 25.07 ? 10  DA  B C6    1 
ATOM   769  N N6    . DA  B 2 10 ? 4.631   22.812  -6.363  1.00 23.39 ? 10  DA  B N6    1 
ATOM   770  N N1    . DA  B 2 10 ? 3.514   20.883  -5.782  1.00 26.35 ? 10  DA  B N1    1 
ATOM   771  C C2    . DA  B 2 10 ? 2.548   19.999  -6.036  1.00 23.48 ? 10  DA  B C2    1 
ATOM   772  N N3    . DA  B 2 10 ? 1.656   19.988  -7.018  1.00 27.28 ? 10  DA  B N3    1 
ATOM   773  C C4    . DA  B 2 10 ? 1.827   21.048  -7.822  1.00 26.44 ? 10  DA  B C4    1 
ATOM   774  P P     . DT  B 2 11 ? -4.303  20.172  -9.894  1.00 39.03 ? 11  DT  B P     1 
ATOM   775  O OP1   . DT  B 2 11 ? -5.259  19.228  -10.463 1.00 31.07 ? 11  DT  B OP1   1 
ATOM   776  O OP2   . DT  B 2 11 ? -4.474  21.611  -10.083 1.00 36.25 ? 11  DT  B OP2   1 
ATOM   777  O "O5'" . DT  B 2 11 ? -4.214  19.968  -8.324  1.00 33.97 ? 11  DT  B "O5'" 1 
ATOM   778  C "C5'" . DT  B 2 11 ? -3.770  18.740  -7.756  1.00 21.23 ? 11  DT  B "C5'" 1 
ATOM   779  C "C4'" . DT  B 2 11 ? -3.360  18.949  -6.320  1.00 24.67 ? 11  DT  B "C4'" 1 
ATOM   780  O "O4'" . DT  B 2 11 ? -2.145  19.710  -6.279  1.00 24.57 ? 11  DT  B "O4'" 1 
ATOM   781  C "C3'" . DT  B 2 11 ? -4.362  19.695  -5.432  1.00 27.01 ? 11  DT  B "C3'" 1 
ATOM   782  O "O3'" . DT  B 2 11 ? -4.838  18.727  -4.499  1.00 32.53 ? 11  DT  B "O3'" 1 
ATOM   783  C "C2'" . DT  B 2 11 ? -3.541  20.810  -4.802  1.00 23.54 ? 11  DT  B "C2'" 1 
ATOM   784  C "C1'" . DT  B 2 11 ? -2.112  20.379  -5.052  1.00 25.63 ? 11  DT  B "C1'" 1 
ATOM   785  N N1    . DT  B 2 11 ? -1.125  21.458  -5.160  1.00 21.90 ? 11  DT  B N1    1 
ATOM   786  C C2    . DT  B 2 11 ? -0.062  21.446  -4.292  1.00 23.78 ? 11  DT  B C2    1 
ATOM   787  O O2    . DT  B 2 11 ? 0.083   20.598  -3.433  1.00 26.43 ? 11  DT  B O2    1 
ATOM   788  N N3    . DT  B 2 11 ? 0.822   22.479  -4.458  1.00 26.81 ? 11  DT  B N3    1 
ATOM   789  C C4    . DT  B 2 11 ? 0.760   23.490  -5.393  1.00 27.12 ? 11  DT  B C4    1 
ATOM   790  O O4    . DT  B 2 11 ? 1.633   24.345  -5.427  1.00 27.69 ? 11  DT  B O4    1 
ATOM   791  C C5    . DT  B 2 11 ? -0.378  23.436  -6.279  1.00 26.24 ? 11  DT  B C5    1 
ATOM   792  C C7    . DT  B 2 11 ? -0.529  24.488  -7.331  1.00 22.14 ? 11  DT  B C7    1 
ATOM   793  C C6    . DT  B 2 11 ? -1.247  22.431  -6.125  1.00 21.40 ? 11  DT  B C6    1 
ATOM   794  P P     . DC  B 2 12 ? -5.878  19.056  -3.380  1.00 31.01 ? 12  DC  B P     1 
ATOM   795  O OP1   . DC  B 2 12 ? -6.854  17.991  -3.399  1.00 43.45 ? 12  DC  B OP1   1 
ATOM   796  O OP2   . DC  B 2 12 ? -6.302  20.439  -3.520  1.00 37.22 ? 12  DC  B OP2   1 
ATOM   797  O "O5'" . DC  B 2 12 ? -5.034  18.916  -2.044  1.00 31.32 ? 12  DC  B "O5'" 1 
ATOM   798  C "C5'" . DC  B 2 12 ? -4.323  17.707  -1.766  1.00 26.13 ? 12  DC  B "C5'" 1 
ATOM   799  C "C4'" . DC  B 2 12 ? -3.209  17.931  -0.772  1.00 28.22 ? 12  DC  B "C4'" 1 
ATOM   800  O "O4'" . DC  B 2 12 ? -2.264  18.858  -1.326  1.00 29.43 ? 12  DC  B "O4'" 1 
ATOM   801  C "C3'" . DC  B 2 12 ? -3.650  18.516  0.564   1.00 27.31 ? 12  DC  B "C3'" 1 
ATOM   802  O "O3'" . DC  B 2 12 ? -3.782  17.445  1.496   1.00 24.08 ? 12  DC  B "O3'" 1 
ATOM   803  C "C2'" . DC  B 2 12 ? -2.518  19.449  0.958   1.00 27.80 ? 12  DC  B "C2'" 1 
ATOM   804  C "C1'" . DC  B 2 12 ? -1.730  19.696  -0.321  1.00 27.30 ? 12  DC  B "C1'" 1 
ATOM   805  N N1    . DC  B 2 12 ? -1.676  21.070  -0.855  1.00 21.67 ? 12  DC  B N1    1 
ATOM   806  C C2    . DC  B 2 12 ? -0.600  21.881  -0.501  1.00 22.35 ? 12  DC  B C2    1 
ATOM   807  O O2    . DC  B 2 12 ? 0.209   21.466  0.331   1.00 24.72 ? 12  DC  B O2    1 
ATOM   808  N N3    . DC  B 2 12 ? -0.491  23.109  -1.049  1.00 21.29 ? 12  DC  B N3    1 
ATOM   809  C C4    . DC  B 2 12 ? -1.386  23.520  -1.945  1.00 21.84 ? 12  DC  B C4    1 
ATOM   810  N N4    . DC  B 2 12 ? -1.240  24.738  -2.458  1.00 24.67 ? 12  DC  B N4    1 
ATOM   811  C C5    . DC  B 2 12 ? -2.480  22.704  -2.344  1.00 20.60 ? 12  DC  B C5    1 
ATOM   812  C C6    . DC  B 2 12 ? -2.579  21.493  -1.789  1.00 17.10 ? 12  DC  B C6    1 
ATOM   813  P P     . DG  B 2 13 ? -4.861  17.511  2.603   1.00 15.58 ? 13  DG  B P     1 
ATOM   814  O OP1   . DG  B 2 13 ? -4.974  16.204  3.209   1.00 19.06 ? 13  DG  B OP1   1 
ATOM   815  O OP2   . DG  B 2 13 ? -6.025  18.109  2.020   1.00 19.53 ? 13  DG  B OP2   1 
ATOM   816  O "O5'" . DG  B 2 13 ? -4.232  18.509  3.658   1.00 18.13 ? 13  DG  B "O5'" 1 
ATOM   817  C "C5'" . DG  B 2 13 ? -3.078  18.174  4.432   1.00 15.92 ? 13  DG  B "C5'" 1 
ATOM   818  C "C4'" . DG  B 2 13 ? -2.617  19.373  5.221   1.00 15.98 ? 13  DG  B "C4'" 1 
ATOM   819  O "O4'" . DG  B 2 13 ? -2.138  20.354  4.283   1.00 17.70 ? 13  DG  B "O4'" 1 
ATOM   820  C "C3'" . DG  B 2 13 ? -3.701  20.052  6.069   1.00 18.33 ? 13  DG  B "C3'" 1 
ATOM   821  O "O3'" . DG  B 2 13 ? -3.306  20.182  7.439   1.00 14.23 ? 13  DG  B "O3'" 1 
ATOM   822  C "C2'" . DG  B 2 13 ? -3.918  21.394  5.395   1.00 14.23 ? 13  DG  B "C2'" 1 
ATOM   823  C "C1'" . DG  B 2 13 ? -2.660  21.619  4.587   1.00 13.40 ? 13  DG  B "C1'" 1 
ATOM   824  N N9    . DG  B 2 13 ? -2.878  22.336  3.336   1.00 16.87 ? 13  DG  B N9    1 
ATOM   825  C C8    . DG  B 2 13 ? -3.849  22.106  2.395   1.00 17.22 ? 13  DG  B C8    1 
ATOM   826  N N7    . DG  B 2 13 ? -3.822  22.960  1.413   1.00 17.19 ? 13  DG  B N7    1 
ATOM   827  C C5    . DG  B 2 13 ? -2.770  23.807  1.724   1.00 16.33 ? 13  DG  B C5    1 
ATOM   828  C C6    . DG  B 2 13 ? -2.267  24.943  1.039   1.00 20.58 ? 13  DG  B C6    1 
ATOM   829  O O6    . DG  B 2 13 ? -2.643  25.426  -0.029  1.00 16.61 ? 13  DG  B O6    1 
ATOM   830  N N1    . DG  B 2 13 ? -1.201  25.515  1.718   1.00 19.98 ? 13  DG  B N1    1 
ATOM   831  C C2    . DG  B 2 13 ? -0.695  25.067  2.910   1.00 21.17 ? 13  DG  B C2    1 
ATOM   832  N N2    . DG  B 2 13 ? 0.328   25.757  3.413   1.00 20.87 ? 13  DG  B N2    1 
ATOM   833  N N3    . DG  B 2 13 ? -1.157  24.018  3.560   1.00 16.89 ? 13  DG  B N3    1 
ATOM   834  C C4    . DG  B 2 13 ? -2.188  23.442  2.917   1.00 12.57 ? 13  DG  B C4    1 
ATOM   835  P P     . DC  B 2 14 ? -4.153  21.043  8.477   1.00 17.89 ? 14  DC  B P     1 
ATOM   836  O OP1   . DC  B 2 14 ? -4.008  20.451  9.783   1.00 16.46 ? 14  DC  B OP1   1 
ATOM   837  O OP2   . DC  B 2 14 ? -5.468  21.261  7.936   1.00 23.07 ? 14  DC  B OP2   1 
ATOM   838  O "O5'" . DC  B 2 14 ? -3.444  22.461  8.448   1.00 28.27 ? 14  DC  B "O5'" 1 
ATOM   839  C "C5'" . DC  B 2 14 ? -2.070  22.602  8.829   1.00 21.18 ? 14  DC  B "C5'" 1 
ATOM   840  C "C4'" . DC  B 2 14 ? -1.566  24.001  8.569   1.00 20.07 ? 14  DC  B "C4'" 1 
ATOM   841  O "O4'" . DC  B 2 14 ? -1.507  24.239  7.154   1.00 28.95 ? 14  DC  B "O4'" 1 
ATOM   842  C "C3'" . DC  B 2 14 ? -2.435  25.127  9.103   1.00 26.04 ? 14  DC  B "C3'" 1 
ATOM   843  O "O3'" . DC  B 2 14 ? -2.142  25.425  10.462  1.00 27.46 ? 14  DC  B "O3'" 1 
ATOM   844  C "C2'" . DC  B 2 14 ? -2.033  26.291  8.223   1.00 26.78 ? 14  DC  B "C2'" 1 
ATOM   845  C "C1'" . DC  B 2 14 ? -1.621  25.631  6.914   1.00 26.20 ? 14  DC  B "C1'" 1 
ATOM   846  N N1    . DC  B 2 14 ? -2.551  25.837  5.792   1.00 29.13 ? 14  DC  B N1    1 
ATOM   847  C C2    . DC  B 2 14 ? -2.395  26.974  5.003   1.00 26.53 ? 14  DC  B C2    1 
ATOM   848  O O2    . DC  B 2 14 ? -1.509  27.783  5.291   1.00 36.42 ? 14  DC  B O2    1 
ATOM   849  N N3    . DC  B 2 14 ? -3.214  27.163  3.948   1.00 20.28 ? 14  DC  B N3    1 
ATOM   850  C C4    . DC  B 2 14 ? -4.164  26.270  3.675   1.00 17.06 ? 14  DC  B C4    1 
ATOM   851  N N4    . DC  B 2 14 ? -4.953  26.499  2.628   1.00 13.67 ? 14  DC  B N4    1 
ATOM   852  C C5    . DC  B 2 14 ? -4.352  25.106  4.466   1.00 17.59 ? 14  DC  B C5    1 
ATOM   853  C C6    . DC  B 2 14 ? -3.522  24.922  5.497   1.00 26.70 ? 14  DC  B C6    1 
ATOM   854  P P     . DG  B 2 15 ? -3.222  26.122  11.365  1.00 29.45 ? 15  DG  B P     1 
ATOM   855  O OP1   . DG  B 2 15 ? -2.873  25.862  12.756  1.00 32.56 ? 15  DG  B OP1   1 
ATOM   856  O OP2   . DG  B 2 15 ? -4.535  25.748  10.879  1.00 29.72 ? 15  DG  B OP2   1 
ATOM   857  O "O5'" . DG  B 2 15 ? -3.036  27.665  11.050  1.00 31.56 ? 15  DG  B "O5'" 1 
ATOM   858  C "C5'" . DG  B 2 15 ? -1.745  28.283  10.997  1.00 28.71 ? 15  DG  B "C5'" 1 
ATOM   859  C "C4'" . DG  B 2 15 ? -1.880  29.745  10.643  1.00 30.07 ? 15  DG  B "C4'" 1 
ATOM   860  O "O4'" . DG  B 2 15 ? -2.109  29.870  9.224   1.00 27.74 ? 15  DG  B "O4'" 1 
ATOM   861  C "C3'" . DG  B 2 15 ? -3.031  30.474  11.337  1.00 32.08 ? 15  DG  B "C3'" 1 
ATOM   862  O "O3'" . DG  B 2 15 ? -2.666  31.795  11.742  1.00 40.59 ? 15  DG  B "O3'" 1 
ATOM   863  C "C2'" . DG  B 2 15 ? -4.094  30.561  10.264  1.00 29.16 ? 15  DG  B "C2'" 1 
ATOM   864  C "C1'" . DG  B 2 15 ? -3.304  30.577  8.974   1.00 28.67 ? 15  DG  B "C1'" 1 
ATOM   865  N N9    . DG  B 2 15 ? -4.002  29.903  7.890   1.00 30.70 ? 15  DG  B N9    1 
ATOM   866  C C8    . DG  B 2 15 ? -4.536  28.639  7.917   1.00 24.68 ? 15  DG  B C8    1 
ATOM   867  N N7    . DG  B 2 15 ? -5.129  28.310  6.805   1.00 24.70 ? 15  DG  B N7    1 
ATOM   868  C C5    . DG  B 2 15 ? -4.986  29.427  5.997   1.00 23.17 ? 15  DG  B C5    1 
ATOM   869  C C6    . DG  B 2 15 ? -5.434  29.666  4.677   1.00 23.81 ? 15  DG  B C6    1 
ATOM   870  O O6    . DG  B 2 15 ? -6.069  28.917  3.933   1.00 23.45 ? 15  DG  B O6    1 
ATOM   871  N N1    . DG  B 2 15 ? -5.084  30.937  4.243   1.00 28.24 ? 15  DG  B N1    1 
ATOM   872  C C2    . DG  B 2 15 ? -4.386  31.858  4.980   1.00 30.60 ? 15  DG  B C2    1 
ATOM   873  N N2    . DG  B 2 15 ? -4.141  33.027  4.383   1.00 24.18 ? 15  DG  B N2    1 
ATOM   874  N N3    . DG  B 2 15 ? -3.967  31.651  6.213   1.00 26.53 ? 15  DG  B N3    1 
ATOM   875  C C4    . DG  B 2 15 ? -4.302  30.424  6.657   1.00 29.55 ? 15  DG  B C4    1 
ATOM   876  P P     . DG  B 2 16 ? -3.604  32.620  12.718  1.00 42.95 ? 16  DG  B P     1 
ATOM   877  O OP1   . DG  B 2 16 ? -2.780  33.606  13.397  1.00 52.05 ? 16  DG  B OP1   1 
ATOM   878  O OP2   . DG  B 2 16 ? -4.390  31.671  13.508  1.00 38.97 ? 16  DG  B OP2   1 
ATOM   879  O "O5'" . DG  B 2 16 ? -4.596  33.373  11.735  1.00 36.25 ? 16  DG  B "O5'" 1 
ATOM   880  C "C5'" . DG  B 2 16 ? -4.143  33.936  10.505  1.00 34.31 ? 16  DG  B "C5'" 1 
ATOM   881  C "C4'" . DG  B 2 16 ? -5.313  34.342  9.639   1.00 39.20 ? 16  DG  B "C4'" 1 
ATOM   882  O "O4'" . DG  B 2 16 ? -5.590  33.314  8.668   1.00 43.95 ? 16  DG  B "O4'" 1 
ATOM   883  C "C3'" . DG  B 2 16 ? -6.636  34.611  10.367  1.00 37.85 ? 16  DG  B "C3'" 1 
ATOM   884  O "O3'" . DG  B 2 16 ? -6.987  35.990  10.220  1.00 43.79 ? 16  DG  B "O3'" 1 
ATOM   885  C "C2'" . DG  B 2 16 ? -7.654  33.788  9.599   1.00 36.89 ? 16  DG  B "C2'" 1 
ATOM   886  C "C1'" . DG  B 2 16 ? -6.939  33.438  8.310   1.00 37.19 ? 16  DG  B "C1'" 1 
ATOM   887  N N9    . DG  B 2 16 ? -7.384  32.175  7.734   1.00 31.19 ? 16  DG  B N9    1 
ATOM   888  C C8    . DG  B 2 16 ? -7.480  30.966  8.373   1.00 26.31 ? 16  DG  B C8    1 
ATOM   889  N N7    . DG  B 2 16 ? -7.975  30.027  7.618   1.00 30.19 ? 16  DG  B N7    1 
ATOM   890  C C5    . DG  B 2 16 ? -8.257  30.663  6.419   1.00 26.65 ? 16  DG  B C5    1 
ATOM   891  C C6    . DG  B 2 16 ? -8.814  30.157  5.223   1.00 25.40 ? 16  DG  B C6    1 
ATOM   892  O O6    . DG  B 2 16 ? -9.188  29.012  4.976   1.00 23.91 ? 16  DG  B O6    1 
ATOM   893  N N1    . DG  B 2 16 ? -8.920  31.145  4.252   1.00 23.22 ? 16  DG  B N1    1 
ATOM   894  C C2    . DG  B 2 16 ? -8.540  32.452  4.414   1.00 22.16 ? 16  DG  B C2    1 
ATOM   895  N N2    . DG  B 2 16 ? -8.730  33.256  3.364   1.00 16.47 ? 16  DG  B N2    1 
ATOM   896  N N3    . DG  B 2 16 ? -8.021  32.936  5.525   1.00 20.80 ? 16  DG  B N3    1 
ATOM   897  C C4    . DG  B 2 16 ? -7.904  31.993  6.478   1.00 24.05 ? 16  DG  B C4    1 
ATOM   898  P P     . DA  B 2 17 ? -8.313  36.595  10.871  1.00 44.30 ? 17  DA  B P     1 
ATOM   899  O OP1   . DA  B 2 17 ? -8.010  37.934  11.369  1.00 50.04 ? 17  DA  B OP1   1 
ATOM   900  O OP2   . DA  B 2 17 ? -8.908  35.612  11.768  1.00 42.76 ? 17  DA  B OP2   1 
ATOM   901  O "O5'" . DA  B 2 17 ? -9.244  36.808  9.618   1.00 35.54 ? 17  DA  B "O5'" 1 
ATOM   902  C "C5'" . DA  B 2 17 ? -10.373 35.974  9.451   1.00 40.47 ? 17  DA  B "C5'" 1 
ATOM   903  C "C4'" . DA  B 2 17 ? -10.723 35.926  7.989   1.00 40.99 ? 17  DA  B "C4'" 1 
ATOM   904  O "O4'" . DA  B 2 17 ? -10.236 34.685  7.454   1.00 36.40 ? 17  DA  B "O4'" 1 
ATOM   905  C "C3'" . DA  B 2 17 ? -12.218 35.928  7.725   1.00 39.26 ? 17  DA  B "C3'" 1 
ATOM   906  O "O3'" . DA  B 2 17 ? -12.627 37.276  7.492   1.00 40.53 ? 17  DA  B "O3'" 1 
ATOM   907  C "C2'" . DA  B 2 17 ? -12.354 35.080  6.478   1.00 36.47 ? 17  DA  B "C2'" 1 
ATOM   908  C "C1'" . DA  B 2 17 ? -11.105 34.207  6.458   1.00 35.96 ? 17  DA  B "C1'" 1 
ATOM   909  N N9    . DA  B 2 17 ? -11.347 32.799  6.733   1.00 28.57 ? 17  DA  B N9    1 
ATOM   910  C C8    . DA  B 2 17 ? -11.063 32.105  7.880   1.00 24.15 ? 17  DA  B C8    1 
ATOM   911  N N7    . DA  B 2 17 ? -11.387 30.840  7.825   1.00 24.84 ? 17  DA  B N7    1 
ATOM   912  C C5    . DA  B 2 17 ? -11.928 30.691  6.558   1.00 24.09 ? 17  DA  B C5    1 
ATOM   913  C C6    . DA  B 2 17 ? -12.454 29.582  5.881   1.00 19.72 ? 17  DA  B C6    1 
ATOM   914  N N6    . DA  B 2 17 ? -12.550 28.367  6.417   1.00 23.77 ? 17  DA  B N6    1 
ATOM   915  N N1    . DA  B 2 17 ? -12.905 29.771  4.625   1.00 22.56 ? 17  DA  B N1    1 
ATOM   916  C C2    . DA  B 2 17 ? -12.832 30.996  4.097   1.00 22.61 ? 17  DA  B C2    1 
ATOM   917  N N3    . DA  B 2 17 ? -12.349 32.113  4.627   1.00 18.78 ? 17  DA  B N3    1 
ATOM   918  C C4    . DA  B 2 17 ? -11.906 31.889  5.874   1.00 19.21 ? 17  DA  B C4    1 
ATOM   919  P P     . DT  B 2 18 ? -14.051 37.754  7.959   1.00 44.09 ? 18  DT  B P     1 
ATOM   920  O OP1   . DT  B 2 18 ? -13.989 39.196  8.184   1.00 51.51 ? 18  DT  B OP1   1 
ATOM   921  O OP2   . DT  B 2 18 ? -14.518 36.864  9.031   1.00 29.56 ? 18  DT  B OP2   1 
ATOM   922  O "O5'" . DT  B 2 18 ? -14.944 37.527  6.672   1.00 29.18 ? 18  DT  B "O5'" 1 
ATOM   923  C "C5'" . DT  B 2 18 ? -14.390 37.509  5.357   1.00 30.82 ? 18  DT  B "C5'" 1 
ATOM   924  C "C4'" . DT  B 2 18 ? -15.397 36.931  4.392   1.00 30.88 ? 18  DT  B "C4'" 1 
ATOM   925  O "O4'" . DT  B 2 18 ? -15.165 35.514  4.274   1.00 26.70 ? 18  DT  B "O4'" 1 
ATOM   926  C "C3'" . DT  B 2 18 ? -16.857 37.111  4.814   1.00 26.66 ? 18  DT  B "C3'" 1 
ATOM   927  O "O3'" . DT  B 2 18 ? -17.602 37.822  3.833   1.00 29.58 ? 18  DT  B "O3'" 1 
ATOM   928  C "C2'" . DT  B 2 18 ? -17.384 35.702  5.016   1.00 31.08 ? 18  DT  B "C2'" 1 
ATOM   929  C "C1'" . DT  B 2 18 ? -16.368 34.793  4.350   1.00 29.55 ? 18  DT  B "C1'" 1 
ATOM   930  N N1    . DT  B 2 18 ? -16.100 33.559  5.100   1.00 22.10 ? 18  DT  B N1    1 
ATOM   931  C C2    . DT  B 2 18 ? -16.316 32.357  4.470   1.00 20.15 ? 18  DT  B C2    1 
ATOM   932  O O2    . DT  B 2 18 ? -16.699 32.273  3.321   1.00 21.77 ? 18  DT  B O2    1 
ATOM   933  N N3    . DT  B 2 18 ? -16.033 31.254  5.231   1.00 17.91 ? 18  DT  B N3    1 
ATOM   934  C C4    . DT  B 2 18 ? -15.588 31.233  6.536   1.00 23.63 ? 18  DT  B C4    1 
ATOM   935  O O4    . DT  B 2 18 ? -15.382 30.164  7.092   1.00 18.35 ? 18  DT  B O4    1 
ATOM   936  C C5    . DT  B 2 18 ? -15.402 32.530  7.142   1.00 20.94 ? 18  DT  B C5    1 
ATOM   937  C C7    . DT  B 2 18 ? -14.925 32.608  8.557   1.00 16.75 ? 18  DT  B C7    1 
ATOM   938  C C6    . DT  B 2 18 ? -15.664 33.612  6.403   1.00 13.00 ? 18  DT  B C6    1 
ATOM   939  P P     . DA  B 2 19 ? -19.028 38.410  4.171   1.00 26.86 ? 19  DA  B P     1 
ATOM   940  O OP1   . DA  B 2 19 ? -19.109 39.714  3.538   1.00 35.03 ? 19  DA  B OP1   1 
ATOM   941  O OP2   . DA  B 2 19 ? -19.254 38.295  5.596   1.00 20.37 ? 19  DA  B OP2   1 
ATOM   942  O "O5'" . DA  B 2 19 ? -20.004 37.446  3.376   1.00 24.29 ? 19  DA  B "O5'" 1 
ATOM   943  C "C5'" . DA  B 2 19 ? -19.756 37.124  2.006   1.00 19.09 ? 19  DA  B "C5'" 1 
ATOM   944  C "C4'" . DA  B 2 19 ? -20.751 36.115  1.481   1.00 21.39 ? 19  DA  B "C4'" 1 
ATOM   945  O "O4'" . DA  B 2 19 ? -20.488 34.807  2.024   1.00 21.70 ? 19  DA  B "O4'" 1 
ATOM   946  C "C3'" . DA  B 2 19 ? -22.223 36.398  1.754   1.00 24.71 ? 19  DA  B "C3'" 1 
ATOM   947  O "O3'" . DA  B 2 19 ? -22.943 36.013  0.583   1.00 19.46 ? 19  DA  B "O3'" 1 
ATOM   948  C "C2'" . DA  B 2 19 ? -22.531 35.525  2.960   1.00 21.10 ? 19  DA  B "C2'" 1 
ATOM   949  C "C1'" . DA  B 2 19 ? -21.542 34.371  2.853   1.00 21.91 ? 19  DA  B "C1'" 1 
ATOM   950  N N9    . DA  B 2 19 ? -20.948 33.904  4.104   1.00 20.01 ? 19  DA  B N9    1 
ATOM   951  C C8    . DA  B 2 19 ? -20.647 34.636  5.223   1.00 19.55 ? 19  DA  B C8    1 
ATOM   952  N N7    . DA  B 2 19 ? -20.086 33.937  6.175   1.00 19.46 ? 19  DA  B N7    1 
ATOM   953  C C5    . DA  B 2 19 ? -20.009 32.658  5.648   1.00 15.47 ? 19  DA  B C5    1 
ATOM   954  C C6    . DA  B 2 19 ? -19.527 31.446  6.170   1.00 15.74 ? 19  DA  B C6    1 
ATOM   955  N N6    . DA  B 2 19 ? -18.987 31.321  7.382   1.00 13.04 ? 19  DA  B N6    1 
ATOM   956  N N1    . DA  B 2 19 ? -19.615 30.351  5.390   1.00 15.11 ? 19  DA  B N1    1 
ATOM   957  C C2    . DA  B 2 19 ? -20.139 30.476  4.169   1.00 14.32 ? 19  DA  B C2    1 
ATOM   958  N N3    . DA  B 2 19 ? -20.628 31.553  3.571   1.00 21.32 ? 19  DA  B N3    1 
ATOM   959  C C4    . DA  B 2 19 ? -20.537 32.624  4.373   1.00 14.99 ? 19  DA  B C4    1 
ATOM   960  P P     . DA  B 2 20 ? -24.257 36.736  0.172   1.00 21.52 ? 20  DA  B P     1 
ATOM   961  O OP1   . DA  B 2 20 ? -24.455 36.562  -1.253  1.00 25.67 ? 20  DA  B OP1   1 
ATOM   962  O OP2   . DA  B 2 20 ? -24.252 38.068  0.738   1.00 25.91 ? 20  DA  B OP2   1 
ATOM   963  O "O5'" . DA  B 2 20 ? -25.378 35.880  0.888   1.00 27.25 ? 20  DA  B "O5'" 1 
ATOM   964  C "C5'" . DA  B 2 20 ? -25.670 34.540  0.489   1.00 20.95 ? 20  DA  B "C5'" 1 
ATOM   965  C "C4'" . DA  B 2 20 ? -26.302 33.802  1.641   1.00 18.98 ? 20  DA  B "C4'" 1 
ATOM   966  O "O4'" . DA  B 2 20 ? -25.308 33.574  2.655   1.00 15.45 ? 20  DA  B "O4'" 1 
ATOM   967  C "C3'" . DA  B 2 20 ? -27.443 34.553  2.333   1.00 18.96 ? 20  DA  B "C3'" 1 
ATOM   968  O "O3'" . DA  B 2 20 ? -28.668 33.871  2.111   1.00 16.34 ? 20  DA  B "O3'" 1 
ATOM   969  C "C2'" . DA  B 2 20 ? -27.067 34.535  3.806   1.00 12.73 ? 20  DA  B "C2'" 1 
ATOM   970  C "C1'" . DA  B 2 20 ? -26.010 33.459  3.857   1.00 13.36 ? 20  DA  B "C1'" 1 
ATOM   971  N N9    . DA  B 2 20 ? -25.064 33.546  4.960   1.00 13.75 ? 20  DA  B N9    1 
ATOM   972  C C8    . DA  B 2 20 ? -24.827 34.600  5.801   1.00 12.26 ? 20  DA  B C8    1 
ATOM   973  N N7    . DA  B 2 20 ? -23.966 34.336  6.749   1.00 16.46 ? 20  DA  B N7    1 
ATOM   974  C C5    . DA  B 2 20 ? -23.619 33.015  6.523   1.00 16.33 ? 20  DA  B C5    1 
ATOM   975  C C6    . DA  B 2 20 ? -22.737 32.144  7.179   1.00 13.74 ? 20  DA  B C6    1 
ATOM   976  N N6    . DA  B 2 20 ? -22.006 32.490  8.236   1.00 13.51 ? 20  DA  B N6    1 
ATOM   977  N N1    . DA  B 2 20 ? -22.626 30.888  6.702   1.00 15.56 ? 20  DA  B N1    1 
ATOM   978  C C2    . DA  B 2 20 ? -23.340 30.547  5.630   1.00 14.99 ? 20  DA  B C2    1 
ATOM   979  N N3    . DA  B 2 20 ? -24.203 31.270  4.929   1.00 14.00 ? 20  DA  B N3    1 
ATOM   980  C C4    . DA  B 2 20 ? -24.301 32.511  5.435   1.00 14.79 ? 20  DA  B C4    1 
HETATM 981  O O     . HOH C 3 .  ? -5.914  0.974   -9.644  1.00 25.43 ? 101 HOH A O     1 
HETATM 982  O O     . HOH C 3 .  ? 1.217   -9.425  -9.436  1.00 47.21 ? 102 HOH A O     1 
HETATM 983  O O     . HOH C 3 .  ? -4.171  -1.308  -14.548 1.00 32.51 ? 103 HOH A O     1 
HETATM 984  O O     . HOH C 3 .  ? 5.478   13.016  8.260   1.00 51.97 ? 104 HOH A O     1 
HETATM 985  O O     . HOH C 3 .  ? 1.339   14.629  6.777   1.00 31.79 ? 105 HOH A O     1 
HETATM 986  O O     . HOH C 3 .  ? -9.498  -0.153  22.853  1.00 55.00 ? 106 HOH A O     1 
HETATM 987  O O     . HOH C 3 .  ? 2.148   0.162   -16.798 1.00 43.22 ? 107 HOH A O     1 
HETATM 988  O O     . HOH C 3 .  ? -3.593  -12.600 -3.779  1.00 54.08 ? 108 HOH A O     1 
HETATM 989  O O     . HOH C 3 .  ? 6.746   9.362   -7.095  1.00 16.96 ? 109 HOH A O     1 
HETATM 990  O O     . HOH C 3 .  ? -2.216  -1.621  13.068  1.00 12.96 ? 110 HOH A O     1 
HETATM 991  O O     . HOH C 3 .  ? -3.171  -9.645  10.006  1.00 47.76 ? 111 HOH A O     1 
HETATM 992  O O     . HOH C 3 .  ? -0.276  7.272   -13.585 1.00 40.27 ? 112 HOH A O     1 
HETATM 993  O O     . HOH C 3 .  ? 2.348   7.483   10.426  1.00 16.05 ? 113 HOH A O     1 
HETATM 994  O O     . HOH C 3 .  ? -5.582  -4.838  7.943   1.00 22.43 ? 114 HOH A O     1 
HETATM 995  O O     . HOH C 3 .  ? 5.031   11.487  3.276   1.00 19.65 ? 115 HOH A O     1 
HETATM 996  O O     . HOH C 3 .  ? 6.768   -0.131  5.377   1.00 31.16 ? 116 HOH A O     1 
HETATM 997  O O     . HOH C 3 .  ? 3.062   -2.197  -0.841  1.00 16.70 ? 117 HOH A O     1 
HETATM 998  O O     . HOH C 3 .  ? 10.109  -6.754  -11.330 1.00 32.66 ? 118 HOH A O     1 
HETATM 999  O O     . HOH C 3 .  ? 11.554  5.826   -1.010  1.00 16.87 ? 119 HOH A O     1 
HETATM 1000 O O     . HOH C 3 .  ? -2.468  4.902   -13.039 1.00 26.38 ? 120 HOH A O     1 
HETATM 1001 O O     . HOH C 3 .  ? 5.291   1.578   -13.901 1.00 42.25 ? 121 HOH A O     1 
HETATM 1002 O O     . HOH C 3 .  ? -8.913  -2.944  -5.160  1.00 8.28  ? 122 HOH A O     1 
HETATM 1003 O O     . HOH C 3 .  ? 5.823   9.448   6.363   1.00 17.40 ? 123 HOH A O     1 
HETATM 1004 O O     . HOH C 3 .  ? -14.538 -4.109  16.058  1.00 44.35 ? 124 HOH A O     1 
HETATM 1005 O O     . HOH C 3 .  ? 8.196   -6.288  5.876   1.00 41.83 ? 125 HOH A O     1 
HETATM 1006 O O     . HOH C 3 .  ? -8.645  -0.133  -4.885  1.00 10.63 ? 126 HOH A O     1 
HETATM 1007 O O     . HOH C 3 .  ? 7.552   -11.764 -8.668  1.00 47.46 ? 127 HOH A O     1 
HETATM 1008 O O     . HOH C 3 .  ? 3.291   -6.392  -13.716 1.00 27.91 ? 128 HOH A O     1 
HETATM 1009 O O     . HOH C 3 .  ? -1.386  7.918   -10.164 1.00 27.07 ? 129 HOH A O     1 
HETATM 1010 O O     . HOH C 3 .  ? 11.817  2.528   -11.390 1.00 15.49 ? 130 HOH A O     1 
HETATM 1011 O O     . HOH C 3 .  ? 11.339  -4.836  -0.463  1.00 32.88 ? 131 HOH A O     1 
HETATM 1012 O O     . HOH C 3 .  ? 1.073   -2.700  10.425  1.00 23.17 ? 132 HOH A O     1 
HETATM 1013 O O     . HOH C 3 .  ? 10.314  0.511   -12.448 1.00 29.65 ? 133 HOH A O     1 
HETATM 1014 O O     . HOH C 3 .  ? 1.887   4.426   14.039  1.00 25.02 ? 134 HOH A O     1 
HETATM 1015 O O     . HOH C 3 .  ? -2.870  -6.046  9.412   1.00 46.46 ? 135 HOH A O     1 
HETATM 1016 O O     . HOH C 3 .  ? -7.365  -6.279  -7.338  1.00 32.99 ? 136 HOH A O     1 
HETATM 1017 O O     . HOH C 3 .  ? 6.521   12.675  5.721   1.00 43.68 ? 137 HOH A O     1 
HETATM 1018 O O     . HOH C 3 .  ? -3.280  -10.491 -1.854  1.00 31.91 ? 138 HOH A O     1 
HETATM 1019 O O     . HOH C 3 .  ? -5.198  -0.205  -12.810 1.00 30.71 ? 139 HOH A O     1 
HETATM 1020 O O     . HOH C 3 .  ? 6.604   3.031   6.830   1.00 33.93 ? 140 HOH A O     1 
HETATM 1021 O O     . HOH C 3 .  ? 7.186   -0.467  -13.160 1.00 41.10 ? 141 HOH A O     1 
HETATM 1022 O O     . HOH C 3 .  ? -15.195 2.287   18.279  1.00 48.20 ? 142 HOH A O     1 
HETATM 1023 O O     . HOH C 3 .  ? -1.535  8.477   -7.611  1.00 21.01 ? 143 HOH A O     1 
HETATM 1024 O O     . HOH C 3 .  ? 6.362   -4.519  6.755   1.00 30.87 ? 144 HOH A O     1 
HETATM 1025 O O     . HOH C 3 .  ? 10.340  -2.777  6.313   1.00 47.29 ? 145 HOH A O     1 
HETATM 1026 O O     . HOH C 3 .  ? 13.125  -4.003  3.267   1.00 34.60 ? 146 HOH A O     1 
HETATM 1027 O O     . HOH C 3 .  ? -15.940 -3.860  9.331   1.00 46.93 ? 147 HOH A O     1 
HETATM 1028 O O     . HOH C 3 .  ? -5.844  8.217   -11.954 1.00 34.88 ? 148 HOH A O     1 
HETATM 1029 O O     . HOH C 3 .  ? 9.181   10.111  -8.137  1.00 19.71 ? 149 HOH A O     1 
HETATM 1030 O O     . HOH C 3 .  ? 10.038  4.879   -10.786 1.00 17.35 ? 150 HOH A O     1 
HETATM 1031 O O     . HOH C 3 .  ? -7.032  -5.836  15.350  1.00 23.90 ? 151 HOH A O     1 
HETATM 1032 O O     . HOH C 3 .  ? -1.912  -11.946 0.443   1.00 42.34 ? 152 HOH A O     1 
HETATM 1033 O O     . HOH C 3 .  ? -0.275  -10.231 6.035   1.00 51.23 ? 153 HOH A O     1 
HETATM 1034 O O     . HOH C 3 .  ? -8.785  -5.540  17.412  1.00 50.58 ? 154 HOH A O     1 
HETATM 1035 O O     . HOH C 3 .  ? -6.113  -11.092 -1.888  1.00 41.29 ? 155 HOH A O     1 
HETATM 1036 O O     . HOH C 3 .  ? 8.298   2.559   -12.714 1.00 26.81 ? 156 HOH A O     1 
HETATM 1037 O O     . HOH C 3 .  ? -2.352  11.086  -6.878  1.00 19.90 ? 157 HOH A O     1 
HETATM 1038 O O     . HOH C 3 .  ? -0.154  -7.387  6.518   1.00 29.76 ? 158 HOH A O     1 
HETATM 1039 O O     . HOH C 3 .  ? 2.400   1.874   15.838  1.00 37.19 ? 159 HOH A O     1 
HETATM 1040 O O     . HOH C 3 .  ? 3.292   -1.654  11.772  1.00 28.86 ? 160 HOH A O     1 
HETATM 1041 O O     . HOH C 3 .  ? 9.321   -9.330  -2.873  1.00 29.60 ? 161 HOH A O     1 
HETATM 1042 O O     . HOH C 3 .  ? -16.102 -2.976  13.770  1.00 33.00 ? 162 HOH A O     1 
HETATM 1043 O O     . HOH C 3 .  ? -4.275  -5.410  -10.057 1.00 50.84 ? 163 HOH A O     1 
HETATM 1044 O O     . HOH C 3 .  ? -7.672  -2.983  21.739  1.00 39.41 ? 164 HOH A O     1 
HETATM 1045 O O     . HOH C 3 .  ? 11.175  4.133   6.481   1.00 51.71 ? 165 HOH A O     1 
HETATM 1046 O O     . HOH C 3 .  ? 7.066   5.461   8.129   1.00 45.36 ? 166 HOH A O     1 
HETATM 1047 O O     . HOH C 3 .  ? 0.319   17.655  4.372   1.00 25.90 ? 167 HOH A O     1 
HETATM 1048 O O     . HOH C 3 .  ? 14.499  3.358   3.409   1.00 44.70 ? 168 HOH A O     1 
HETATM 1049 O O     . HOH C 3 .  ? 0.417   15.944  -0.259  1.00 46.09 ? 169 HOH A O     1 
HETATM 1050 O O     . HOH C 3 .  ? 3.163   10.589  12.128  1.00 48.96 ? 170 HOH A O     1 
HETATM 1051 O O     . HOH C 3 .  ? 1.428   17.431  2.108   1.00 40.53 ? 171 HOH A O     1 
HETATM 1052 O O     . HOH C 3 .  ? 2.095   -5.095  9.472   1.00 26.89 ? 172 HOH A O     1 
HETATM 1053 O O     . HOH C 3 .  ? -2.911  -1.464  -17.106 1.00 52.85 ? 173 HOH A O     1 
HETATM 1054 O O     . HOH C 3 .  ? 12.616  0.057   5.785   1.00 56.66 ? 174 HOH A O     1 
HETATM 1055 O O     . HOH C 3 .  ? -0.248  -13.259 7.377   1.00 53.84 ? 175 HOH A O     1 
HETATM 1056 O O     . HOH C 3 .  ? 12.930  10.081  -3.279  1.00 42.01 ? 176 HOH A O     1 
HETATM 1057 O O     . HOH C 3 .  ? 8.679   -5.484  -13.531 1.00 28.73 ? 177 HOH A O     1 
HETATM 1058 O O     . HOH C 3 .  ? -3.058  0.816   -15.766 1.00 37.00 ? 178 HOH A O     1 
HETATM 1059 O O     . HOH C 3 .  ? 1.553   -5.697  -15.994 1.00 47.99 ? 179 HOH A O     1 
HETATM 1060 O O     . HOH C 3 .  ? 10.480  12.406  -2.613  1.00 48.20 ? 180 HOH A O     1 
HETATM 1061 O O     . HOH C 3 .  ? 1.623   -12.920 9.693   1.00 55.87 ? 181 HOH A O     1 
HETATM 1062 O O     . HOH C 3 .  ? 2.043   8.024   12.843  1.00 34.30 ? 182 HOH A O     1 
HETATM 1063 O O     . HOH C 3 .  ? 2.852   -0.667  14.678  1.00 42.67 ? 183 HOH A O     1 
HETATM 1064 O O     . HOH C 3 .  ? -0.057  -6.846  8.995   1.00 41.74 ? 184 HOH A O     1 
HETATM 1065 O O     . HOH C 3 .  ? -10.218 -7.096  14.836  1.00 53.06 ? 185 HOH A O     1 
HETATM 1066 O O     . HOH D 3 .  ? 13.387  17.317  -7.473  1.00 44.52 ? 101 HOH B O     1 
HETATM 1067 O O     . HOH D 3 .  ? 0.101   24.891  -11.528 1.00 48.09 ? 102 HOH B O     1 
HETATM 1068 O O     . HOH D 3 .  ? -14.543 29.299  9.245   1.00 18.55 ? 103 HOH B O     1 
HETATM 1069 O O     . HOH D 3 .  ? 12.979  5.791   1.551   1.00 25.52 ? 104 HOH B O     1 
HETATM 1070 O O     . HOH D 3 .  ? 13.015  0.286   2.797   1.00 36.12 ? 105 HOH B O     1 
HETATM 1071 O O     . HOH D 3 .  ? 3.751   25.265  -9.020  1.00 43.19 ? 106 HOH B O     1 
HETATM 1072 O O     . HOH D 3 .  ? -24.780 39.438  2.843   1.00 27.43 ? 107 HOH B O     1 
HETATM 1073 O O     . HOH D 3 .  ? 15.002  12.020  -3.050  1.00 31.69 ? 108 HOH B O     1 
HETATM 1074 O O     . HOH D 3 .  ? 11.185  19.500  -6.604  1.00 41.38 ? 109 HOH B O     1 
HETATM 1075 O O     . HOH D 3 .  ? -12.408 34.369  3.335   1.00 32.99 ? 110 HOH B O     1 
HETATM 1076 O O     . HOH D 3 .  ? -29.562 33.443  -0.305  1.00 19.06 ? 111 HOH B O     1 
HETATM 1077 O O     . HOH D 3 .  ? 2.382   18.181  -12.274 1.00 43.33 ? 112 HOH B O     1 
HETATM 1078 O O     . HOH D 3 .  ? -6.668  27.285  10.916  1.00 46.31 ? 113 HOH B O     1 
HETATM 1079 O O     . HOH D 3 .  ? 15.012  0.180   -12.359 1.00 30.54 ? 114 HOH B O     1 
HETATM 1080 O O     . HOH D 3 .  ? 8.075   23.554  -9.228  1.00 46.43 ? 115 HOH B O     1 
HETATM 1081 O O     . HOH D 3 .  ? -6.156  23.088  -3.485  1.00 48.51 ? 116 HOH B O     1 
HETATM 1082 O O     . HOH D 3 .  ? 14.756  -7.155  -11.196 1.00 19.25 ? 117 HOH B O     1 
HETATM 1083 O O     . HOH D 3 .  ? -8.451  16.991  1.794   1.00 21.55 ? 118 HOH B O     1 
HETATM 1084 O O     . HOH D 3 .  ? 8.508   22.197  -6.837  1.00 38.55 ? 119 HOH B O     1 
HETATM 1085 O O     . HOH D 3 .  ? 5.517   18.281  -14.225 1.00 45.63 ? 120 HOH B O     1 
HETATM 1086 O O     . HOH D 3 .  ? 0.061   17.762  -7.106  1.00 27.11 ? 121 HOH B O     1 
HETATM 1087 O O     . HOH D 3 .  ? 19.990  7.876   -7.225  1.00 38.56 ? 122 HOH B O     1 
HETATM 1088 O O     . HOH D 3 .  ? -5.045  26.490  -1.004  1.00 44.83 ? 123 HOH B O     1 
HETATM 1089 O O     . HOH D 3 .  ? 19.041  -2.987  -13.845 1.00 31.52 ? 124 HOH B O     1 
HETATM 1090 O O     . HOH D 3 .  ? -24.074 34.012  -2.413  1.00 50.33 ? 125 HOH B O     1 
HETATM 1091 O O     . HOH D 3 .  ? 10.973  -2.956  -7.940  1.00 17.93 ? 126 HOH B O     1 
HETATM 1092 O O     . HOH D 3 .  ? 10.193  -0.801  1.149   1.00 18.71 ? 127 HOH B O     1 
HETATM 1093 O O     . HOH D 3 .  ? 0.605   22.421  5.112   1.00 27.69 ? 128 HOH B O     1 
HETATM 1094 O O     . HOH D 3 .  ? -7.248  18.419  -6.194  1.00 63.28 ? 129 HOH B O     1 
HETATM 1095 O O     . HOH D 3 .  ? -3.221  25.676  -4.299  1.00 33.85 ? 130 HOH B O     1 
HETATM 1096 O O     . HOH D 3 .  ? -24.497 30.267  2.245   1.00 18.04 ? 131 HOH B O     1 
HETATM 1097 O O     . HOH D 3 .  ? -5.723  23.591  12.403  1.00 48.14 ? 132 HOH B O     1 
HETATM 1098 O O     . HOH D 3 .  ? -6.952  20.835  1.692   1.00 16.84 ? 133 HOH B O     1 
HETATM 1099 O O     . HOH D 3 .  ? 12.243  -4.837  -9.824  1.00 19.57 ? 134 HOH B O     1 
HETATM 1100 O O     . HOH D 3 .  ? -22.043 31.255  1.039   1.00 39.95 ? 135 HOH B O     1 
HETATM 1101 O O     . HOH D 3 .  ? 1.027   17.977  -2.528  0.50 35.51 ? 136 HOH B O     1 
HETATM 1102 O O     . HOH D 3 .  ? 19.745  4.371   -3.791  1.00 32.94 ? 137 HOH B O     1 
HETATM 1103 O O     . HOH D 3 .  ? -16.956 41.372  4.673   1.00 49.26 ? 138 HOH B O     1 
HETATM 1104 O O     . HOH D 3 .  ? -18.852 33.775  9.078   1.00 30.33 ? 139 HOH B O     1 
HETATM 1105 O O     . HOH D 3 .  ? -18.205 33.319  0.786   1.00 40.26 ? 140 HOH B O     1 
HETATM 1106 O O     . HOH D 3 .  ? -20.338 40.834  6.754   1.00 32.97 ? 141 HOH B O     1 
HETATM 1107 O O     . HOH D 3 .  ? -1.802  33.678  6.818   1.00 45.29 ? 142 HOH B O     1 
HETATM 1108 O O     . HOH D 3 .  ? -10.028 28.392  9.205   1.00 45.73 ? 143 HOH B O     1 
HETATM 1109 O O     . HOH D 3 .  ? 11.697  17.778  -15.831 1.00 47.77 ? 144 HOH B O     1 
HETATM 1110 O O     . HOH D 3 .  ? 13.295  -3.237  0.658   1.00 54.66 ? 145 HOH B O     1 
HETATM 1111 O O     . HOH D 3 .  ? 0.494   16.858  -10.247 1.00 44.33 ? 146 HOH B O     1 
HETATM 1112 O O     . HOH D 3 .  ? 13.373  -7.205  -1.589  1.00 51.39 ? 147 HOH B O     1 
HETATM 1113 O O     . HOH D 3 .  ? -2.199  22.793  13.097  1.00 48.55 ? 148 HOH B O     1 
HETATM 1114 O O     . HOH D 3 .  ? 12.046  12.757  -6.294  1.00 22.74 ? 149 HOH B O     1 
HETATM 1115 O O     . HOH D 3 .  ? 11.368  9.900   -5.804  1.00 4.84  ? 150 HOH B O     1 
HETATM 1116 O O     . HOH D 3 .  ? -22.900 34.245  10.810  1.00 20.09 ? 151 HOH B O     1 
HETATM 1117 O O     . HOH D 3 .  ? -6.374  22.168  -0.530  1.00 29.92 ? 152 HOH B O     1 
HETATM 1118 O O     . HOH D 3 .  ? 2.020   24.950  6.295   1.00 47.78 ? 153 HOH B O     1 
HETATM 1119 O O     . HOH D 3 .  ? 13.704  8.082   -1.487  1.00 41.33 ? 154 HOH B O     1 
HETATM 1120 O O     . HOH D 3 .  ? -12.932 30.657  11.301  1.00 41.70 ? 155 HOH B O     1 
HETATM 1121 O O     . HOH D 3 .  ? 16.630  -0.583  -14.657 1.00 42.78 ? 156 HOH B O     1 
HETATM 1122 O O     . HOH D 3 .  ? 14.153  13.454  -5.181  1.00 43.19 ? 157 HOH B O     1 
# 
loop_
_pdbx_poly_seq_scheme.asym_id 
_pdbx_poly_seq_scheme.entity_id 
_pdbx_poly_seq_scheme.seq_id 
_pdbx_poly_seq_scheme.mon_id 
_pdbx_poly_seq_scheme.ndb_seq_num 
_pdbx_poly_seq_scheme.pdb_seq_num 
_pdbx_poly_seq_scheme.auth_seq_num 
_pdbx_poly_seq_scheme.pdb_mon_id 
_pdbx_poly_seq_scheme.auth_mon_id 
_pdbx_poly_seq_scheme.pdb_strand_id 
_pdbx_poly_seq_scheme.pdb_ins_code 
_pdbx_poly_seq_scheme.hetero 
A 1 1  PHE 1  4  4  PHE PHE A . n 
A 1 2  GLN 2  5  5  GLN GLN A . n 
A 1 3  LYS 3  6  6  LYS LYS A . n 
A 1 4  ILE 4  7  7  ILE ILE A . n 
A 1 5  TYR 5  8  8  TYR TYR A . n 
A 1 6  SER 6  9  9  SER SER A . n 
A 1 7  PRO 7  10 10 PRO PRO A . n 
A 1 8  THR 8  11 11 THR THR A . n 
A 1 9  GLN 9  12 12 GLN GLN A . n 
A 1 10 LEU 10 13 13 LEU LEU A . n 
A 1 11 ALA 11 14 14 ALA ALA A . n 
A 1 12 ASN 12 15 15 ASN ASN A . n 
A 1 13 ALA 13 16 16 ALA ALA A . n 
A 1 14 MET 14 17 17 MET MET A . n 
A 1 15 LYS 15 18 18 LYS LYS A . n 
A 1 16 LEU 16 19 19 LEU LEU A . n 
A 1 17 VAL 17 20 20 VAL VAL A . n 
A 1 18 ARG 18 21 21 ARG ARG A . n 
A 1 19 GLN 19 22 22 GLN GLN A . n 
A 1 20 GLN 20 23 23 GLN GLN A . n 
A 1 21 ASN 21 24 24 ASN ASN A . n 
A 1 22 GLY 22 25 25 GLY GLY A . n 
A 1 23 TRP 23 26 26 TRP TRP A . n 
A 1 24 THR 24 27 27 THR THR A . n 
A 1 25 GLN 25 28 28 GLN GLN A . n 
A 1 26 SER 26 29 29 SER SER A . n 
A 1 27 GLU 27 30 30 GLU GLU A . n 
A 1 28 LEU 28 31 31 LEU LEU A . n 
A 1 29 ALA 29 32 32 ALA ALA A . n 
A 1 30 LYS 30 33 33 LYS LYS A . n 
A 1 31 LYS 31 34 34 LYS LYS A . n 
A 1 32 ILE 32 35 35 ILE ILE A . n 
A 1 33 GLY 33 36 36 GLY GLY A . n 
A 1 34 ILE 34 37 37 ILE ILE A . n 
A 1 35 LYS 35 38 38 LYS LYS A . n 
A 1 36 GLN 36 39 39 GLN GLN A . n 
A 1 37 ALA 37 40 40 ALA ALA A . n 
A 1 38 THR 38 41 41 THR THR A . n 
A 1 39 ILE 39 42 42 ILE ILE A . n 
A 1 40 SER 40 43 43 SER SER A . n 
A 1 41 ASN 41 44 44 ASN ASN A . n 
A 1 42 PHE 42 45 45 PHE PHE A . n 
A 1 43 GLU 43 46 46 GLU GLU A . n 
A 1 44 ASN 44 47 47 ASN ASN A . n 
A 1 45 ASN 45 48 48 ASN ASN A . n 
A 1 46 PRO 46 49 49 PRO PRO A . n 
A 1 47 ASP 47 50 50 ASP ASP A . n 
A 1 48 ASN 48 51 51 ASN ASN A . n 
A 1 49 THR 49 52 52 THR THR A . n 
A 1 50 THR 50 53 53 THR THR A . n 
A 1 51 LEU 51 54 54 LEU LEU A . n 
A 1 52 THR 52 55 55 THR THR A . n 
A 1 53 THR 53 56 56 THR THR A . n 
A 1 54 PHE 54 57 57 PHE PHE A . n 
A 1 55 PHE 55 58 58 PHE PHE A . n 
A 1 56 LYS 56 59 59 LYS LYS A . n 
A 1 57 ILE 57 60 60 ILE ILE A . n 
A 1 58 LEU 58 61 61 LEU LEU A . n 
A 1 59 GLN 59 62 62 GLN GLN A . n 
A 1 60 SER 60 63 63 SER SER A . n 
A 1 61 LEU 61 64 64 LEU LEU A . n 
A 1 62 GLU 62 65 65 GLU GLU A . n 
A 1 63 LEU 63 66 66 LEU LEU A . n 
A 1 64 SER 64 67 67 SER SER A . n 
A 1 65 MET 65 68 68 MET MET A . n 
A 1 66 THR 66 69 69 THR THR A . n 
A 1 67 LEU 67 70 70 LEU LEU A . n 
A 1 68 CYS 68 71 71 CYS CYS A . n 
A 1 69 ASP 69 72 72 ASP ASP A . n 
A 1 70 ALA 70 73 73 ALA ALA A . n 
A 1 71 LYS 71 74 74 LYS LYS A . n 
B 2 1  DT  1  1  1  DT  DT  B . n 
B 2 2  DT  2  2  2  DT  DT  B . n 
B 2 3  DA  3  3  3  DA  DA  B . n 
B 2 4  DT  4  4  4  DT  DT  B . n 
B 2 5  DC  5  5  5  DC  DC  B . n 
B 2 6  DC  6  6  6  DC  DC  B . n 
B 2 7  DG  7  7  7  DG  DG  B . n 
B 2 8  DC  8  8  8  DC  DC  B . n 
B 2 9  DG  9  9  9  DG  DG  B . n 
B 2 10 DA  10 10 10 DA  DA  B . n 
B 2 11 DT  11 11 11 DT  DT  B . n 
B 2 12 DC  12 12 12 DC  DC  B . n 
B 2 13 DG  13 13 13 DG  DG  B . n 
B 2 14 DC  14 14 14 DC  DC  B . n 
B 2 15 DG  15 15 15 DG  DG  B . n 
B 2 16 DG  16 16 16 DG  DG  B . n 
B 2 17 DA  17 17 17 DA  DA  B . n 
B 2 18 DT  18 18 18 DT  DT  B . n 
B 2 19 DA  19 19 19 DA  DA  B . n 
B 2 20 DA  20 20 20 DA  DA  B . n 
# 
loop_
_pdbx_nonpoly_scheme.asym_id 
_pdbx_nonpoly_scheme.entity_id 
_pdbx_nonpoly_scheme.mon_id 
_pdbx_nonpoly_scheme.ndb_seq_num 
_pdbx_nonpoly_scheme.pdb_seq_num 
_pdbx_nonpoly_scheme.auth_seq_num 
_pdbx_nonpoly_scheme.pdb_mon_id 
_pdbx_nonpoly_scheme.auth_mon_id 
_pdbx_nonpoly_scheme.pdb_strand_id 
_pdbx_nonpoly_scheme.pdb_ins_code 
C 3 HOH 1  101 89  HOH HOH A . 
C 3 HOH 2  102 121 HOH HOH A . 
C 3 HOH 3  103 142 HOH HOH A . 
C 3 HOH 4  104 108 HOH HOH A . 
C 3 HOH 5  105 84  HOH HOH A . 
C 3 HOH 6  106 113 HOH HOH A . 
C 3 HOH 7  107 64  HOH HOH A . 
C 3 HOH 8  108 134 HOH HOH A . 
C 3 HOH 9  109 16  HOH HOH A . 
C 3 HOH 10 110 38  HOH HOH A . 
C 3 HOH 11 111 96  HOH HOH A . 
C 3 HOH 12 112 53  HOH HOH A . 
C 3 HOH 13 113 5   HOH HOH A . 
C 3 HOH 14 114 11  HOH HOH A . 
C 3 HOH 15 115 33  HOH HOH A . 
C 3 HOH 16 116 27  HOH HOH A . 
C 3 HOH 17 117 10  HOH HOH A . 
C 3 HOH 18 118 130 HOH HOH A . 
C 3 HOH 19 119 28  HOH HOH A . 
C 3 HOH 20 120 20  HOH HOH A . 
C 3 HOH 21 121 103 HOH HOH A . 
C 3 HOH 22 122 4   HOH HOH A . 
C 3 HOH 23 123 8   HOH HOH A . 
C 3 HOH 24 124 136 HOH HOH A . 
C 3 HOH 25 125 78  HOH HOH A . 
C 3 HOH 26 126 1   HOH HOH A . 
C 3 HOH 27 127 123 HOH HOH A . 
C 3 HOH 28 128 86  HOH HOH A . 
C 3 HOH 29 129 51  HOH HOH A . 
C 3 HOH 30 130 22  HOH HOH A . 
C 3 HOH 31 131 58  HOH HOH A . 
C 3 HOH 32 132 9   HOH HOH A . 
C 3 HOH 33 133 42  HOH HOH A . 
C 3 HOH 34 134 21  HOH HOH A . 
C 3 HOH 35 135 100 HOH HOH A . 
C 3 HOH 36 136 45  HOH HOH A . 
C 3 HOH 37 137 75  HOH HOH A . 
C 3 HOH 38 138 57  HOH HOH A . 
C 3 HOH 39 139 54  HOH HOH A . 
C 3 HOH 40 140 29  HOH HOH A . 
C 3 HOH 41 141 66  HOH HOH A . 
C 3 HOH 42 142 133 HOH HOH A . 
C 3 HOH 43 143 73  HOH HOH A . 
C 3 HOH 44 144 37  HOH HOH A . 
C 3 HOH 45 145 114 HOH HOH A . 
C 3 HOH 46 146 46  HOH HOH A . 
C 3 HOH 47 147 65  HOH HOH A . 
C 3 HOH 48 148 91  HOH HOH A . 
C 3 HOH 49 149 39  HOH HOH A . 
C 3 HOH 50 150 23  HOH HOH A . 
C 3 HOH 51 151 32  HOH HOH A . 
C 3 HOH 52 152 80  HOH HOH A . 
C 3 HOH 53 153 67  HOH HOH A . 
C 3 HOH 54 154 81  HOH HOH A . 
C 3 HOH 55 155 61  HOH HOH A . 
C 3 HOH 56 156 34  HOH HOH A . 
C 3 HOH 57 157 48  HOH HOH A . 
C 3 HOH 58 158 62  HOH HOH A . 
C 3 HOH 59 159 92  HOH HOH A . 
C 3 HOH 60 160 35  HOH HOH A . 
C 3 HOH 61 161 52  HOH HOH A . 
C 3 HOH 62 162 135 HOH HOH A . 
C 3 HOH 63 163 126 HOH HOH A . 
C 3 HOH 64 164 132 HOH HOH A . 
C 3 HOH 65 165 140 HOH HOH A . 
C 3 HOH 66 166 79  HOH HOH A . 
C 3 HOH 67 167 77  HOH HOH A . 
C 3 HOH 68 168 139 HOH HOH A . 
C 3 HOH 69 169 50  HOH HOH A . 
C 3 HOH 70 170 117 HOH HOH A . 
C 3 HOH 71 171 85  HOH HOH A . 
C 3 HOH 72 172 36  HOH HOH A . 
C 3 HOH 73 173 101 HOH HOH A . 
C 3 HOH 74 174 112 HOH HOH A . 
C 3 HOH 75 175 125 HOH HOH A . 
C 3 HOH 76 176 63  HOH HOH A . 
C 3 HOH 77 177 131 HOH HOH A . 
C 3 HOH 78 178 74  HOH HOH A . 
C 3 HOH 79 179 94  HOH HOH A . 
C 3 HOH 80 180 144 HOH HOH A . 
C 3 HOH 81 181 127 HOH HOH A . 
C 3 HOH 82 182 56  HOH HOH A . 
C 3 HOH 83 183 93  HOH HOH A . 
C 3 HOH 84 184 102 HOH HOH A . 
C 3 HOH 85 185 116 HOH HOH A . 
D 3 HOH 1  101 97  HOH HOH B . 
D 3 HOH 2  102 104 HOH HOH B . 
D 3 HOH 3  103 12  HOH HOH B . 
D 3 HOH 4  104 43  HOH HOH B . 
D 3 HOH 5  105 47  HOH HOH B . 
D 3 HOH 6  106 109 HOH HOH B . 
D 3 HOH 7  107 19  HOH HOH B . 
D 3 HOH 8  108 26  HOH HOH B . 
D 3 HOH 9  109 68  HOH HOH B . 
D 3 HOH 10 110 18  HOH HOH B . 
D 3 HOH 11 111 30  HOH HOH B . 
D 3 HOH 12 112 98  HOH HOH B . 
D 3 HOH 13 113 82  HOH HOH B . 
D 3 HOH 14 114 13  HOH HOH B . 
D 3 HOH 15 115 106 HOH HOH B . 
D 3 HOH 16 116 143 HOH HOH B . 
D 3 HOH 17 117 31  HOH HOH B . 
D 3 HOH 18 118 40  HOH HOH B . 
D 3 HOH 19 119 59  HOH HOH B . 
D 3 HOH 20 120 76  HOH HOH B . 
D 3 HOH 21 121 88  HOH HOH B . 
D 3 HOH 22 122 120 HOH HOH B . 
D 3 HOH 23 123 137 HOH HOH B . 
D 3 HOH 24 124 24  HOH HOH B . 
D 3 HOH 25 125 128 HOH HOH B . 
D 3 HOH 26 126 3   HOH HOH B . 
D 3 HOH 27 127 2   HOH HOH B . 
D 3 HOH 28 128 49  HOH HOH B . 
D 3 HOH 29 129 129 HOH HOH B . 
D 3 HOH 30 130 60  HOH HOH B . 
D 3 HOH 31 131 14  HOH HOH B . 
D 3 HOH 32 132 107 HOH HOH B . 
D 3 HOH 33 133 15  HOH HOH B . 
D 3 HOH 34 134 6   HOH HOH B . 
D 3 HOH 35 135 141 HOH HOH B . 
D 3 HOH 36 136 90  HOH HOH B . 
D 3 HOH 37 137 7   HOH HOH B . 
D 3 HOH 38 138 124 HOH HOH B . 
D 3 HOH 39 139 87  HOH HOH B . 
D 3 HOH 40 140 41  HOH HOH B . 
D 3 HOH 41 141 55  HOH HOH B . 
D 3 HOH 42 142 83  HOH HOH B . 
D 3 HOH 43 143 71  HOH HOH B . 
D 3 HOH 44 144 72  HOH HOH B . 
D 3 HOH 45 145 105 HOH HOH B . 
D 3 HOH 46 146 70  HOH HOH B . 
D 3 HOH 47 147 115 HOH HOH B . 
D 3 HOH 48 148 111 HOH HOH B . 
D 3 HOH 49 149 119 HOH HOH B . 
D 3 HOH 50 150 118 HOH HOH B . 
D 3 HOH 51 151 25  HOH HOH B . 
D 3 HOH 52 152 17  HOH HOH B . 
D 3 HOH 53 153 122 HOH HOH B . 
D 3 HOH 54 154 44  HOH HOH B . 
D 3 HOH 55 155 69  HOH HOH B . 
D 3 HOH 56 156 110 HOH HOH B . 
D 3 HOH 57 157 138 HOH HOH B . 
# 
_pdbx_struct_assembly.id                   1 
_pdbx_struct_assembly.details              author_and_software_defined_assembly 
_pdbx_struct_assembly.method_details       PISA 
_pdbx_struct_assembly.oligomeric_details   tetrameric 
_pdbx_struct_assembly.oligomeric_count     4 
# 
_pdbx_struct_assembly_gen.assembly_id       1 
_pdbx_struct_assembly_gen.oper_expression   1,2 
_pdbx_struct_assembly_gen.asym_id_list      A,B,C,D 
# 
loop_
_pdbx_struct_assembly_prop.biol_id 
_pdbx_struct_assembly_prop.type 
_pdbx_struct_assembly_prop.value 
_pdbx_struct_assembly_prop.details 
1 'ABSA (A^2)' 7140  ? 
1 MORE         -53   ? 
1 'SSA (A^2)'  12310 ? 
# 
loop_
_pdbx_struct_oper_list.id 
_pdbx_struct_oper_list.type 
_pdbx_struct_oper_list.name 
_pdbx_struct_oper_list.symmetry_operation 
_pdbx_struct_oper_list.matrix[1][1] 
_pdbx_struct_oper_list.matrix[1][2] 
_pdbx_struct_oper_list.matrix[1][3] 
_pdbx_struct_oper_list.vector[1] 
_pdbx_struct_oper_list.matrix[2][1] 
_pdbx_struct_oper_list.matrix[2][2] 
_pdbx_struct_oper_list.matrix[2][3] 
_pdbx_struct_oper_list.vector[2] 
_pdbx_struct_oper_list.matrix[3][1] 
_pdbx_struct_oper_list.matrix[3][2] 
_pdbx_struct_oper_list.matrix[3][3] 
_pdbx_struct_oper_list.vector[3] 
1 'identity operation'         1_555  x,y,z              1.0000000000  0.0000000000 0.0000000000  0.0000000000   0.0000000000 1.0000000000 0.0000000000  0.0000000000  0.0000000000  0.0000000000  1.0000000000  0.0000000000 
2 'crystal symmetry operation' 13_455 y-1/4,x+1/4,-z+1/4 -0.5481965090 0.7639076993 -0.3404785082 -13.0038205885 0.7639076993 0.2916123593 -0.5756798233 10.4953845477 -0.3404785082 -0.5756798233 -0.7434158503 6.2921255598 
# 
_pdbx_struct_special_symmetry.id              1 
_pdbx_struct_special_symmetry.PDB_model_num   1 
_pdbx_struct_special_symmetry.auth_asym_id    B 
_pdbx_struct_special_symmetry.auth_comp_id    HOH 
_pdbx_struct_special_symmetry.auth_seq_id     136 
_pdbx_struct_special_symmetry.PDB_ins_code    ? 
_pdbx_struct_special_symmetry.label_asym_id   D 
_pdbx_struct_special_symmetry.label_comp_id   HOH 
_pdbx_struct_special_symmetry.label_seq_id    . 
# 
loop_
_pdbx_audit_revision_history.ordinal 
_pdbx_audit_revision_history.data_content_type 
_pdbx_audit_revision_history.major_revision 
_pdbx_audit_revision_history.minor_revision 
_pdbx_audit_revision_history.revision_date 
1 'Structure model' 1 0 2016-07-06 
2 'Structure model' 1 1 2017-11-22 
3 'Structure model' 1 2 2023-09-27 
# 
_pdbx_audit_revision_details.ordinal             1 
_pdbx_audit_revision_details.revision_ordinal    1 
_pdbx_audit_revision_details.data_content_type   'Structure model' 
_pdbx_audit_revision_details.provider            repository 
_pdbx_audit_revision_details.type                'Initial release' 
_pdbx_audit_revision_details.description         ? 
_pdbx_audit_revision_details.details             ? 
# 
loop_
_pdbx_audit_revision_group.ordinal 
_pdbx_audit_revision_group.revision_ordinal 
_pdbx_audit_revision_group.data_content_type 
_pdbx_audit_revision_group.group 
1 2 'Structure model' 'Derived calculations'   
2 2 'Structure model' 'Refinement description' 
3 3 'Structure model' 'Data collection'        
4 3 'Structure model' 'Database references'    
5 3 'Structure model' 'Refinement description' 
# 
loop_
_pdbx_audit_revision_category.ordinal 
_pdbx_audit_revision_category.revision_ordinal 
_pdbx_audit_revision_category.data_content_type 
_pdbx_audit_revision_category.category 
1 2 'Structure model' pdbx_struct_oper_list         
2 2 'Structure model' software                      
3 3 'Structure model' chem_comp_atom                
4 3 'Structure model' chem_comp_bond                
5 3 'Structure model' database_2                    
6 3 'Structure model' pdbx_initial_refinement_model 
# 
loop_
_pdbx_audit_revision_item.ordinal 
_pdbx_audit_revision_item.revision_ordinal 
_pdbx_audit_revision_item.data_content_type 
_pdbx_audit_revision_item.item 
1 2 'Structure model' '_pdbx_struct_oper_list.symmetry_operation' 
2 3 'Structure model' '_database_2.pdbx_DOI'                      
3 3 'Structure model' '_database_2.pdbx_database_accession'       
# 
_pdbx_refine_tls.pdbx_refine_id   'X-RAY DIFFRACTION' 
_pdbx_refine_tls.id               1 
_pdbx_refine_tls.details          ? 
_pdbx_refine_tls.method           refined 
_pdbx_refine_tls.origin_x         0.5454 
_pdbx_refine_tls.origin_y         8.6404 
_pdbx_refine_tls.origin_z         -0.5962 
_pdbx_refine_tls.T[1][1]          0.0364 
_pdbx_refine_tls.T[2][2]          0.0656 
_pdbx_refine_tls.T[3][3]          0.0748 
_pdbx_refine_tls.T[1][2]          0.0321 
_pdbx_refine_tls.T[1][3]          0.0035 
_pdbx_refine_tls.T[2][3]          -0.0019 
_pdbx_refine_tls.L[1][1]          0.0271 
_pdbx_refine_tls.L[2][2]          0.0056 
_pdbx_refine_tls.L[3][3]          0.0107 
_pdbx_refine_tls.L[1][2]          0.0060 
_pdbx_refine_tls.L[1][3]          0.0074 
_pdbx_refine_tls.L[2][3]          0.0005 
_pdbx_refine_tls.S[1][1]          0.0012 
_pdbx_refine_tls.S[2][2]          -0.0051 
_pdbx_refine_tls.S[3][3]          -0.0260 
_pdbx_refine_tls.S[1][2]          -0.0169 
_pdbx_refine_tls.S[1][3]          0.0697 
_pdbx_refine_tls.S[2][3]          -0.0180 
_pdbx_refine_tls.S[2][1]          -0.0014 
_pdbx_refine_tls.S[3][1]          -0.0162 
_pdbx_refine_tls.S[3][2]          -0.0045 
# 
loop_
_pdbx_refine_tls_group.pdbx_refine_id 
_pdbx_refine_tls_group.id 
_pdbx_refine_tls_group.refine_tls_id 
_pdbx_refine_tls_group.beg_auth_asym_id 
_pdbx_refine_tls_group.beg_auth_seq_id 
_pdbx_refine_tls_group.end_auth_asym_id 
_pdbx_refine_tls_group.end_auth_seq_id 
_pdbx_refine_tls_group.selection_details 
_pdbx_refine_tls_group.beg_label_asym_id 
_pdbx_refine_tls_group.beg_label_seq_id 
_pdbx_refine_tls_group.end_label_asym_id 
_pdbx_refine_tls_group.end_label_seq_id 
_pdbx_refine_tls_group.selection 
'X-RAY DIFFRACTION' 1 1 A 4   A 74  
'( CHAIN A AND  ( RESID 4:74 OR RESID 101:184 )  )  OR  ( CHAIN B AND  ( RESID 101:157 OR RESID 1:20 )  )' ? ? ? ? ? 
'X-RAY DIFFRACTION' 2 1 A 101 A 184 
'( CHAIN A AND  ( RESID 4:74 OR RESID 101:184 )  )  OR  ( CHAIN B AND  ( RESID 101:157 OR RESID 1:20 )  )' ? ? ? ? ? 
'X-RAY DIFFRACTION' 3 1 B 101 B 157 
'( CHAIN A AND  ( RESID 4:74 OR RESID 101:184 )  )  OR  ( CHAIN B AND  ( RESID 101:157 OR RESID 1:20 )  )' ? ? ? ? ? 
'X-RAY DIFFRACTION' 4 1 B 1   B 20  
'( CHAIN A AND  ( RESID 4:74 OR RESID 101:184 )  )  OR  ( CHAIN B AND  ( RESID 101:157 OR RESID 1:20 )  )' ? ? ? ? ? 
# 
loop_
_software.citation_id 
_software.classification 
_software.compiler_name 
_software.compiler_version 
_software.contact_author 
_software.contact_author_email 
_software.date 
_software.description 
_software.dependencies 
_software.hardware 
_software.language 
_software.location 
_software.mods 
_software.name 
_software.os 
_software.os_version 
_software.type 
_software.version 
_software.pdbx_ordinal 
? 'data reduction'  ? ? ? ? ? ? ? ? ? ? ? HKL-3000    ? ? ? .                             1 
? refinement        ? ? ? ? ? ? ? ? ? ? ? PHENIX      ? ? ? '(phenix.refine: 1.8.1_1168)' 2 
? 'data extraction' ? ? ? ? ? ? ? ? ? ? ? PDB_EXTRACT ? ? ? 3.14                          3 
? 'data scaling'    ? ? ? ? ? ? ? ? ? ? ? HKL-3000    ? ? ? .                             4 
? phasing           ? ? ? ? ? ? ? ? ? ? ? PHASER      ? ? ? .                             5 
? 'data reduction'  ? ? ? ? ? ? ? ? ? ? ? DENZO       ? ? ? .                             6 
? 'data scaling'    ? ? ? ? ? ? ? ? ? ? ? SCALEPACK   ? ? ? .                             7 
# 
loop_
_chem_comp_atom.comp_id 
_chem_comp_atom.atom_id 
_chem_comp_atom.type_symbol 
_chem_comp_atom.pdbx_aromatic_flag 
_chem_comp_atom.pdbx_stereo_config 
_chem_comp_atom.pdbx_ordinal 
ALA N      N N N 1   
ALA CA     C N S 2   
ALA C      C N N 3   
ALA O      O N N 4   
ALA CB     C N N 5   
ALA OXT    O N N 6   
ALA H      H N N 7   
ALA H2     H N N 8   
ALA HA     H N N 9   
ALA HB1    H N N 10  
ALA HB2    H N N 11  
ALA HB3    H N N 12  
ALA HXT    H N N 13  
ARG N      N N N 14  
ARG CA     C N S 15  
ARG C      C N N 16  
ARG O      O N N 17  
ARG CB     C N N 18  
ARG CG     C N N 19  
ARG CD     C N N 20  
ARG NE     N N N 21  
ARG CZ     C N N 22  
ARG NH1    N N N 23  
ARG NH2    N N N 24  
ARG OXT    O N N 25  
ARG H      H N N 26  
ARG H2     H N N 27  
ARG HA     H N N 28  
ARG HB2    H N N 29  
ARG HB3    H N N 30  
ARG HG2    H N N 31  
ARG HG3    H N N 32  
ARG HD2    H N N 33  
ARG HD3    H N N 34  
ARG HE     H N N 35  
ARG HH11   H N N 36  
ARG HH12   H N N 37  
ARG HH21   H N N 38  
ARG HH22   H N N 39  
ARG HXT    H N N 40  
ASN N      N N N 41  
ASN CA     C N S 42  
ASN C      C N N 43  
ASN O      O N N 44  
ASN CB     C N N 45  
ASN CG     C N N 46  
ASN OD1    O N N 47  
ASN ND2    N N N 48  
ASN OXT    O N N 49  
ASN H      H N N 50  
ASN H2     H N N 51  
ASN HA     H N N 52  
ASN HB2    H N N 53  
ASN HB3    H N N 54  
ASN HD21   H N N 55  
ASN HD22   H N N 56  
ASN HXT    H N N 57  
ASP N      N N N 58  
ASP CA     C N S 59  
ASP C      C N N 60  
ASP O      O N N 61  
ASP CB     C N N 62  
ASP CG     C N N 63  
ASP OD1    O N N 64  
ASP OD2    O N N 65  
ASP OXT    O N N 66  
ASP H      H N N 67  
ASP H2     H N N 68  
ASP HA     H N N 69  
ASP HB2    H N N 70  
ASP HB3    H N N 71  
ASP HD2    H N N 72  
ASP HXT    H N N 73  
CYS N      N N N 74  
CYS CA     C N R 75  
CYS C      C N N 76  
CYS O      O N N 77  
CYS CB     C N N 78  
CYS SG     S N N 79  
CYS OXT    O N N 80  
CYS H      H N N 81  
CYS H2     H N N 82  
CYS HA     H N N 83  
CYS HB2    H N N 84  
CYS HB3    H N N 85  
CYS HG     H N N 86  
CYS HXT    H N N 87  
DA  OP3    O N N 88  
DA  P      P N N 89  
DA  OP1    O N N 90  
DA  OP2    O N N 91  
DA  "O5'"  O N N 92  
DA  "C5'"  C N N 93  
DA  "C4'"  C N R 94  
DA  "O4'"  O N N 95  
DA  "C3'"  C N S 96  
DA  "O3'"  O N N 97  
DA  "C2'"  C N N 98  
DA  "C1'"  C N R 99  
DA  N9     N Y N 100 
DA  C8     C Y N 101 
DA  N7     N Y N 102 
DA  C5     C Y N 103 
DA  C6     C Y N 104 
DA  N6     N N N 105 
DA  N1     N Y N 106 
DA  C2     C Y N 107 
DA  N3     N Y N 108 
DA  C4     C Y N 109 
DA  HOP3   H N N 110 
DA  HOP2   H N N 111 
DA  "H5'"  H N N 112 
DA  "H5''" H N N 113 
DA  "H4'"  H N N 114 
DA  "H3'"  H N N 115 
DA  "HO3'" H N N 116 
DA  "H2'"  H N N 117 
DA  "H2''" H N N 118 
DA  "H1'"  H N N 119 
DA  H8     H N N 120 
DA  H61    H N N 121 
DA  H62    H N N 122 
DA  H2     H N N 123 
DC  OP3    O N N 124 
DC  P      P N N 125 
DC  OP1    O N N 126 
DC  OP2    O N N 127 
DC  "O5'"  O N N 128 
DC  "C5'"  C N N 129 
DC  "C4'"  C N R 130 
DC  "O4'"  O N N 131 
DC  "C3'"  C N S 132 
DC  "O3'"  O N N 133 
DC  "C2'"  C N N 134 
DC  "C1'"  C N R 135 
DC  N1     N N N 136 
DC  C2     C N N 137 
DC  O2     O N N 138 
DC  N3     N N N 139 
DC  C4     C N N 140 
DC  N4     N N N 141 
DC  C5     C N N 142 
DC  C6     C N N 143 
DC  HOP3   H N N 144 
DC  HOP2   H N N 145 
DC  "H5'"  H N N 146 
DC  "H5''" H N N 147 
DC  "H4'"  H N N 148 
DC  "H3'"  H N N 149 
DC  "HO3'" H N N 150 
DC  "H2'"  H N N 151 
DC  "H2''" H N N 152 
DC  "H1'"  H N N 153 
DC  H41    H N N 154 
DC  H42    H N N 155 
DC  H5     H N N 156 
DC  H6     H N N 157 
DG  OP3    O N N 158 
DG  P      P N N 159 
DG  OP1    O N N 160 
DG  OP2    O N N 161 
DG  "O5'"  O N N 162 
DG  "C5'"  C N N 163 
DG  "C4'"  C N R 164 
DG  "O4'"  O N N 165 
DG  "C3'"  C N S 166 
DG  "O3'"  O N N 167 
DG  "C2'"  C N N 168 
DG  "C1'"  C N R 169 
DG  N9     N Y N 170 
DG  C8     C Y N 171 
DG  N7     N Y N 172 
DG  C5     C Y N 173 
DG  C6     C N N 174 
DG  O6     O N N 175 
DG  N1     N N N 176 
DG  C2     C N N 177 
DG  N2     N N N 178 
DG  N3     N N N 179 
DG  C4     C Y N 180 
DG  HOP3   H N N 181 
DG  HOP2   H N N 182 
DG  "H5'"  H N N 183 
DG  "H5''" H N N 184 
DG  "H4'"  H N N 185 
DG  "H3'"  H N N 186 
DG  "HO3'" H N N 187 
DG  "H2'"  H N N 188 
DG  "H2''" H N N 189 
DG  "H1'"  H N N 190 
DG  H8     H N N 191 
DG  H1     H N N 192 
DG  H21    H N N 193 
DG  H22    H N N 194 
DT  OP3    O N N 195 
DT  P      P N N 196 
DT  OP1    O N N 197 
DT  OP2    O N N 198 
DT  "O5'"  O N N 199 
DT  "C5'"  C N N 200 
DT  "C4'"  C N R 201 
DT  "O4'"  O N N 202 
DT  "C3'"  C N S 203 
DT  "O3'"  O N N 204 
DT  "C2'"  C N N 205 
DT  "C1'"  C N R 206 
DT  N1     N N N 207 
DT  C2     C N N 208 
DT  O2     O N N 209 
DT  N3     N N N 210 
DT  C4     C N N 211 
DT  O4     O N N 212 
DT  C5     C N N 213 
DT  C7     C N N 214 
DT  C6     C N N 215 
DT  HOP3   H N N 216 
DT  HOP2   H N N 217 
DT  "H5'"  H N N 218 
DT  "H5''" H N N 219 
DT  "H4'"  H N N 220 
DT  "H3'"  H N N 221 
DT  "HO3'" H N N 222 
DT  "H2'"  H N N 223 
DT  "H2''" H N N 224 
DT  "H1'"  H N N 225 
DT  H3     H N N 226 
DT  H71    H N N 227 
DT  H72    H N N 228 
DT  H73    H N N 229 
DT  H6     H N N 230 
GLN N      N N N 231 
GLN CA     C N S 232 
GLN C      C N N 233 
GLN O      O N N 234 
GLN CB     C N N 235 
GLN CG     C N N 236 
GLN CD     C N N 237 
GLN OE1    O N N 238 
GLN NE2    N N N 239 
GLN OXT    O N N 240 
GLN H      H N N 241 
GLN H2     H N N 242 
GLN HA     H N N 243 
GLN HB2    H N N 244 
GLN HB3    H N N 245 
GLN HG2    H N N 246 
GLN HG3    H N N 247 
GLN HE21   H N N 248 
GLN HE22   H N N 249 
GLN HXT    H N N 250 
GLU N      N N N 251 
GLU CA     C N S 252 
GLU C      C N N 253 
GLU O      O N N 254 
GLU CB     C N N 255 
GLU CG     C N N 256 
GLU CD     C N N 257 
GLU OE1    O N N 258 
GLU OE2    O N N 259 
GLU OXT    O N N 260 
GLU H      H N N 261 
GLU H2     H N N 262 
GLU HA     H N N 263 
GLU HB2    H N N 264 
GLU HB3    H N N 265 
GLU HG2    H N N 266 
GLU HG3    H N N 267 
GLU HE2    H N N 268 
GLU HXT    H N N 269 
GLY N      N N N 270 
GLY CA     C N N 271 
GLY C      C N N 272 
GLY O      O N N 273 
GLY OXT    O N N 274 
GLY H      H N N 275 
GLY H2     H N N 276 
GLY HA2    H N N 277 
GLY HA3    H N N 278 
GLY HXT    H N N 279 
HOH O      O N N 280 
HOH H1     H N N 281 
HOH H2     H N N 282 
ILE N      N N N 283 
ILE CA     C N S 284 
ILE C      C N N 285 
ILE O      O N N 286 
ILE CB     C N S 287 
ILE CG1    C N N 288 
ILE CG2    C N N 289 
ILE CD1    C N N 290 
ILE OXT    O N N 291 
ILE H      H N N 292 
ILE H2     H N N 293 
ILE HA     H N N 294 
ILE HB     H N N 295 
ILE HG12   H N N 296 
ILE HG13   H N N 297 
ILE HG21   H N N 298 
ILE HG22   H N N 299 
ILE HG23   H N N 300 
ILE HD11   H N N 301 
ILE HD12   H N N 302 
ILE HD13   H N N 303 
ILE HXT    H N N 304 
LEU N      N N N 305 
LEU CA     C N S 306 
LEU C      C N N 307 
LEU O      O N N 308 
LEU CB     C N N 309 
LEU CG     C N N 310 
LEU CD1    C N N 311 
LEU CD2    C N N 312 
LEU OXT    O N N 313 
LEU H      H N N 314 
LEU H2     H N N 315 
LEU HA     H N N 316 
LEU HB2    H N N 317 
LEU HB3    H N N 318 
LEU HG     H N N 319 
LEU HD11   H N N 320 
LEU HD12   H N N 321 
LEU HD13   H N N 322 
LEU HD21   H N N 323 
LEU HD22   H N N 324 
LEU HD23   H N N 325 
LEU HXT    H N N 326 
LYS N      N N N 327 
LYS CA     C N S 328 
LYS C      C N N 329 
LYS O      O N N 330 
LYS CB     C N N 331 
LYS CG     C N N 332 
LYS CD     C N N 333 
LYS CE     C N N 334 
LYS NZ     N N N 335 
LYS OXT    O N N 336 
LYS H      H N N 337 
LYS H2     H N N 338 
LYS HA     H N N 339 
LYS HB2    H N N 340 
LYS HB3    H N N 341 
LYS HG2    H N N 342 
LYS HG3    H N N 343 
LYS HD2    H N N 344 
LYS HD3    H N N 345 
LYS HE2    H N N 346 
LYS HE3    H N N 347 
LYS HZ1    H N N 348 
LYS HZ2    H N N 349 
LYS HZ3    H N N 350 
LYS HXT    H N N 351 
MET N      N N N 352 
MET CA     C N S 353 
MET C      C N N 354 
MET O      O N N 355 
MET CB     C N N 356 
MET CG     C N N 357 
MET SD     S N N 358 
MET CE     C N N 359 
MET OXT    O N N 360 
MET H      H N N 361 
MET H2     H N N 362 
MET HA     H N N 363 
MET HB2    H N N 364 
MET HB3    H N N 365 
MET HG2    H N N 366 
MET HG3    H N N 367 
MET HE1    H N N 368 
MET HE2    H N N 369 
MET HE3    H N N 370 
MET HXT    H N N 371 
PHE N      N N N 372 
PHE CA     C N S 373 
PHE C      C N N 374 
PHE O      O N N 375 
PHE CB     C N N 376 
PHE CG     C Y N 377 
PHE CD1    C Y N 378 
PHE CD2    C Y N 379 
PHE CE1    C Y N 380 
PHE CE2    C Y N 381 
PHE CZ     C Y N 382 
PHE OXT    O N N 383 
PHE H      H N N 384 
PHE H2     H N N 385 
PHE HA     H N N 386 
PHE HB2    H N N 387 
PHE HB3    H N N 388 
PHE HD1    H N N 389 
PHE HD2    H N N 390 
PHE HE1    H N N 391 
PHE HE2    H N N 392 
PHE HZ     H N N 393 
PHE HXT    H N N 394 
PRO N      N N N 395 
PRO CA     C N S 396 
PRO C      C N N 397 
PRO O      O N N 398 
PRO CB     C N N 399 
PRO CG     C N N 400 
PRO CD     C N N 401 
PRO OXT    O N N 402 
PRO H      H N N 403 
PRO HA     H N N 404 
PRO HB2    H N N 405 
PRO HB3    H N N 406 
PRO HG2    H N N 407 
PRO HG3    H N N 408 
PRO HD2    H N N 409 
PRO HD3    H N N 410 
PRO HXT    H N N 411 
SER N      N N N 412 
SER CA     C N S 413 
SER C      C N N 414 
SER O      O N N 415 
SER CB     C N N 416 
SER OG     O N N 417 
SER OXT    O N N 418 
SER H      H N N 419 
SER H2     H N N 420 
SER HA     H N N 421 
SER HB2    H N N 422 
SER HB3    H N N 423 
SER HG     H N N 424 
SER HXT    H N N 425 
THR N      N N N 426 
THR CA     C N S 427 
THR C      C N N 428 
THR O      O N N 429 
THR CB     C N R 430 
THR OG1    O N N 431 
THR CG2    C N N 432 
THR OXT    O N N 433 
THR H      H N N 434 
THR H2     H N N 435 
THR HA     H N N 436 
THR HB     H N N 437 
THR HG1    H N N 438 
THR HG21   H N N 439 
THR HG22   H N N 440 
THR HG23   H N N 441 
THR HXT    H N N 442 
TRP N      N N N 443 
TRP CA     C N S 444 
TRP C      C N N 445 
TRP O      O N N 446 
TRP CB     C N N 447 
TRP CG     C Y N 448 
TRP CD1    C Y N 449 
TRP CD2    C Y N 450 
TRP NE1    N Y N 451 
TRP CE2    C Y N 452 
TRP CE3    C Y N 453 
TRP CZ2    C Y N 454 
TRP CZ3    C Y N 455 
TRP CH2    C Y N 456 
TRP OXT    O N N 457 
TRP H      H N N 458 
TRP H2     H N N 459 
TRP HA     H N N 460 
TRP HB2    H N N 461 
TRP HB3    H N N 462 
TRP HD1    H N N 463 
TRP HE1    H N N 464 
TRP HE3    H N N 465 
TRP HZ2    H N N 466 
TRP HZ3    H N N 467 
TRP HH2    H N N 468 
TRP HXT    H N N 469 
TYR N      N N N 470 
TYR CA     C N S 471 
TYR C      C N N 472 
TYR O      O N N 473 
TYR CB     C N N 474 
TYR CG     C Y N 475 
TYR CD1    C Y N 476 
TYR CD2    C Y N 477 
TYR CE1    C Y N 478 
TYR CE2    C Y N 479 
TYR CZ     C Y N 480 
TYR OH     O N N 481 
TYR OXT    O N N 482 
TYR H      H N N 483 
TYR H2     H N N 484 
TYR HA     H N N 485 
TYR HB2    H N N 486 
TYR HB3    H N N 487 
TYR HD1    H N N 488 
TYR HD2    H N N 489 
TYR HE1    H N N 490 
TYR HE2    H N N 491 
TYR HH     H N N 492 
TYR HXT    H N N 493 
VAL N      N N N 494 
VAL CA     C N S 495 
VAL C      C N N 496 
VAL O      O N N 497 
VAL CB     C N N 498 
VAL CG1    C N N 499 
VAL CG2    C N N 500 
VAL OXT    O N N 501 
VAL H      H N N 502 
VAL H2     H N N 503 
VAL HA     H N N 504 
VAL HB     H N N 505 
VAL HG11   H N N 506 
VAL HG12   H N N 507 
VAL HG13   H N N 508 
VAL HG21   H N N 509 
VAL HG22   H N N 510 
VAL HG23   H N N 511 
VAL HXT    H N N 512 
# 
loop_
_chem_comp_bond.comp_id 
_chem_comp_bond.atom_id_1 
_chem_comp_bond.atom_id_2 
_chem_comp_bond.value_order 
_chem_comp_bond.pdbx_aromatic_flag 
_chem_comp_bond.pdbx_stereo_config 
_chem_comp_bond.pdbx_ordinal 
ALA N     CA     sing N N 1   
ALA N     H      sing N N 2   
ALA N     H2     sing N N 3   
ALA CA    C      sing N N 4   
ALA CA    CB     sing N N 5   
ALA CA    HA     sing N N 6   
ALA C     O      doub N N 7   
ALA C     OXT    sing N N 8   
ALA CB    HB1    sing N N 9   
ALA CB    HB2    sing N N 10  
ALA CB    HB3    sing N N 11  
ALA OXT   HXT    sing N N 12  
ARG N     CA     sing N N 13  
ARG N     H      sing N N 14  
ARG N     H2     sing N N 15  
ARG CA    C      sing N N 16  
ARG CA    CB     sing N N 17  
ARG CA    HA     sing N N 18  
ARG C     O      doub N N 19  
ARG C     OXT    sing N N 20  
ARG CB    CG     sing N N 21  
ARG CB    HB2    sing N N 22  
ARG CB    HB3    sing N N 23  
ARG CG    CD     sing N N 24  
ARG CG    HG2    sing N N 25  
ARG CG    HG3    sing N N 26  
ARG CD    NE     sing N N 27  
ARG CD    HD2    sing N N 28  
ARG CD    HD3    sing N N 29  
ARG NE    CZ     sing N N 30  
ARG NE    HE     sing N N 31  
ARG CZ    NH1    sing N N 32  
ARG CZ    NH2    doub N N 33  
ARG NH1   HH11   sing N N 34  
ARG NH1   HH12   sing N N 35  
ARG NH2   HH21   sing N N 36  
ARG NH2   HH22   sing N N 37  
ARG OXT   HXT    sing N N 38  
ASN N     CA     sing N N 39  
ASN N     H      sing N N 40  
ASN N     H2     sing N N 41  
ASN CA    C      sing N N 42  
ASN CA    CB     sing N N 43  
ASN CA    HA     sing N N 44  
ASN C     O      doub N N 45  
ASN C     OXT    sing N N 46  
ASN CB    CG     sing N N 47  
ASN CB    HB2    sing N N 48  
ASN CB    HB3    sing N N 49  
ASN CG    OD1    doub N N 50  
ASN CG    ND2    sing N N 51  
ASN ND2   HD21   sing N N 52  
ASN ND2   HD22   sing N N 53  
ASN OXT   HXT    sing N N 54  
ASP N     CA     sing N N 55  
ASP N     H      sing N N 56  
ASP N     H2     sing N N 57  
ASP CA    C      sing N N 58  
ASP CA    CB     sing N N 59  
ASP CA    HA     sing N N 60  
ASP C     O      doub N N 61  
ASP C     OXT    sing N N 62  
ASP CB    CG     sing N N 63  
ASP CB    HB2    sing N N 64  
ASP CB    HB3    sing N N 65  
ASP CG    OD1    doub N N 66  
ASP CG    OD2    sing N N 67  
ASP OD2   HD2    sing N N 68  
ASP OXT   HXT    sing N N 69  
CYS N     CA     sing N N 70  
CYS N     H      sing N N 71  
CYS N     H2     sing N N 72  
CYS CA    C      sing N N 73  
CYS CA    CB     sing N N 74  
CYS CA    HA     sing N N 75  
CYS C     O      doub N N 76  
CYS C     OXT    sing N N 77  
CYS CB    SG     sing N N 78  
CYS CB    HB2    sing N N 79  
CYS CB    HB3    sing N N 80  
CYS SG    HG     sing N N 81  
CYS OXT   HXT    sing N N 82  
DA  OP3   P      sing N N 83  
DA  OP3   HOP3   sing N N 84  
DA  P     OP1    doub N N 85  
DA  P     OP2    sing N N 86  
DA  P     "O5'"  sing N N 87  
DA  OP2   HOP2   sing N N 88  
DA  "O5'" "C5'"  sing N N 89  
DA  "C5'" "C4'"  sing N N 90  
DA  "C5'" "H5'"  sing N N 91  
DA  "C5'" "H5''" sing N N 92  
DA  "C4'" "O4'"  sing N N 93  
DA  "C4'" "C3'"  sing N N 94  
DA  "C4'" "H4'"  sing N N 95  
DA  "O4'" "C1'"  sing N N 96  
DA  "C3'" "O3'"  sing N N 97  
DA  "C3'" "C2'"  sing N N 98  
DA  "C3'" "H3'"  sing N N 99  
DA  "O3'" "HO3'" sing N N 100 
DA  "C2'" "C1'"  sing N N 101 
DA  "C2'" "H2'"  sing N N 102 
DA  "C2'" "H2''" sing N N 103 
DA  "C1'" N9     sing N N 104 
DA  "C1'" "H1'"  sing N N 105 
DA  N9    C8     sing Y N 106 
DA  N9    C4     sing Y N 107 
DA  C8    N7     doub Y N 108 
DA  C8    H8     sing N N 109 
DA  N7    C5     sing Y N 110 
DA  C5    C6     sing Y N 111 
DA  C5    C4     doub Y N 112 
DA  C6    N6     sing N N 113 
DA  C6    N1     doub Y N 114 
DA  N6    H61    sing N N 115 
DA  N6    H62    sing N N 116 
DA  N1    C2     sing Y N 117 
DA  C2    N3     doub Y N 118 
DA  C2    H2     sing N N 119 
DA  N3    C4     sing Y N 120 
DC  OP3   P      sing N N 121 
DC  OP3   HOP3   sing N N 122 
DC  P     OP1    doub N N 123 
DC  P     OP2    sing N N 124 
DC  P     "O5'"  sing N N 125 
DC  OP2   HOP2   sing N N 126 
DC  "O5'" "C5'"  sing N N 127 
DC  "C5'" "C4'"  sing N N 128 
DC  "C5'" "H5'"  sing N N 129 
DC  "C5'" "H5''" sing N N 130 
DC  "C4'" "O4'"  sing N N 131 
DC  "C4'" "C3'"  sing N N 132 
DC  "C4'" "H4'"  sing N N 133 
DC  "O4'" "C1'"  sing N N 134 
DC  "C3'" "O3'"  sing N N 135 
DC  "C3'" "C2'"  sing N N 136 
DC  "C3'" "H3'"  sing N N 137 
DC  "O3'" "HO3'" sing N N 138 
DC  "C2'" "C1'"  sing N N 139 
DC  "C2'" "H2'"  sing N N 140 
DC  "C2'" "H2''" sing N N 141 
DC  "C1'" N1     sing N N 142 
DC  "C1'" "H1'"  sing N N 143 
DC  N1    C2     sing N N 144 
DC  N1    C6     sing N N 145 
DC  C2    O2     doub N N 146 
DC  C2    N3     sing N N 147 
DC  N3    C4     doub N N 148 
DC  C4    N4     sing N N 149 
DC  C4    C5     sing N N 150 
DC  N4    H41    sing N N 151 
DC  N4    H42    sing N N 152 
DC  C5    C6     doub N N 153 
DC  C5    H5     sing N N 154 
DC  C6    H6     sing N N 155 
DG  OP3   P      sing N N 156 
DG  OP3   HOP3   sing N N 157 
DG  P     OP1    doub N N 158 
DG  P     OP2    sing N N 159 
DG  P     "O5'"  sing N N 160 
DG  OP2   HOP2   sing N N 161 
DG  "O5'" "C5'"  sing N N 162 
DG  "C5'" "C4'"  sing N N 163 
DG  "C5'" "H5'"  sing N N 164 
DG  "C5'" "H5''" sing N N 165 
DG  "C4'" "O4'"  sing N N 166 
DG  "C4'" "C3'"  sing N N 167 
DG  "C4'" "H4'"  sing N N 168 
DG  "O4'" "C1'"  sing N N 169 
DG  "C3'" "O3'"  sing N N 170 
DG  "C3'" "C2'"  sing N N 171 
DG  "C3'" "H3'"  sing N N 172 
DG  "O3'" "HO3'" sing N N 173 
DG  "C2'" "C1'"  sing N N 174 
DG  "C2'" "H2'"  sing N N 175 
DG  "C2'" "H2''" sing N N 176 
DG  "C1'" N9     sing N N 177 
DG  "C1'" "H1'"  sing N N 178 
DG  N9    C8     sing Y N 179 
DG  N9    C4     sing Y N 180 
DG  C8    N7     doub Y N 181 
DG  C8    H8     sing N N 182 
DG  N7    C5     sing Y N 183 
DG  C5    C6     sing N N 184 
DG  C5    C4     doub Y N 185 
DG  C6    O6     doub N N 186 
DG  C6    N1     sing N N 187 
DG  N1    C2     sing N N 188 
DG  N1    H1     sing N N 189 
DG  C2    N2     sing N N 190 
DG  C2    N3     doub N N 191 
DG  N2    H21    sing N N 192 
DG  N2    H22    sing N N 193 
DG  N3    C4     sing N N 194 
DT  OP3   P      sing N N 195 
DT  OP3   HOP3   sing N N 196 
DT  P     OP1    doub N N 197 
DT  P     OP2    sing N N 198 
DT  P     "O5'"  sing N N 199 
DT  OP2   HOP2   sing N N 200 
DT  "O5'" "C5'"  sing N N 201 
DT  "C5'" "C4'"  sing N N 202 
DT  "C5'" "H5'"  sing N N 203 
DT  "C5'" "H5''" sing N N 204 
DT  "C4'" "O4'"  sing N N 205 
DT  "C4'" "C3'"  sing N N 206 
DT  "C4'" "H4'"  sing N N 207 
DT  "O4'" "C1'"  sing N N 208 
DT  "C3'" "O3'"  sing N N 209 
DT  "C3'" "C2'"  sing N N 210 
DT  "C3'" "H3'"  sing N N 211 
DT  "O3'" "HO3'" sing N N 212 
DT  "C2'" "C1'"  sing N N 213 
DT  "C2'" "H2'"  sing N N 214 
DT  "C2'" "H2''" sing N N 215 
DT  "C1'" N1     sing N N 216 
DT  "C1'" "H1'"  sing N N 217 
DT  N1    C2     sing N N 218 
DT  N1    C6     sing N N 219 
DT  C2    O2     doub N N 220 
DT  C2    N3     sing N N 221 
DT  N3    C4     sing N N 222 
DT  N3    H3     sing N N 223 
DT  C4    O4     doub N N 224 
DT  C4    C5     sing N N 225 
DT  C5    C7     sing N N 226 
DT  C5    C6     doub N N 227 
DT  C7    H71    sing N N 228 
DT  C7    H72    sing N N 229 
DT  C7    H73    sing N N 230 
DT  C6    H6     sing N N 231 
GLN N     CA     sing N N 232 
GLN N     H      sing N N 233 
GLN N     H2     sing N N 234 
GLN CA    C      sing N N 235 
GLN CA    CB     sing N N 236 
GLN CA    HA     sing N N 237 
GLN C     O      doub N N 238 
GLN C     OXT    sing N N 239 
GLN CB    CG     sing N N 240 
GLN CB    HB2    sing N N 241 
GLN CB    HB3    sing N N 242 
GLN CG    CD     sing N N 243 
GLN CG    HG2    sing N N 244 
GLN CG    HG3    sing N N 245 
GLN CD    OE1    doub N N 246 
GLN CD    NE2    sing N N 247 
GLN NE2   HE21   sing N N 248 
GLN NE2   HE22   sing N N 249 
GLN OXT   HXT    sing N N 250 
GLU N     CA     sing N N 251 
GLU N     H      sing N N 252 
GLU N     H2     sing N N 253 
GLU CA    C      sing N N 254 
GLU CA    CB     sing N N 255 
GLU CA    HA     sing N N 256 
GLU C     O      doub N N 257 
GLU C     OXT    sing N N 258 
GLU CB    CG     sing N N 259 
GLU CB    HB2    sing N N 260 
GLU CB    HB3    sing N N 261 
GLU CG    CD     sing N N 262 
GLU CG    HG2    sing N N 263 
GLU CG    HG3    sing N N 264 
GLU CD    OE1    doub N N 265 
GLU CD    OE2    sing N N 266 
GLU OE2   HE2    sing N N 267 
GLU OXT   HXT    sing N N 268 
GLY N     CA     sing N N 269 
GLY N     H      sing N N 270 
GLY N     H2     sing N N 271 
GLY CA    C      sing N N 272 
GLY CA    HA2    sing N N 273 
GLY CA    HA3    sing N N 274 
GLY C     O      doub N N 275 
GLY C     OXT    sing N N 276 
GLY OXT   HXT    sing N N 277 
HOH O     H1     sing N N 278 
HOH O     H2     sing N N 279 
ILE N     CA     sing N N 280 
ILE N     H      sing N N 281 
ILE N     H2     sing N N 282 
ILE CA    C      sing N N 283 
ILE CA    CB     sing N N 284 
ILE CA    HA     sing N N 285 
ILE C     O      doub N N 286 
ILE C     OXT    sing N N 287 
ILE CB    CG1    sing N N 288 
ILE CB    CG2    sing N N 289 
ILE CB    HB     sing N N 290 
ILE CG1   CD1    sing N N 291 
ILE CG1   HG12   sing N N 292 
ILE CG1   HG13   sing N N 293 
ILE CG2   HG21   sing N N 294 
ILE CG2   HG22   sing N N 295 
ILE CG2   HG23   sing N N 296 
ILE CD1   HD11   sing N N 297 
ILE CD1   HD12   sing N N 298 
ILE CD1   HD13   sing N N 299 
ILE OXT   HXT    sing N N 300 
LEU N     CA     sing N N 301 
LEU N     H      sing N N 302 
LEU N     H2     sing N N 303 
LEU CA    C      sing N N 304 
LEU CA    CB     sing N N 305 
LEU CA    HA     sing N N 306 
LEU C     O      doub N N 307 
LEU C     OXT    sing N N 308 
LEU CB    CG     sing N N 309 
LEU CB    HB2    sing N N 310 
LEU CB    HB3    sing N N 311 
LEU CG    CD1    sing N N 312 
LEU CG    CD2    sing N N 313 
LEU CG    HG     sing N N 314 
LEU CD1   HD11   sing N N 315 
LEU CD1   HD12   sing N N 316 
LEU CD1   HD13   sing N N 317 
LEU CD2   HD21   sing N N 318 
LEU CD2   HD22   sing N N 319 
LEU CD2   HD23   sing N N 320 
LEU OXT   HXT    sing N N 321 
LYS N     CA     sing N N 322 
LYS N     H      sing N N 323 
LYS N     H2     sing N N 324 
LYS CA    C      sing N N 325 
LYS CA    CB     sing N N 326 
LYS CA    HA     sing N N 327 
LYS C     O      doub N N 328 
LYS C     OXT    sing N N 329 
LYS CB    CG     sing N N 330 
LYS CB    HB2    sing N N 331 
LYS CB    HB3    sing N N 332 
LYS CG    CD     sing N N 333 
LYS CG    HG2    sing N N 334 
LYS CG    HG3    sing N N 335 
LYS CD    CE     sing N N 336 
LYS CD    HD2    sing N N 337 
LYS CD    HD3    sing N N 338 
LYS CE    NZ     sing N N 339 
LYS CE    HE2    sing N N 340 
LYS CE    HE3    sing N N 341 
LYS NZ    HZ1    sing N N 342 
LYS NZ    HZ2    sing N N 343 
LYS NZ    HZ3    sing N N 344 
LYS OXT   HXT    sing N N 345 
MET N     CA     sing N N 346 
MET N     H      sing N N 347 
MET N     H2     sing N N 348 
MET CA    C      sing N N 349 
MET CA    CB     sing N N 350 
MET CA    HA     sing N N 351 
MET C     O      doub N N 352 
MET C     OXT    sing N N 353 
MET CB    CG     sing N N 354 
MET CB    HB2    sing N N 355 
MET CB    HB3    sing N N 356 
MET CG    SD     sing N N 357 
MET CG    HG2    sing N N 358 
MET CG    HG3    sing N N 359 
MET SD    CE     sing N N 360 
MET CE    HE1    sing N N 361 
MET CE    HE2    sing N N 362 
MET CE    HE3    sing N N 363 
MET OXT   HXT    sing N N 364 
PHE N     CA     sing N N 365 
PHE N     H      sing N N 366 
PHE N     H2     sing N N 367 
PHE CA    C      sing N N 368 
PHE CA    CB     sing N N 369 
PHE CA    HA     sing N N 370 
PHE C     O      doub N N 371 
PHE C     OXT    sing N N 372 
PHE CB    CG     sing N N 373 
PHE CB    HB2    sing N N 374 
PHE CB    HB3    sing N N 375 
PHE CG    CD1    doub Y N 376 
PHE CG    CD2    sing Y N 377 
PHE CD1   CE1    sing Y N 378 
PHE CD1   HD1    sing N N 379 
PHE CD2   CE2    doub Y N 380 
PHE CD2   HD2    sing N N 381 
PHE CE1   CZ     doub Y N 382 
PHE CE1   HE1    sing N N 383 
PHE CE2   CZ     sing Y N 384 
PHE CE2   HE2    sing N N 385 
PHE CZ    HZ     sing N N 386 
PHE OXT   HXT    sing N N 387 
PRO N     CA     sing N N 388 
PRO N     CD     sing N N 389 
PRO N     H      sing N N 390 
PRO CA    C      sing N N 391 
PRO CA    CB     sing N N 392 
PRO CA    HA     sing N N 393 
PRO C     O      doub N N 394 
PRO C     OXT    sing N N 395 
PRO CB    CG     sing N N 396 
PRO CB    HB2    sing N N 397 
PRO CB    HB3    sing N N 398 
PRO CG    CD     sing N N 399 
PRO CG    HG2    sing N N 400 
PRO CG    HG3    sing N N 401 
PRO CD    HD2    sing N N 402 
PRO CD    HD3    sing N N 403 
PRO OXT   HXT    sing N N 404 
SER N     CA     sing N N 405 
SER N     H      sing N N 406 
SER N     H2     sing N N 407 
SER CA    C      sing N N 408 
SER CA    CB     sing N N 409 
SER CA    HA     sing N N 410 
SER C     O      doub N N 411 
SER C     OXT    sing N N 412 
SER CB    OG     sing N N 413 
SER CB    HB2    sing N N 414 
SER CB    HB3    sing N N 415 
SER OG    HG     sing N N 416 
SER OXT   HXT    sing N N 417 
THR N     CA     sing N N 418 
THR N     H      sing N N 419 
THR N     H2     sing N N 420 
THR CA    C      sing N N 421 
THR CA    CB     sing N N 422 
THR CA    HA     sing N N 423 
THR C     O      doub N N 424 
THR C     OXT    sing N N 425 
THR CB    OG1    sing N N 426 
THR CB    CG2    sing N N 427 
THR CB    HB     sing N N 428 
THR OG1   HG1    sing N N 429 
THR CG2   HG21   sing N N 430 
THR CG2   HG22   sing N N 431 
THR CG2   HG23   sing N N 432 
THR OXT   HXT    sing N N 433 
TRP N     CA     sing N N 434 
TRP N     H      sing N N 435 
TRP N     H2     sing N N 436 
TRP CA    C      sing N N 437 
TRP CA    CB     sing N N 438 
TRP CA    HA     sing N N 439 
TRP C     O      doub N N 440 
TRP C     OXT    sing N N 441 
TRP CB    CG     sing N N 442 
TRP CB    HB2    sing N N 443 
TRP CB    HB3    sing N N 444 
TRP CG    CD1    doub Y N 445 
TRP CG    CD2    sing Y N 446 
TRP CD1   NE1    sing Y N 447 
TRP CD1   HD1    sing N N 448 
TRP CD2   CE2    doub Y N 449 
TRP CD2   CE3    sing Y N 450 
TRP NE1   CE2    sing Y N 451 
TRP NE1   HE1    sing N N 452 
TRP CE2   CZ2    sing Y N 453 
TRP CE3   CZ3    doub Y N 454 
TRP CE3   HE3    sing N N 455 
TRP CZ2   CH2    doub Y N 456 
TRP CZ2   HZ2    sing N N 457 
TRP CZ3   CH2    sing Y N 458 
TRP CZ3   HZ3    sing N N 459 
TRP CH2   HH2    sing N N 460 
TRP OXT   HXT    sing N N 461 
TYR N     CA     sing N N 462 
TYR N     H      sing N N 463 
TYR N     H2     sing N N 464 
TYR CA    C      sing N N 465 
TYR CA    CB     sing N N 466 
TYR CA    HA     sing N N 467 
TYR C     O      doub N N 468 
TYR C     OXT    sing N N 469 
TYR CB    CG     sing N N 470 
TYR CB    HB2    sing N N 471 
TYR CB    HB3    sing N N 472 
TYR CG    CD1    doub Y N 473 
TYR CG    CD2    sing Y N 474 
TYR CD1   CE1    sing Y N 475 
TYR CD1   HD1    sing N N 476 
TYR CD2   CE2    doub Y N 477 
TYR CD2   HD2    sing N N 478 
TYR CE1   CZ     doub Y N 479 
TYR CE1   HE1    sing N N 480 
TYR CE2   CZ     sing Y N 481 
TYR CE2   HE2    sing N N 482 
TYR CZ    OH     sing N N 483 
TYR OH    HH     sing N N 484 
TYR OXT   HXT    sing N N 485 
VAL N     CA     sing N N 486 
VAL N     H      sing N N 487 
VAL N     H2     sing N N 488 
VAL CA    C      sing N N 489 
VAL CA    CB     sing N N 490 
VAL CA    HA     sing N N 491 
VAL C     O      doub N N 492 
VAL C     OXT    sing N N 493 
VAL CB    CG1    sing N N 494 
VAL CB    CG2    sing N N 495 
VAL CB    HB     sing N N 496 
VAL CG1   HG11   sing N N 497 
VAL CG1   HG12   sing N N 498 
VAL CG1   HG13   sing N N 499 
VAL CG2   HG21   sing N N 500 
VAL CG2   HG22   sing N N 501 
VAL CG2   HG23   sing N N 502 
VAL OXT   HXT    sing N N 503 
# 
loop_
_ndb_struct_conf_na.entry_id 
_ndb_struct_conf_na.feature 
4Z59 'double helix'        
4Z59 'b-form double helix' 
# 
loop_
_ndb_struct_na_base_pair.model_number 
_ndb_struct_na_base_pair.i_label_asym_id 
_ndb_struct_na_base_pair.i_label_comp_id 
_ndb_struct_na_base_pair.i_label_seq_id 
_ndb_struct_na_base_pair.i_symmetry 
_ndb_struct_na_base_pair.j_label_asym_id 
_ndb_struct_na_base_pair.j_label_comp_id 
_ndb_struct_na_base_pair.j_label_seq_id 
_ndb_struct_na_base_pair.j_symmetry 
_ndb_struct_na_base_pair.shear 
_ndb_struct_na_base_pair.stretch 
_ndb_struct_na_base_pair.stagger 
_ndb_struct_na_base_pair.buckle 
_ndb_struct_na_base_pair.propeller 
_ndb_struct_na_base_pair.opening 
_ndb_struct_na_base_pair.pair_number 
_ndb_struct_na_base_pair.pair_name 
_ndb_struct_na_base_pair.i_auth_asym_id 
_ndb_struct_na_base_pair.i_auth_seq_id 
_ndb_struct_na_base_pair.i_PDB_ins_code 
_ndb_struct_na_base_pair.j_auth_asym_id 
_ndb_struct_na_base_pair.j_auth_seq_id 
_ndb_struct_na_base_pair.j_PDB_ins_code 
_ndb_struct_na_base_pair.hbond_type_28 
_ndb_struct_na_base_pair.hbond_type_12 
1 B DT 1  1_555 B DA 20 13_455 -0.161 0.002  0.342  -33.364 -5.837  -1.097 1  B_DT1:DA20_B  B 1  ? B 20 ? 20 1 
1 B DT 2  1_555 B DA 19 13_455 -0.071 -0.148 0.150  -14.306 -4.354  3.685  2  B_DT2:DA19_B  B 2  ? B 19 ? 20 1 
1 B DA 3  1_555 B DT 18 13_455 0.189  -0.123 -0.183 1.583   -7.228  6.552  3  B_DA3:DT18_B  B 3  ? B 18 ? 20 1 
1 B DT 4  1_555 B DA 17 13_455 -0.253 -0.217 -0.018 13.466  -12.416 9.290  4  B_DT4:DA17_B  B 4  ? B 17 ? 20 1 
1 B DC 5  1_555 B DG 16 13_455 0.272  -0.365 -0.486 4.276   -11.926 2.541  5  B_DC5:DG16_B  B 5  ? B 16 ? 19 1 
1 B DC 6  1_555 B DG 15 13_455 0.258  -0.423 -0.122 -2.387  -2.271  -4.162 6  B_DC6:DG15_B  B 6  ? B 15 ? 19 1 
1 B DG 7  1_555 B DC 14 13_455 -0.115 -0.248 0.118  9.801   -12.457 0.603  7  B_DG7:DC14_B  B 7  ? B 14 ? 19 1 
1 B DC 8  1_555 B DG 13 13_455 0.394  -0.169 0.142  -6.760  -6.566  2.848  8  B_DC8:DG13_B  B 8  ? B 13 ? 19 1 
1 B DG 9  1_555 B DC 12 13_455 -0.239 -0.098 0.162  5.459   -19.057 2.954  9  B_DG9:DC12_B  B 9  ? B 12 ? 19 1 
1 B DA 10 1_555 B DT 11 13_455 0.101  -0.108 0.025  -5.415  -7.537  0.928  10 B_DA10:DT11_B B 10 ? B 11 ? 20 1 
1 B DT 11 1_555 B DA 10 13_455 -0.101 -0.108 0.025  5.415   -7.537  0.928  11 B_DT11:DA10_B B 11 ? B 10 ? 20 1 
1 B DC 12 1_555 B DG 9  13_455 0.239  -0.098 0.162  -5.459  -19.057 2.954  12 B_DC12:DG9_B  B 12 ? B 9  ? 19 1 
1 B DG 13 1_555 B DC 8  13_455 -0.394 -0.169 0.142  6.760   -6.566  2.848  13 B_DG13:DC8_B  B 13 ? B 8  ? 19 1 
1 B DC 14 1_555 B DG 7  13_455 0.115  -0.248 0.118  -9.801  -12.457 0.603  14 B_DC14:DG7_B  B 14 ? B 7  ? 19 1 
1 B DG 15 1_555 B DC 6  13_455 -0.258 -0.423 -0.122 2.387   -2.271  -4.162 15 B_DG15:DC6_B  B 15 ? B 6  ? 19 1 
1 B DG 16 1_555 B DC 5  13_455 -0.272 -0.365 -0.486 -4.276  -11.926 2.541  16 B_DG16:DC5_B  B 16 ? B 5  ? 19 1 
1 B DA 17 1_555 B DT 4  13_455 0.253  -0.217 -0.018 -13.466 -12.416 9.290  17 B_DA17:DT4_B  B 17 ? B 4  ? 20 1 
1 B DT 18 1_555 B DA 3  13_455 -0.189 -0.123 -0.183 -1.583  -7.228  6.552  18 B_DT18:DA3_B  B 18 ? B 3  ? 20 1 
1 B DA 19 1_555 B DT 2  13_455 0.071  -0.148 0.150  14.306  -4.354  3.685  19 B_DA19:DT2_B  B 19 ? B 2  ? 20 1 
1 B DA 20 1_555 B DT 1  13_455 0.161  0.002  0.342  33.364  -5.837  -1.097 20 B_DA20:DT1_B  B 20 ? B 1  ? 20 1 
# 
loop_
_ndb_struct_na_base_pair_step.model_number 
_ndb_struct_na_base_pair_step.i_label_asym_id_1 
_ndb_struct_na_base_pair_step.i_label_comp_id_1 
_ndb_struct_na_base_pair_step.i_label_seq_id_1 
_ndb_struct_na_base_pair_step.i_symmetry_1 
_ndb_struct_na_base_pair_step.j_label_asym_id_1 
_ndb_struct_na_base_pair_step.j_label_comp_id_1 
_ndb_struct_na_base_pair_step.j_label_seq_id_1 
_ndb_struct_na_base_pair_step.j_symmetry_1 
_ndb_struct_na_base_pair_step.i_label_asym_id_2 
_ndb_struct_na_base_pair_step.i_label_comp_id_2 
_ndb_struct_na_base_pair_step.i_label_seq_id_2 
_ndb_struct_na_base_pair_step.i_symmetry_2 
_ndb_struct_na_base_pair_step.j_label_asym_id_2 
_ndb_struct_na_base_pair_step.j_label_comp_id_2 
_ndb_struct_na_base_pair_step.j_label_seq_id_2 
_ndb_struct_na_base_pair_step.j_symmetry_2 
_ndb_struct_na_base_pair_step.shift 
_ndb_struct_na_base_pair_step.slide 
_ndb_struct_na_base_pair_step.rise 
_ndb_struct_na_base_pair_step.tilt 
_ndb_struct_na_base_pair_step.roll 
_ndb_struct_na_base_pair_step.twist 
_ndb_struct_na_base_pair_step.x_displacement 
_ndb_struct_na_base_pair_step.y_displacement 
_ndb_struct_na_base_pair_step.helical_rise 
_ndb_struct_na_base_pair_step.inclination 
_ndb_struct_na_base_pair_step.tip 
_ndb_struct_na_base_pair_step.helical_twist 
_ndb_struct_na_base_pair_step.step_number 
_ndb_struct_na_base_pair_step.step_name 
_ndb_struct_na_base_pair_step.i_auth_asym_id_1 
_ndb_struct_na_base_pair_step.i_auth_seq_id_1 
_ndb_struct_na_base_pair_step.i_PDB_ins_code_1 
_ndb_struct_na_base_pair_step.j_auth_asym_id_1 
_ndb_struct_na_base_pair_step.j_auth_seq_id_1 
_ndb_struct_na_base_pair_step.j_PDB_ins_code_1 
_ndb_struct_na_base_pair_step.i_auth_asym_id_2 
_ndb_struct_na_base_pair_step.i_auth_seq_id_2 
_ndb_struct_na_base_pair_step.i_PDB_ins_code_2 
_ndb_struct_na_base_pair_step.j_auth_asym_id_2 
_ndb_struct_na_base_pair_step.j_auth_seq_id_2 
_ndb_struct_na_base_pair_step.j_PDB_ins_code_2 
1 B DT 1  1_555 B DA 20 13_455 B DT 2  1_555 B DA 19 13_455 -0.224 0.884  2.972 -1.495 8.086  21.539 -0.511 0.056  3.102 20.689 
3.825  23.038 1  BB_DT1DT2:DA19DA20_BB   B 1  ? B 20 ? B 2  ? B 19 ? 
1 B DT 2  1_555 B DA 19 13_455 B DA 3  1_555 B DT 18 13_455 0.104  1.376  3.110 -1.358 1.262  39.118 1.909  -0.311 3.146 1.883  
2.026  39.161 2  BB_DT2DA3:DT18DA19_BB   B 2  ? B 19 ? B 3  ? B 18 ? 
1 B DA 3  1_555 B DT 18 13_455 B DT 4  1_555 B DA 17 13_455 0.733  -0.849 2.996 -3.847 5.353  27.787 -2.792 -2.256 2.665 10.951 
7.872  28.543 3  BB_DA3DT4:DA17DT18_BB   B 3  ? B 18 ? B 4  ? B 17 ? 
1 B DT 4  1_555 B DA 17 13_455 B DC 5  1_555 B DG 16 13_455 -1.224 -1.065 3.501 0.128  3.848  31.510 -2.690 2.263  3.346 7.052  
-0.234 31.739 4  BB_DT4DC5:DG16DA17_BB   B 4  ? B 17 ? B 5  ? B 16 ? 
1 B DC 5  1_555 B DG 16 13_455 B DC 6  1_555 B DG 15 13_455 -1.124 -0.840 3.621 -2.648 13.264 27.990 -4.300 1.557  3.016 25.615 
5.113  31.028 5  BB_DC5DC6:DG15DG16_BB   B 5  ? B 16 ? B 6  ? B 15 ? 
1 B DC 6  1_555 B DG 15 13_455 B DG 7  1_555 B DC 14 13_455 0.430  -0.193 3.027 0.059  14.653 30.595 -2.497 -0.729 2.663 25.981 
-0.105 33.847 6  BB_DC6DG7:DC14DG15_BB   B 6  ? B 15 ? B 7  ? B 14 ? 
1 B DG 7  1_555 B DC 14 13_455 B DC 8  1_555 B DG 13 13_455 0.387  -0.879 3.638 2.065  0.561  35.836 -1.515 -0.299 3.640 0.911  
-3.352 35.898 7  BB_DG7DC8:DG13DC14_BB   B 7  ? B 14 ? B 8  ? B 13 ? 
1 B DC 8  1_555 B DG 13 13_455 B DG 9  1_555 B DC 12 13_455 -0.097 0.642  3.087 2.782  11.150 30.276 -0.778 0.657  3.104 20.445 
-5.102 32.336 8  BB_DC8DG9:DC12DG13_BB   B 8  ? B 13 ? B 9  ? B 12 ? 
1 B DG 9  1_555 B DC 12 13_455 B DA 10 1_555 B DT 11 13_455 0.348  -0.235 3.485 2.534  -5.464 39.890 0.321  -0.198 3.500 -7.954 
-3.689 40.324 9  BB_DG9DA10:DT11DC12_BB  B 9  ? B 12 ? B 10 ? B 11 ? 
1 B DA 10 1_555 B DT 11 13_455 B DT 11 1_555 B DA 10 13_455 0.000  -0.565 3.024 0.000  2.434  29.235 -1.596 0.000  2.968 4.812  
0.000  29.334 10 BB_DA10DT11:DA10DT11_BB B 10 ? B 11 ? B 11 ? B 10 ? 
1 B DT 11 1_555 B DA 10 13_455 B DC 12 1_555 B DG 9  13_455 -0.348 -0.235 3.485 -2.534 -5.464 39.890 0.321  0.198  3.500 -7.954 
3.689  40.324 11 BB_DT11DC12:DG9DA10_BB  B 11 ? B 10 ? B 12 ? B 9  ? 
1 B DC 12 1_555 B DG 9  13_455 B DG 13 1_555 B DC 8  13_455 0.097  0.642  3.087 -2.782 11.150 30.276 -0.778 -0.657 3.104 20.445 
5.102  32.336 12 BB_DC12DG13:DC8DG9_BB   B 12 ? B 9  ? B 13 ? B 8  ? 
1 B DG 13 1_555 B DC 8  13_455 B DC 14 1_555 B DG 7  13_455 -0.387 -0.879 3.638 -2.065 0.561  35.836 -1.515 0.299  3.640 0.911  
3.351  35.898 13 BB_DG13DC14:DG7DC8_BB   B 13 ? B 8  ? B 14 ? B 7  ? 
1 B DC 14 1_555 B DG 7  13_455 B DG 15 1_555 B DC 6  13_455 -0.430 -0.193 3.027 -0.059 14.653 30.595 -2.497 0.729  2.663 25.981 
0.105  33.847 14 BB_DC14DG15:DC6DG7_BB   B 14 ? B 7  ? B 15 ? B 6  ? 
1 B DG 15 1_555 B DC 6  13_455 B DG 16 1_555 B DC 5  13_455 1.124  -0.840 3.621 2.648  13.264 27.990 -4.300 -1.557 3.016 25.615 
-5.113 31.028 15 BB_DG15DG16:DC5DC6_BB   B 15 ? B 6  ? B 16 ? B 5  ? 
1 B DG 16 1_555 B DC 5  13_455 B DA 17 1_555 B DT 4  13_455 1.224  -1.065 3.501 -0.128 3.848  31.510 -2.690 -2.263 3.346 7.052  
0.234  31.739 16 BB_DG16DA17:DT4DC5_BB   B 16 ? B 5  ? B 17 ? B 4  ? 
1 B DA 17 1_555 B DT 4  13_455 B DT 18 1_555 B DA 3  13_455 -0.733 -0.849 2.996 3.847  5.353  27.787 -2.792 2.256  2.665 10.951 
-7.872 28.543 17 BB_DA17DT18:DA3DT4_BB   B 17 ? B 4  ? B 18 ? B 3  ? 
1 B DT 18 1_555 B DA 3  13_455 B DA 19 1_555 B DT 2  13_455 -0.104 1.376  3.110 1.358  1.262  39.118 1.909  0.311  3.146 1.883  
-2.026 39.161 18 BB_DT18DA19:DT2DA3_BB   B 18 ? B 3  ? B 19 ? B 2  ? 
1 B DA 19 1_555 B DT 2  13_455 B DA 20 1_555 B DT 1  13_455 0.224  0.884  2.972 1.495  8.085  21.539 -0.511 -0.056 3.102 20.689 
-3.824 23.038 19 BB_DA19DA20:DT1DT2_BB   B 19 ? B 2  ? B 20 ? B 1  ? 
# 
_pdbx_entity_nonpoly.entity_id   3 
_pdbx_entity_nonpoly.name        water 
_pdbx_entity_nonpoly.comp_id     HOH 
# 
_pdbx_initial_refinement_model.id               1 
_pdbx_initial_refinement_model.entity_id_list   ? 
_pdbx_initial_refinement_model.type             'experimental model' 
_pdbx_initial_refinement_model.source_name      PDB 
_pdbx_initial_refinement_model.accession_code   4Z52 
_pdbx_initial_refinement_model.details          'PDB entry 4Z52' 
# 
